data_5IKL
#
_entry.id   5IKL
#
_cell.length_a   105.722
_cell.length_b   105.722
_cell.length_c   550.760
_cell.angle_alpha   90.000
_cell.angle_beta   90.000
_cell.angle_gamma   120.000
#
_symmetry.space_group_name_H-M   'P 65 2 2'
#
loop_
_entity.id
_entity.type
_entity.pdbx_description
1 polymer 'Geranyl-CoA carboxylase, beta-subunit'
2 water water
#
_entity_poly.entity_id   1
_entity_poly.type   'polypeptide(L)'
_entity_poly.pdbx_seq_one_letter_code
;PAIQSELDVNGEDFARNREAMLAAVAGFRELEQKVLDKAAEARPKFEKRGQLLPRERLALLLDPGAPFLELSSLAGYKLH
DDKDGTQAGGGIIAGIGYIAGVRCLVSASNSAIKGGTISPTGLKKTLRLQQIAMENKLPVVTLTESGGANLNYAAEIFVE
GARGFANQARISAMGIPQVTVVHGSSTAGGAYQPGLSDYVVVVRGKAKMFLAGPPLLKAATGEIASDEELGGAELHAQVA
GTAEYLAENDADGVRLAREIVGMLPWNAQLPARPARSWREPLYPVEELLGVVPADPKKPYDVREIVARIADGSEFLDFKN
EFDGQTVCGHLRIEGHACGLIGNNGPITPQGAAKAAQFIQLCEQSNTPLLFLHNTTGFMVGTESERQGVIKHGSKMIQAV
ANARVPKLTLVVGGSYGAGNYAMCGRGLDPRFIFAWPNSRTAVMGGAQAGKVLRIVTEEKHAKEGKEADPKMLEMLETVT
AQKLDSQSTALYGTASLWDDGLVDPRDSRRLLGYLLDICAEAEARPLKGNSFGVARF
;
_entity_poly.pdbx_strand_id   B,D,F
#
# COMPACT_ATOMS: atom_id res chain seq x y z
N PRO A 1 2.98 -19.03 28.62
CA PRO A 1 2.92 -17.58 28.42
C PRO A 1 1.79 -16.82 29.17
N ALA A 2 0.74 -17.51 29.61
CA ALA A 2 -0.33 -16.87 30.37
C ALA A 2 0.11 -16.45 31.79
N ILE A 3 -0.35 -15.26 32.19
CA ILE A 3 -0.08 -14.73 33.52
C ILE A 3 -0.93 -15.45 34.59
N GLN A 4 -0.29 -15.81 35.69
CA GLN A 4 -0.97 -16.40 36.84
C GLN A 4 -1.38 -15.26 37.76
N SER A 5 -2.66 -14.99 37.90
CA SER A 5 -3.08 -13.99 38.87
C SER A 5 -2.94 -14.55 40.28
N GLU A 6 -2.62 -13.65 41.22
CA GLU A 6 -2.39 -13.96 42.63
C GLU A 6 -3.49 -13.23 43.42
N LEU A 7 -4.66 -13.13 42.80
CA LEU A 7 -5.66 -12.20 43.23
C LEU A 7 -6.81 -12.97 43.81
N ASP A 8 -7.33 -12.49 44.93
CA ASP A 8 -8.25 -13.24 45.77
C ASP A 8 -9.65 -12.62 45.76
N VAL A 9 -10.52 -13.16 44.91
CA VAL A 9 -11.80 -12.52 44.57
C VAL A 9 -12.84 -12.67 45.68
N ASN A 10 -12.63 -13.60 46.60
CA ASN A 10 -13.42 -13.65 47.84
C ASN A 10 -12.44 -13.43 48.99
N GLY A 11 -11.91 -12.22 49.08
CA GLY A 11 -10.96 -11.85 50.13
C GLY A 11 -11.09 -10.41 50.53
N GLU A 12 -10.42 -10.05 51.61
CA GLU A 12 -10.62 -8.74 52.24
C GLU A 12 -9.90 -7.60 51.49
N ASP A 13 -8.76 -7.92 50.89
CA ASP A 13 -8.04 -6.98 50.02
C ASP A 13 -8.88 -6.61 48.80
N PHE A 14 -9.31 -7.62 48.07
CA PHE A 14 -10.08 -7.38 46.86
C PHE A 14 -11.26 -6.48 47.21
N ALA A 15 -12.17 -6.99 48.04
CA ALA A 15 -13.46 -6.32 48.33
C ALA A 15 -13.30 -4.84 48.72
N ARG A 16 -12.27 -4.53 49.50
CA ARG A 16 -11.98 -3.16 49.87
C ARG A 16 -11.40 -2.34 48.72
N ASN A 17 -10.71 -3.01 47.80
CA ASN A 17 -10.22 -2.36 46.57
C ASN A 17 -11.39 -2.08 45.60
N ARG A 18 -12.23 -3.10 45.41
CA ARG A 18 -13.48 -2.93 44.67
C ARG A 18 -14.27 -1.75 45.23
N GLU A 19 -14.32 -1.68 46.56
CA GLU A 19 -15.09 -0.67 47.31
C GLU A 19 -14.52 0.70 46.99
N ALA A 20 -13.22 0.87 47.19
CA ALA A 20 -12.61 2.17 46.95
C ALA A 20 -12.66 2.65 45.46
N MET A 21 -12.64 1.71 44.51
CA MET A 21 -12.67 2.04 43.09
C MET A 21 -14.09 2.35 42.65
N LEU A 22 -15.03 1.47 42.98
CA LEU A 22 -16.46 1.79 42.79
C LEU A 22 -16.82 3.14 43.43
N ALA A 23 -16.24 3.43 44.58
CA ALA A 23 -16.49 4.74 45.18
C ALA A 23 -16.05 5.82 44.21
N ALA A 24 -14.83 5.68 43.69
CA ALA A 24 -14.26 6.64 42.74
C ALA A 24 -15.06 6.77 41.43
N VAL A 25 -15.52 5.64 40.88
CA VAL A 25 -16.27 5.62 39.62
C VAL A 25 -17.62 6.33 39.74
N ALA A 26 -18.42 5.85 40.68
CA ALA A 26 -19.64 6.53 41.10
C ALA A 26 -19.36 8.01 41.34
N GLY A 27 -18.27 8.31 42.01
CA GLY A 27 -17.90 9.67 42.31
C GLY A 27 -17.85 10.54 41.07
N PHE A 28 -17.21 10.04 40.00
CA PHE A 28 -17.08 10.81 38.76
C PHE A 28 -18.33 10.65 37.87
N ARG A 29 -19.03 9.53 37.97
CA ARG A 29 -20.26 9.36 37.22
C ARG A 29 -21.41 10.17 37.80
N GLU A 30 -21.33 10.50 39.09
CA GLU A 30 -22.24 11.41 39.74
C GLU A 30 -22.09 12.83 39.20
N LEU A 31 -20.84 13.32 39.19
CA LEU A 31 -20.52 14.62 38.59
C LEU A 31 -21.00 14.75 37.15
N GLU A 32 -20.99 13.62 36.43
CA GLU A 32 -21.46 13.60 35.05
C GLU A 32 -22.96 13.81 35.04
N GLN A 33 -23.71 13.02 35.81
CA GLN A 33 -25.17 13.13 35.94
C GLN A 33 -25.57 14.55 36.29
N LYS A 34 -24.79 15.19 37.15
CA LYS A 34 -25.09 16.54 37.56
C LYS A 34 -25.16 17.48 36.32
N VAL A 35 -24.23 17.36 35.39
CA VAL A 35 -24.26 18.19 34.17
C VAL A 35 -25.50 17.85 33.31
N LEU A 36 -25.80 16.57 33.21
CA LEU A 36 -27.02 16.11 32.55
C LEU A 36 -28.32 16.69 33.14
N ASP A 37 -28.45 16.72 34.47
CA ASP A 37 -29.61 17.31 35.12
C ASP A 37 -29.67 18.78 34.77
N LYS A 38 -28.52 19.46 34.84
CA LYS A 38 -28.50 20.89 34.57
C LYS A 38 -28.98 21.28 33.15
N ALA A 39 -28.90 20.34 32.22
CA ALA A 39 -29.34 20.55 30.85
C ALA A 39 -30.79 20.08 30.61
N ALA A 40 -31.40 19.41 31.59
CA ALA A 40 -32.86 19.22 31.55
C ALA A 40 -33.63 20.46 32.01
N GLU A 41 -32.97 21.43 32.65
CA GLU A 41 -33.61 22.72 33.02
C GLU A 41 -34.05 23.45 31.75
N ALA A 42 -33.20 23.39 30.74
CA ALA A 42 -33.43 24.11 29.50
C ALA A 42 -34.43 23.39 28.60
N ARG A 43 -34.75 22.13 28.88
CA ARG A 43 -35.66 21.34 28.03
C ARG A 43 -36.93 22.10 27.57
N PRO A 44 -37.83 22.50 28.51
CA PRO A 44 -39.02 23.25 28.09
C PRO A 44 -38.70 24.51 27.29
N LYS A 45 -37.67 25.26 27.71
CA LYS A 45 -37.19 26.47 26.99
C LYS A 45 -36.62 26.15 25.58
N PHE A 46 -36.08 24.95 25.42
CA PHE A 46 -35.79 24.43 24.09
C PHE A 46 -37.07 24.02 23.39
N GLU A 47 -37.95 23.31 24.09
CA GLU A 47 -39.18 22.80 23.48
C GLU A 47 -40.19 23.90 23.09
N LYS A 48 -40.20 25.00 23.83
CA LYS A 48 -40.90 26.22 23.41
C LYS A 48 -40.49 26.58 22.00
N ARG A 49 -39.19 26.47 21.72
CA ARG A 49 -38.59 26.91 20.46
C ARG A 49 -38.63 25.86 19.34
N GLY A 50 -39.29 24.74 19.56
CA GLY A 50 -39.27 23.62 18.61
C GLY A 50 -37.88 23.06 18.32
N GLN A 51 -37.01 23.09 19.34
CA GLN A 51 -35.60 22.70 19.21
C GLN A 51 -35.35 21.45 20.00
N LEU A 52 -34.52 20.55 19.44
CA LEU A 52 -34.00 19.38 20.18
C LEU A 52 -32.86 19.83 21.09
N LEU A 53 -32.68 19.17 22.22
CA LEU A 53 -31.50 19.40 23.06
C LEU A 53 -30.23 18.92 22.35
N PRO A 54 -29.07 19.44 22.74
CA PRO A 54 -27.85 18.94 22.12
C PRO A 54 -27.72 17.41 22.01
N ARG A 55 -27.99 16.68 23.08
CA ARG A 55 -27.77 15.23 23.11
C ARG A 55 -28.89 14.48 22.42
N GLU A 56 -29.97 15.20 22.13
CA GLU A 56 -31.03 14.62 21.31
C GLU A 56 -30.62 14.68 19.85
N ARG A 57 -29.98 15.79 19.48
CA ARG A 57 -29.40 15.90 18.16
C ARG A 57 -28.34 14.79 17.90
N LEU A 58 -27.40 14.61 18.84
CA LEU A 58 -26.37 13.55 18.69
C LEU A 58 -26.96 12.13 18.58
N ALA A 59 -27.97 11.88 19.40
CA ALA A 59 -28.71 10.63 19.36
C ALA A 59 -29.31 10.36 17.99
N LEU A 60 -29.78 11.40 17.32
CA LEU A 60 -30.30 11.28 15.95
C LEU A 60 -29.18 11.27 14.90
N LEU A 61 -28.09 11.98 15.19
CA LEU A 61 -26.91 11.99 14.31
C LEU A 61 -26.24 10.64 14.22
N LEU A 62 -26.07 9.98 15.38
CA LEU A 62 -25.22 8.81 15.47
C LEU A 62 -25.93 7.54 15.09
N ASP A 63 -25.20 6.55 14.59
CA ASP A 63 -25.82 5.29 14.17
C ASP A 63 -26.19 4.54 15.43
N PRO A 64 -27.46 4.05 15.53
CA PRO A 64 -27.87 3.41 16.77
C PRO A 64 -27.15 2.09 17.04
N GLY A 65 -26.79 1.89 18.30
CA GLY A 65 -26.06 0.73 18.71
C GLY A 65 -24.61 0.77 18.28
N ALA A 66 -24.14 1.92 17.82
CA ALA A 66 -22.76 2.02 17.38
C ALA A 66 -21.98 2.53 18.56
N PRO A 67 -20.73 2.03 18.74
CA PRO A 67 -19.85 2.51 19.80
C PRO A 67 -19.59 3.99 19.70
N PHE A 68 -19.79 4.68 20.80
CA PHE A 68 -19.46 6.11 20.95
C PHE A 68 -18.50 6.35 22.11
N LEU A 69 -17.34 6.94 21.86
CA LEU A 69 -16.41 7.27 22.93
C LEU A 69 -16.41 8.74 23.15
N GLU A 70 -16.82 9.17 24.35
CA GLU A 70 -16.97 10.59 24.67
C GLU A 70 -15.67 11.02 25.27
N LEU A 71 -15.28 12.29 25.04
CA LEU A 71 -13.99 12.82 25.39
C LEU A 71 -14.08 14.07 26.23
N SER A 72 -13.28 14.10 27.29
CA SER A 72 -13.17 15.24 28.16
C SER A 72 -14.52 15.79 28.65
N SER A 73 -15.39 14.86 29.01
CA SER A 73 -16.73 15.14 29.49
C SER A 73 -16.78 16.03 30.74
N LEU A 74 -15.67 16.17 31.45
CA LEU A 74 -15.59 17.03 32.63
C LEU A 74 -14.59 18.13 32.49
N ALA A 75 -14.09 18.35 31.29
CA ALA A 75 -13.04 19.36 31.14
C ALA A 75 -13.48 20.64 31.81
N GLY A 76 -12.57 21.34 32.45
CA GLY A 76 -12.84 22.69 32.99
C GLY A 76 -13.71 22.76 34.25
N TYR A 77 -14.04 21.61 34.84
CA TYR A 77 -14.95 21.50 35.97
C TYR A 77 -15.21 22.80 36.76
N LYS A 78 -14.32 23.17 37.68
CA LYS A 78 -14.63 24.30 38.56
C LYS A 78 -13.67 25.42 38.33
N LEU A 79 -13.29 25.62 37.07
CA LEU A 79 -12.20 26.55 36.76
C LEU A 79 -12.69 27.97 36.37
N HIS A 80 -14.01 28.17 36.36
CA HIS A 80 -14.60 29.49 36.08
C HIS A 80 -16.02 29.60 36.67
N ALA A 88 -18.58 22.89 32.51
CA ALA A 88 -18.03 21.57 32.77
C ALA A 88 -18.32 20.64 31.57
N GLY A 89 -17.25 20.25 30.89
CA GLY A 89 -17.33 19.67 29.57
C GLY A 89 -16.81 20.70 28.60
N GLY A 90 -16.49 21.90 29.10
CA GLY A 90 -15.98 23.02 28.29
C GLY A 90 -17.01 23.76 27.42
N GLY A 91 -18.25 23.29 27.44
CA GLY A 91 -19.30 23.79 26.57
C GLY A 91 -19.53 22.94 25.32
N ILE A 92 -18.90 21.76 25.28
CA ILE A 92 -18.91 20.93 24.11
C ILE A 92 -19.21 19.52 24.50
N ILE A 93 -20.02 18.83 23.72
CA ILE A 93 -20.14 17.39 23.87
C ILE A 93 -19.51 16.82 22.63
N ALA A 94 -18.38 16.12 22.80
CA ALA A 94 -17.68 15.49 21.65
C ALA A 94 -17.18 14.09 21.92
N GLY A 95 -16.96 13.36 20.83
CA GLY A 95 -16.58 11.97 20.94
C GLY A 95 -16.31 11.35 19.59
N ILE A 96 -16.00 10.06 19.58
CA ILE A 96 -15.68 9.37 18.36
C ILE A 96 -16.65 8.25 18.19
N GLY A 97 -17.48 8.37 17.15
CA GLY A 97 -18.45 7.35 16.83
C GLY A 97 -18.78 7.36 15.36
N TYR A 98 -19.81 6.59 15.01
CA TYR A 98 -20.22 6.34 13.64
C TYR A 98 -21.39 7.21 13.19
N ILE A 99 -21.39 7.60 11.93
CA ILE A 99 -22.47 8.44 11.39
C ILE A 99 -23.17 7.84 10.19
N ALA A 100 -22.46 7.23 9.28
CA ALA A 100 -23.21 6.40 8.34
C ALA A 100 -22.27 5.30 7.98
N GLY A 101 -21.85 4.58 9.03
CA GLY A 101 -20.72 3.65 8.94
C GLY A 101 -19.34 4.31 8.86
N VAL A 102 -19.28 5.61 9.06
CA VAL A 102 -18.02 6.30 8.94
C VAL A 102 -17.67 6.76 10.32
N ARG A 103 -16.49 6.34 10.81
CA ARG A 103 -16.03 6.76 12.11
C ARG A 103 -15.63 8.22 12.01
N CYS A 104 -16.22 9.05 12.88
CA CYS A 104 -16.01 10.51 12.85
C CYS A 104 -15.79 11.06 14.20
N LEU A 105 -15.19 12.25 14.21
CA LEU A 105 -15.11 13.08 15.39
C LEU A 105 -16.35 13.98 15.49
N VAL A 106 -17.23 13.65 16.43
CA VAL A 106 -18.54 14.25 16.54
C VAL A 106 -18.54 15.23 17.68
N SER A 107 -19.06 16.42 17.41
CA SER A 107 -19.07 17.50 18.35
C SER A 107 -20.48 18.13 18.36
N ALA A 108 -20.80 18.82 19.47
CA ALA A 108 -22.09 19.58 19.64
C ALA A 108 -21.95 20.62 20.71
N SER A 109 -22.25 21.86 20.34
CA SER A 109 -22.27 22.93 21.32
C SER A 109 -23.26 22.52 22.38
N ASN A 110 -22.81 22.48 23.63
CA ASN A 110 -23.73 22.22 24.75
C ASN A 110 -24.52 23.51 25.05
N SER A 111 -25.53 23.72 24.20
CA SER A 111 -26.45 24.83 24.25
C SER A 111 -27.32 24.82 25.49
N ALA A 112 -27.64 23.61 25.98
CA ALA A 112 -28.53 23.43 27.11
C ALA A 112 -28.03 24.03 28.43
N ILE A 113 -26.75 24.36 28.52
CA ILE A 113 -26.19 25.00 29.71
C ILE A 113 -25.44 26.27 29.30
N LYS A 114 -25.70 27.36 30.02
CA LYS A 114 -25.17 28.68 29.73
C LYS A 114 -25.24 29.04 28.23
N GLY A 115 -26.37 28.74 27.58
CA GLY A 115 -26.53 28.87 26.12
C GLY A 115 -25.27 28.62 25.29
N GLY A 116 -24.58 27.52 25.55
CA GLY A 116 -23.27 27.29 24.97
C GLY A 116 -22.21 27.86 25.89
N THR A 117 -21.72 29.05 25.57
CA THR A 117 -20.55 29.65 26.23
C THR A 117 -19.32 28.73 26.17
N ILE A 118 -18.19 29.30 25.79
CA ILE A 118 -16.96 28.53 25.66
C ILE A 118 -15.84 29.08 26.56
N SER A 119 -15.51 28.27 27.57
CA SER A 119 -14.45 28.58 28.52
C SER A 119 -13.06 28.45 27.90
N PRO A 120 -12.04 29.01 28.55
CA PRO A 120 -10.68 28.74 28.14
C PRO A 120 -10.35 27.24 28.05
N THR A 121 -10.99 26.39 28.84
CA THR A 121 -10.74 24.96 28.69
C THR A 121 -11.54 24.45 27.49
N GLY A 122 -12.63 25.15 27.16
CA GLY A 122 -13.26 25.08 25.85
C GLY A 122 -12.30 25.35 24.68
N LEU A 123 -11.46 26.39 24.73
CA LEU A 123 -10.46 26.50 23.69
C LEU A 123 -9.63 25.22 23.67
N LYS A 124 -9.11 24.82 24.82
CA LYS A 124 -8.18 23.73 24.89
C LYS A 124 -8.78 22.45 24.42
N LYS A 125 -10.04 22.21 24.75
CA LYS A 125 -10.71 21.01 24.33
C LYS A 125 -10.90 21.01 22.80
N THR A 126 -11.23 22.16 22.24
CA THR A 126 -11.45 22.24 20.83
C THR A 126 -10.08 21.97 20.19
N LEU A 127 -9.02 22.62 20.66
CA LEU A 127 -7.69 22.36 20.06
C LEU A 127 -7.37 20.89 20.09
N ARG A 128 -7.72 20.26 21.18
CA ARG A 128 -7.38 18.89 21.38
C ARG A 128 -8.18 17.97 20.49
N LEU A 129 -9.45 18.30 20.26
CA LEU A 129 -10.29 17.42 19.43
C LEU A 129 -9.87 17.54 17.98
N GLN A 130 -9.45 18.75 17.59
CA GLN A 130 -8.87 19.01 16.29
C GLN A 130 -7.58 18.16 16.06
N GLN A 131 -6.68 18.09 17.05
CA GLN A 131 -5.51 17.21 17.00
C GLN A 131 -5.87 15.73 16.85
N ILE A 132 -6.89 15.27 17.54
CA ILE A 132 -7.35 13.91 17.37
C ILE A 132 -7.89 13.68 15.95
N ALA A 133 -8.58 14.70 15.39
CA ALA A 133 -9.17 14.59 14.05
C ALA A 133 -8.05 14.48 13.01
N MET A 134 -7.03 15.32 13.17
CA MET A 134 -5.90 15.36 12.28
C MET A 134 -5.06 14.06 12.32
N GLU A 135 -4.68 13.64 13.50
CA GLU A 135 -3.77 12.52 13.66
C GLU A 135 -4.45 11.22 13.31
N ASN A 136 -5.73 11.10 13.56
CA ASN A 136 -6.42 9.88 13.24
C ASN A 136 -7.31 9.95 11.98
N LYS A 137 -7.22 11.05 11.26
CA LYS A 137 -7.90 11.20 9.97
C LYS A 137 -9.37 10.83 10.12
N LEU A 138 -10.04 11.56 11.00
CA LEU A 138 -11.51 11.42 11.24
C LEU A 138 -12.28 12.61 10.64
N PRO A 139 -13.25 12.36 9.77
CA PRO A 139 -14.14 13.48 9.44
C PRO A 139 -14.77 14.12 10.71
N VAL A 140 -14.85 15.45 10.71
CA VAL A 140 -15.30 16.23 11.84
C VAL A 140 -16.75 16.73 11.63
N VAL A 141 -17.67 16.21 12.42
CA VAL A 141 -19.06 16.62 12.33
C VAL A 141 -19.44 17.44 13.56
N THR A 142 -19.82 18.67 13.32
CA THR A 142 -20.19 19.56 14.39
C THR A 142 -21.65 20.03 14.30
N LEU A 143 -22.40 19.86 15.39
CA LEU A 143 -23.75 20.44 15.57
C LEU A 143 -23.59 21.67 16.42
N THR A 144 -23.45 22.81 15.75
CA THR A 144 -23.13 24.09 16.37
C THR A 144 -24.37 24.90 16.78
N GLU A 145 -24.36 25.41 18.02
CA GLU A 145 -25.32 26.40 18.57
C GLU A 145 -24.73 26.97 19.86
N SER A 146 -24.00 28.07 19.73
CA SER A 146 -23.14 28.50 20.78
C SER A 146 -23.46 29.93 21.13
N GLY A 147 -23.09 30.32 22.34
CA GLY A 147 -23.10 31.70 22.80
C GLY A 147 -21.82 32.48 22.51
N GLY A 148 -20.73 31.75 22.22
CA GLY A 148 -19.40 32.36 22.12
C GLY A 148 -18.65 32.21 23.43
N ALA A 149 -17.42 32.71 23.46
CA ALA A 149 -16.60 32.60 24.66
C ALA A 149 -17.06 33.56 25.77
N ASN A 150 -16.89 33.12 27.01
CA ASN A 150 -17.12 33.94 28.21
C ASN A 150 -16.41 35.27 28.05
N LEU A 151 -17.13 36.39 28.24
CA LEU A 151 -16.51 37.72 28.12
C LEU A 151 -15.42 37.93 29.17
N ASN A 152 -15.59 37.31 30.34
CA ASN A 152 -14.57 37.34 31.39
C ASN A 152 -13.20 36.93 30.88
N TYR A 153 -13.16 36.01 29.92
CA TYR A 153 -11.92 35.45 29.44
C TYR A 153 -11.62 35.72 27.96
N ALA A 154 -11.75 36.98 27.55
CA ALA A 154 -11.20 37.46 26.27
C ALA A 154 -9.68 37.17 26.23
N ALA A 155 -8.94 37.91 27.05
CA ALA A 155 -7.48 37.86 27.04
C ALA A 155 -6.91 36.46 27.07
N GLU A 156 -7.37 35.64 28.01
CA GLU A 156 -6.85 34.27 28.09
C GLU A 156 -7.46 33.39 27.00
N ILE A 157 -7.64 33.92 25.80
CA ILE A 157 -8.37 33.18 24.76
C ILE A 157 -8.20 33.75 23.37
N PHE A 158 -8.36 35.04 23.25
CA PHE A 158 -8.62 35.68 21.97
C PHE A 158 -7.55 35.32 20.94
N VAL A 159 -6.34 35.80 21.20
CA VAL A 159 -5.23 35.57 20.28
C VAL A 159 -4.98 34.08 20.04
N GLU A 160 -4.91 33.34 21.14
CA GLU A 160 -4.70 31.91 21.07
C GLU A 160 -5.90 31.21 20.45
N GLY A 161 -7.04 31.85 20.39
CA GLY A 161 -8.25 31.22 19.80
C GLY A 161 -8.25 31.24 18.29
N ALA A 162 -7.41 32.07 17.68
CA ALA A 162 -7.14 31.96 16.25
C ALA A 162 -6.68 30.52 15.83
N ARG A 163 -5.95 29.82 16.72
CA ARG A 163 -5.44 28.46 16.43
C ARG A 163 -6.51 27.49 16.05
N GLY A 164 -7.68 27.60 16.65
CA GLY A 164 -8.78 26.77 16.23
C GLY A 164 -9.12 26.98 14.75
N PHE A 165 -9.02 28.21 14.28
CA PHE A 165 -9.41 28.53 12.91
C PHE A 165 -8.33 28.05 11.94
N ALA A 166 -7.10 28.45 12.25
CA ALA A 166 -5.88 27.89 11.64
C ALA A 166 -5.95 26.36 11.49
N ASN A 167 -6.28 25.66 12.55
CA ASN A 167 -6.43 24.23 12.40
C ASN A 167 -7.51 23.83 11.41
N GLN A 168 -8.62 24.56 11.35
CA GLN A 168 -9.74 24.13 10.51
C GLN A 168 -9.36 24.33 9.05
N ALA A 169 -8.57 25.38 8.81
CA ALA A 169 -8.06 25.66 7.47
C ALA A 169 -7.06 24.56 7.04
N ARG A 170 -6.26 24.07 7.99
CA ARG A 170 -5.28 23.03 7.71
C ARG A 170 -5.93 21.66 7.53
N ILE A 171 -6.93 21.35 8.34
CA ILE A 171 -7.66 20.06 8.22
C ILE A 171 -8.25 19.87 6.80
N SER A 172 -8.67 20.99 6.22
CA SER A 172 -9.39 21.00 4.96
C SER A 172 -8.38 20.70 3.83
N ALA A 173 -7.21 21.36 3.90
CA ALA A 173 -6.06 21.09 3.03
C ALA A 173 -5.48 19.70 3.16
N MET A 174 -5.62 19.11 4.33
CA MET A 174 -5.16 17.78 4.57
C MET A 174 -6.07 16.81 3.89
N GLY A 175 -7.32 17.21 3.64
CA GLY A 175 -8.32 16.34 2.99
C GLY A 175 -9.24 15.65 3.97
N ILE A 176 -9.41 16.26 5.13
CA ILE A 176 -10.29 15.67 6.15
C ILE A 176 -11.54 16.51 6.19
N PRO A 177 -12.66 15.97 5.74
CA PRO A 177 -13.88 16.82 5.57
C PRO A 177 -14.53 17.31 6.88
N GLN A 178 -14.93 18.56 6.87
CA GLN A 178 -15.63 19.18 7.99
C GLN A 178 -17.08 19.45 7.56
N VAL A 179 -18.03 18.86 8.31
CA VAL A 179 -19.47 19.07 8.14
C VAL A 179 -20.03 19.74 9.41
N THR A 180 -20.66 20.90 9.23
CA THR A 180 -21.24 21.61 10.36
C THR A 180 -22.69 21.93 10.11
N VAL A 181 -23.57 21.40 10.98
CA VAL A 181 -24.96 21.89 11.11
C VAL A 181 -25.08 23.08 12.05
N VAL A 182 -25.39 24.26 11.52
CA VAL A 182 -25.63 25.42 12.37
C VAL A 182 -27.06 25.44 12.88
N HIS A 183 -27.30 24.89 14.08
CA HIS A 183 -28.63 24.89 14.69
C HIS A 183 -29.05 26.26 15.26
N GLY A 184 -28.13 27.19 15.40
CA GLY A 184 -28.44 28.41 16.13
C GLY A 184 -27.51 29.58 15.87
N SER A 185 -27.10 30.20 16.94
CA SER A 185 -26.25 31.34 16.89
C SER A 185 -24.80 30.88 16.65
N SER A 186 -24.11 31.68 15.84
CA SER A 186 -22.74 31.45 15.48
C SER A 186 -22.26 32.83 15.16
N THR A 187 -21.82 33.55 16.17
CA THR A 187 -21.76 35.00 16.10
C THR A 187 -20.34 35.50 16.24
N ALA A 188 -20.08 36.67 15.70
CA ALA A 188 -18.75 37.26 15.77
C ALA A 188 -17.65 36.30 15.25
N GLY A 189 -16.46 36.41 15.83
CA GLY A 189 -15.37 35.44 15.67
C GLY A 189 -15.81 34.03 15.37
N GLY A 190 -16.73 33.46 16.14
CA GLY A 190 -17.21 32.08 15.93
C GLY A 190 -18.08 31.81 14.71
N ALA A 191 -18.39 32.84 13.93
CA ALA A 191 -19.00 32.63 12.60
C ALA A 191 -17.98 32.00 11.57
N TYR A 192 -16.69 32.28 11.76
CA TYR A 192 -15.68 31.54 11.02
C TYR A 192 -15.59 30.01 11.26
N GLN A 193 -16.19 29.48 12.31
CA GLN A 193 -16.20 28.05 12.52
C GLN A 193 -17.05 27.31 11.46
N PRO A 194 -18.27 27.77 11.20
CA PRO A 194 -18.94 27.24 10.00
C PRO A 194 -18.30 27.72 8.70
N GLY A 195 -17.78 28.95 8.69
CA GLY A 195 -17.13 29.50 7.49
C GLY A 195 -15.89 28.75 7.01
N LEU A 196 -15.29 27.95 7.88
CA LEU A 196 -14.06 27.24 7.60
C LEU A 196 -14.34 25.75 7.58
N SER A 197 -15.61 25.40 7.63
CA SER A 197 -16.06 24.05 7.36
C SER A 197 -16.33 23.89 5.86
N ASP A 198 -16.31 22.64 5.40
CA ASP A 198 -16.42 22.32 4.01
C ASP A 198 -17.87 22.26 3.60
N TYR A 199 -18.67 21.57 4.41
CA TYR A 199 -20.10 21.41 4.22
C TYR A 199 -20.89 22.10 5.38
N VAL A 200 -21.65 23.13 5.07
CA VAL A 200 -22.46 23.79 6.09
C VAL A 200 -23.96 23.64 5.88
N VAL A 201 -24.63 23.13 6.90
CA VAL A 201 -26.09 23.05 6.97
C VAL A 201 -26.57 24.15 7.92
N VAL A 202 -27.65 24.80 7.53
CA VAL A 202 -28.12 26.00 8.22
C VAL A 202 -29.61 25.71 8.47
N VAL A 203 -30.08 25.93 9.69
CA VAL A 203 -31.48 25.60 10.04
C VAL A 203 -32.38 26.83 9.86
N ARG A 204 -33.42 26.68 9.02
CA ARG A 204 -34.38 27.76 8.68
C ARG A 204 -34.96 28.40 9.97
N GLY A 205 -34.72 29.70 10.16
CA GLY A 205 -35.32 30.49 11.23
C GLY A 205 -34.63 30.35 12.57
N LYS A 206 -34.20 29.13 12.88
CA LYS A 206 -33.43 28.86 14.08
C LYS A 206 -31.96 28.76 13.72
N ALA A 207 -31.33 29.87 13.33
CA ALA A 207 -29.92 29.87 12.94
C ALA A 207 -29.55 31.23 12.47
N LYS A 208 -28.36 31.67 12.85
CA LYS A 208 -27.91 32.99 12.49
C LYS A 208 -26.42 33.12 12.63
N MET A 209 -25.76 33.59 11.57
CA MET A 209 -24.34 33.82 11.57
C MET A 209 -24.08 35.23 11.16
N PHE A 210 -23.35 35.93 12.00
CA PHE A 210 -22.88 37.26 11.63
C PHE A 210 -21.78 37.66 12.58
N LEU A 211 -21.00 38.64 12.16
CA LEU A 211 -19.89 39.15 12.90
C LEU A 211 -20.34 40.13 13.99
N ALA A 212 -21.23 41.06 13.61
CA ALA A 212 -21.89 41.93 14.58
C ALA A 212 -23.38 41.74 14.45
N GLY A 213 -24.01 41.39 15.57
CA GLY A 213 -25.47 41.32 15.66
C GLY A 213 -26.10 42.70 15.69
N PRO A 214 -27.45 42.75 15.59
CA PRO A 214 -28.22 43.99 15.55
C PRO A 214 -27.77 45.03 16.60
N PRO A 215 -27.62 44.62 17.88
CA PRO A 215 -27.19 45.59 18.92
C PRO A 215 -25.70 45.91 18.96
N GLY A 222 -24.37 52.58 12.70
CA GLY A 222 -25.71 52.50 13.29
C GLY A 222 -26.79 52.14 12.29
N GLU A 223 -27.03 50.84 12.13
CA GLU A 223 -28.01 50.34 11.14
C GLU A 223 -28.96 49.40 11.86
N ILE A 224 -30.22 49.43 11.45
CA ILE A 224 -31.28 48.69 12.13
C ILE A 224 -31.67 47.49 11.27
N ALA A 225 -31.55 46.27 11.81
CA ALA A 225 -31.86 45.06 11.03
C ALA A 225 -32.36 43.90 11.85
N SER A 226 -33.30 43.17 11.27
CA SER A 226 -33.74 41.88 11.80
C SER A 226 -32.52 40.99 11.87
N ASP A 227 -32.56 39.97 12.72
CA ASP A 227 -31.42 39.06 12.83
C ASP A 227 -31.40 38.14 11.57
N GLU A 228 -32.56 37.61 11.20
CA GLU A 228 -32.73 36.80 9.99
C GLU A 228 -32.26 37.49 8.71
N GLU A 229 -32.36 38.82 8.67
CA GLU A 229 -32.00 39.59 7.49
C GLU A 229 -30.54 40.01 7.51
N LEU A 230 -29.90 39.94 8.68
CA LEU A 230 -28.48 40.27 8.85
C LEU A 230 -27.61 39.05 8.67
N GLY A 231 -28.16 37.88 8.97
CA GLY A 231 -27.40 36.65 8.89
C GLY A 231 -28.21 35.44 9.30
N GLY A 232 -29.44 35.34 8.82
CA GLY A 232 -30.27 34.18 9.10
C GLY A 232 -30.01 33.09 8.10
N ALA A 233 -30.66 31.96 8.27
CA ALA A 233 -30.40 30.77 7.45
C ALA A 233 -30.61 31.03 5.96
N GLU A 234 -31.84 31.41 5.61
CA GLU A 234 -32.22 31.65 4.21
C GLU A 234 -31.29 32.65 3.57
N LEU A 235 -30.91 33.68 4.32
CA LEU A 235 -29.94 34.64 3.82
C LEU A 235 -28.66 33.93 3.33
N HIS A 236 -28.11 33.04 4.16
CA HIS A 236 -26.89 32.33 3.82
C HIS A 236 -27.04 31.28 2.72
N ALA A 237 -28.12 30.52 2.78
CA ALA A 237 -28.31 29.42 1.85
C ALA A 237 -28.61 29.89 0.44
N GLN A 238 -28.96 31.16 0.27
CA GLN A 238 -29.47 31.59 -1.03
C GLN A 238 -28.91 32.90 -1.47
N VAL A 239 -28.70 33.84 -0.57
CA VAL A 239 -28.05 35.08 -0.98
C VAL A 239 -26.52 34.96 -1.01
N ALA A 240 -25.87 35.01 0.15
CA ALA A 240 -24.39 35.01 0.21
C ALA A 240 -23.71 33.66 -0.17
N GLY A 241 -24.44 32.55 -0.10
CA GLY A 241 -23.88 31.22 -0.34
C GLY A 241 -22.98 30.66 0.78
N THR A 242 -23.13 31.14 2.01
CA THR A 242 -22.23 30.71 3.05
C THR A 242 -22.55 29.30 3.50
N ALA A 243 -23.63 28.72 2.99
CA ALA A 243 -23.99 27.36 3.36
C ALA A 243 -24.42 26.60 2.12
N GLU A 244 -24.63 25.31 2.27
CA GLU A 244 -24.84 24.41 1.14
C GLU A 244 -26.18 23.76 1.17
N TYR A 245 -26.70 23.64 2.38
CA TYR A 245 -27.99 23.06 2.65
C TYR A 245 -28.72 23.98 3.66
N LEU A 246 -30.04 24.07 3.47
CA LEU A 246 -30.95 24.78 4.34
C LEU A 246 -31.72 23.66 4.95
N ALA A 247 -31.88 23.63 6.27
CA ALA A 247 -32.69 22.56 6.82
C ALA A 247 -33.92 23.19 7.50
N GLU A 248 -34.98 22.40 7.65
CA GLU A 248 -36.26 22.91 8.23
C GLU A 248 -36.15 23.15 9.74
N ASN A 249 -35.66 22.15 10.45
CA ASN A 249 -35.66 22.08 11.90
C ASN A 249 -34.33 21.43 12.29
N ASP A 250 -34.21 20.91 13.51
CA ASP A 250 -33.00 20.22 13.94
C ASP A 250 -32.93 18.79 13.43
N ALA A 251 -34.01 18.04 13.49
CA ALA A 251 -33.95 16.64 13.04
C ALA A 251 -33.52 16.54 11.56
N ASP A 252 -34.09 17.42 10.75
CA ASP A 252 -33.81 17.52 9.32
C ASP A 252 -32.35 17.97 9.08
N GLY A 253 -31.85 18.85 9.93
CA GLY A 253 -30.45 19.25 9.89
C GLY A 253 -29.52 18.06 10.11
N VAL A 254 -29.92 17.19 11.03
CA VAL A 254 -29.11 16.06 11.44
C VAL A 254 -29.20 14.99 10.36
N ARG A 255 -30.37 14.91 9.75
CA ARG A 255 -30.59 14.01 8.61
C ARG A 255 -29.58 14.31 7.50
N LEU A 256 -29.40 15.60 7.22
CA LEU A 256 -28.55 16.06 6.14
C LEU A 256 -27.06 15.82 6.41
N ALA A 257 -26.64 16.06 7.65
CA ALA A 257 -25.32 15.69 8.13
C ALA A 257 -25.12 14.21 7.85
N ARG A 258 -26.09 13.35 8.21
CA ARG A 258 -25.91 11.93 7.84
C ARG A 258 -25.88 11.68 6.33
N GLU A 259 -26.56 12.51 5.55
CA GLU A 259 -26.63 12.31 4.10
C GLU A 259 -25.27 12.58 3.49
N ILE A 260 -24.74 13.73 3.86
CA ILE A 260 -23.44 14.19 3.44
C ILE A 260 -22.40 13.09 3.70
N VAL A 261 -22.24 12.78 4.97
CA VAL A 261 -21.30 11.77 5.40
C VAL A 261 -21.54 10.50 4.57
N GLY A 262 -22.80 10.08 4.46
CA GLY A 262 -23.14 8.81 3.79
C GLY A 262 -22.90 8.80 2.28
N MET A 263 -22.72 9.98 1.69
CA MET A 263 -22.40 10.13 0.28
C MET A 263 -20.89 10.23 -0.03
N LEU A 264 -20.03 10.36 0.97
CA LEU A 264 -18.59 10.29 0.73
C LEU A 264 -18.19 8.83 0.50
N PRO A 265 -17.26 8.58 -0.41
CA PRO A 265 -16.73 7.23 -0.58
C PRO A 265 -15.58 6.94 0.43
N TRP A 266 -15.78 7.32 1.69
CA TRP A 266 -14.72 7.42 2.65
C TRP A 266 -14.14 6.06 3.00
N ASN A 267 -14.95 5.13 3.44
CA ASN A 267 -14.42 3.80 3.73
C ASN A 267 -13.95 3.04 2.51
N ALA A 268 -14.32 3.52 1.32
CA ALA A 268 -13.84 2.91 0.11
C ALA A 268 -12.37 3.21 -0.16
N GLN A 269 -11.79 4.21 0.51
CA GLN A 269 -10.39 4.59 0.25
C GLN A 269 -9.45 3.61 0.91
N LEU A 270 -9.97 2.91 1.91
CA LEU A 270 -9.19 1.99 2.71
C LEU A 270 -8.87 0.76 1.92
N PRO A 271 -7.72 0.13 2.21
CA PRO A 271 -7.47 -1.21 1.67
C PRO A 271 -8.29 -2.21 2.43
N ALA A 272 -8.47 -3.38 1.84
CA ALA A 272 -9.15 -4.46 2.51
C ALA A 272 -8.15 -5.11 3.48
N ARG A 273 -8.60 -5.43 4.69
CA ARG A 273 -7.80 -6.21 5.63
C ARG A 273 -8.71 -7.16 6.40
N SER A 277 -9.95 -12.59 14.48
CA SER A 277 -9.83 -13.80 15.33
C SER A 277 -8.86 -13.63 16.51
N TRP A 278 -9.37 -13.74 17.75
CA TRP A 278 -8.52 -13.69 18.96
C TRP A 278 -9.16 -14.37 20.15
N ARG A 279 -8.34 -14.73 21.14
CA ARG A 279 -8.84 -15.35 22.37
C ARG A 279 -9.14 -14.25 23.35
N GLU A 280 -10.22 -14.36 24.13
CA GLU A 280 -10.47 -13.40 25.22
C GLU A 280 -9.43 -13.60 26.35
N PRO A 281 -9.35 -12.64 27.29
CA PRO A 281 -8.48 -12.83 28.46
C PRO A 281 -8.90 -13.99 29.36
N LEU A 282 -7.97 -14.60 30.10
CA LEU A 282 -8.34 -15.68 31.02
C LEU A 282 -9.24 -15.18 32.18
N TYR A 283 -8.95 -14.02 32.73
CA TYR A 283 -9.70 -13.44 33.84
C TYR A 283 -10.65 -12.35 33.31
N PRO A 284 -11.84 -12.21 33.92
CA PRO A 284 -12.78 -11.19 33.46
C PRO A 284 -12.38 -9.79 33.85
N VAL A 285 -12.57 -8.83 32.93
CA VAL A 285 -12.31 -7.39 33.17
C VAL A 285 -13.01 -6.82 34.43
N GLU A 286 -14.16 -7.41 34.80
CA GLU A 286 -14.88 -7.05 36.05
C GLU A 286 -13.91 -6.89 37.19
N GLU A 287 -12.94 -7.80 37.22
CA GLU A 287 -11.95 -7.94 38.28
C GLU A 287 -11.03 -6.74 38.46
N LEU A 288 -10.91 -5.90 37.44
CA LEU A 288 -10.04 -4.72 37.47
C LEU A 288 -10.42 -3.74 38.56
N LEU A 289 -11.68 -3.81 38.99
CA LEU A 289 -12.18 -3.00 40.11
C LEU A 289 -11.43 -3.26 41.40
N GLY A 290 -10.97 -4.49 41.62
CA GLY A 290 -10.23 -4.81 42.85
C GLY A 290 -8.71 -5.01 42.78
N VAL A 291 -8.12 -4.77 41.62
CA VAL A 291 -6.70 -5.01 41.39
C VAL A 291 -5.78 -3.96 42.01
N VAL A 292 -6.13 -2.70 41.87
CA VAL A 292 -5.32 -1.65 42.49
C VAL A 292 -5.60 -1.64 43.98
N PRO A 293 -4.53 -1.66 44.82
CA PRO A 293 -4.77 -1.55 46.25
C PRO A 293 -5.53 -0.30 46.61
N ALA A 294 -6.39 -0.43 47.61
CA ALA A 294 -7.08 0.70 48.21
C ALA A 294 -6.06 1.55 48.90
N ASP A 295 -5.17 0.85 49.61
CA ASP A 295 -3.95 1.40 50.19
C ASP A 295 -3.09 1.93 49.04
N PRO A 296 -3.07 3.24 48.83
CA PRO A 296 -2.40 3.73 47.62
C PRO A 296 -0.90 3.47 47.62
N LYS A 297 -0.29 3.53 48.81
CA LYS A 297 1.13 3.33 48.93
C LYS A 297 1.53 1.88 48.73
N LYS A 298 0.60 0.94 48.92
CA LYS A 298 0.91 -0.48 48.74
C LYS A 298 1.27 -0.86 47.27
N PRO A 299 2.48 -1.40 47.04
CA PRO A 299 2.85 -1.89 45.69
C PRO A 299 2.02 -3.04 45.16
N TYR A 300 1.93 -3.17 43.84
CA TYR A 300 1.32 -4.35 43.21
C TYR A 300 1.91 -4.57 41.82
N ASP A 301 1.57 -5.66 41.19
CA ASP A 301 2.22 -5.96 39.95
C ASP A 301 1.31 -5.48 38.85
N VAL A 302 1.82 -4.58 37.99
CA VAL A 302 1.07 -4.13 36.80
C VAL A 302 0.61 -5.28 35.92
N ARG A 303 1.29 -6.42 36.03
CA ARG A 303 0.89 -7.57 35.32
C ARG A 303 -0.53 -8.02 35.70
N GLU A 304 -1.04 -7.64 36.86
CA GLU A 304 -2.41 -8.02 37.21
C GLU A 304 -3.46 -7.31 36.35
N ILE A 305 -3.18 -6.04 36.08
CA ILE A 305 -3.91 -5.29 35.07
C ILE A 305 -3.70 -5.92 33.69
N VAL A 306 -2.44 -6.11 33.29
CA VAL A 306 -2.18 -6.72 31.99
C VAL A 306 -2.99 -8.02 31.76
N ALA A 307 -3.08 -8.84 32.78
CA ALA A 307 -3.70 -10.18 32.66
C ALA A 307 -5.16 -10.15 32.31
N ARG A 308 -5.80 -9.04 32.63
CA ARG A 308 -7.20 -8.85 32.35
C ARG A 308 -7.49 -8.03 31.08
N ILE A 309 -6.47 -7.33 30.55
CA ILE A 309 -6.64 -6.70 29.22
C ILE A 309 -6.05 -7.48 28.02
N ALA A 310 -5.10 -8.39 28.25
CA ALA A 310 -4.45 -9.08 27.12
C ALA A 310 -5.20 -10.30 26.64
N ASP A 311 -5.32 -10.44 25.33
CA ASP A 311 -5.78 -11.68 24.72
C ASP A 311 -5.12 -12.91 25.32
N GLY A 312 -5.90 -13.93 25.65
CA GLY A 312 -5.38 -15.11 26.36
C GLY A 312 -4.62 -14.80 27.64
N SER A 313 -4.74 -13.56 28.14
CA SER A 313 -3.91 -13.08 29.26
C SER A 313 -2.39 -13.28 29.04
N GLU A 314 -1.97 -13.40 27.78
CA GLU A 314 -0.57 -13.69 27.44
C GLU A 314 0.28 -12.42 27.29
N PHE A 315 1.43 -12.40 27.95
CA PHE A 315 2.33 -11.25 27.99
C PHE A 315 3.76 -11.77 27.80
N LEU A 316 4.44 -11.35 26.75
CA LEU A 316 5.83 -11.70 26.59
C LEU A 316 6.71 -10.67 27.28
N ASP A 317 7.32 -11.07 28.37
CA ASP A 317 8.04 -10.16 29.26
C ASP A 317 9.39 -9.85 28.68
N PHE A 318 9.74 -8.56 28.62
CA PHE A 318 10.95 -8.07 27.99
C PHE A 318 11.97 -7.60 28.98
N LYS A 319 13.14 -8.22 28.98
CA LYS A 319 14.27 -7.76 29.75
C LYS A 319 13.96 -7.59 31.24
N ASN A 320 13.18 -8.48 31.80
CA ASN A 320 12.82 -8.33 33.19
C ASN A 320 14.04 -8.57 34.12
N GLU A 321 14.97 -9.40 33.68
CA GLU A 321 16.14 -9.72 34.50
C GLU A 321 17.01 -8.50 34.75
N PHE A 322 17.15 -7.68 33.72
CA PHE A 322 17.99 -6.49 33.80
C PHE A 322 17.41 -5.46 34.73
N ASP A 323 16.08 -5.35 34.76
CA ASP A 323 15.39 -4.45 35.65
C ASP A 323 13.91 -4.81 35.74
N GLY A 324 13.38 -4.88 36.97
CA GLY A 324 12.00 -5.30 37.20
C GLY A 324 11.02 -4.18 37.56
N GLN A 325 11.56 -2.98 37.82
CA GLN A 325 10.75 -1.85 38.22
C GLN A 325 10.08 -1.13 37.05
N THR A 326 10.74 -1.18 35.87
CA THR A 326 10.12 -0.75 34.63
C THR A 326 9.77 -2.01 33.87
N VAL A 327 8.47 -2.26 33.70
CA VAL A 327 8.02 -3.50 33.10
C VAL A 327 7.72 -3.27 31.60
N CYS A 328 8.32 -4.08 30.73
CA CYS A 328 8.06 -4.03 29.31
C CYS A 328 7.60 -5.38 28.79
N GLY A 329 6.74 -5.37 27.78
CA GLY A 329 6.45 -6.60 27.05
C GLY A 329 5.43 -6.48 25.96
N HIS A 330 5.16 -7.61 25.34
CA HIS A 330 4.35 -7.65 24.16
C HIS A 330 3.08 -8.34 24.48
N LEU A 331 2.01 -7.92 23.84
CA LEU A 331 0.72 -8.59 24.03
C LEU A 331 -0.18 -8.32 22.83
N ARG A 332 -1.27 -9.06 22.72
CA ARG A 332 -2.36 -8.70 21.82
C ARG A 332 -3.61 -8.29 22.58
N ILE A 333 -4.27 -7.28 22.05
CA ILE A 333 -5.63 -6.84 22.44
C ILE A 333 -6.56 -6.85 21.22
N GLU A 334 -7.56 -7.73 21.29
CA GLU A 334 -8.44 -8.01 20.14
C GLU A 334 -7.63 -8.16 18.85
N GLY A 335 -6.60 -8.99 18.87
CA GLY A 335 -5.83 -9.27 17.68
C GLY A 335 -4.65 -8.32 17.42
N HIS A 336 -4.74 -7.06 17.85
CA HIS A 336 -3.69 -6.10 17.58
C HIS A 336 -2.48 -6.32 18.46
N ALA A 337 -1.32 -6.54 17.84
CA ALA A 337 -0.05 -6.52 18.59
C ALA A 337 0.24 -5.19 19.24
N CYS A 338 0.52 -5.15 20.56
CA CYS A 338 1.20 -4.01 21.15
C CYS A 338 2.34 -4.32 22.09
N GLY A 339 3.03 -3.24 22.40
CA GLY A 339 4.12 -3.23 23.36
C GLY A 339 3.67 -2.45 24.55
N LEU A 340 4.00 -2.92 25.74
CA LEU A 340 3.49 -2.32 26.96
C LEU A 340 4.63 -1.86 27.81
N ILE A 341 4.51 -0.69 28.36
CA ILE A 341 5.43 -0.23 29.38
C ILE A 341 4.63 0.19 30.59
N GLY A 342 4.95 -0.40 31.73
CA GLY A 342 4.32 -0.09 33.01
C GLY A 342 5.39 -0.01 34.10
N ASN A 343 4.93 0.38 35.29
CA ASN A 343 5.75 0.67 36.44
C ASN A 343 5.44 -0.24 37.64
N ASN A 344 6.46 -0.96 38.12
CA ASN A 344 6.45 -1.57 39.44
C ASN A 344 7.51 -0.98 40.40
N GLY A 345 8.02 0.22 40.13
CA GLY A 345 8.86 0.92 41.09
C GLY A 345 9.40 2.15 40.39
N PRO A 346 10.36 2.86 41.01
CA PRO A 346 10.92 4.03 40.31
C PRO A 346 11.63 3.64 39.00
N ILE A 347 11.89 4.61 38.14
CA ILE A 347 12.63 4.37 36.90
C ILE A 347 14.10 4.54 37.19
N THR A 348 14.82 3.42 37.17
CA THR A 348 16.25 3.42 37.36
C THR A 348 16.94 3.60 36.01
N PRO A 349 18.26 3.90 36.01
CA PRO A 349 19.06 4.06 34.79
C PRO A 349 18.88 2.91 33.82
N GLN A 350 18.82 1.71 34.39
CA GLN A 350 18.64 0.50 33.65
C GLN A 350 17.24 0.48 33.10
N GLY A 351 16.27 0.88 33.91
CA GLY A 351 14.87 0.92 33.47
C GLY A 351 14.64 1.82 32.27
N ALA A 352 15.20 3.03 32.31
CA ALA A 352 15.12 3.95 31.18
C ALA A 352 15.83 3.39 29.89
N ALA A 353 17.01 2.78 30.04
CA ALA A 353 17.74 2.21 28.91
C ALA A 353 16.91 1.09 28.27
N LYS A 354 16.39 0.21 29.12
CA LYS A 354 15.49 -0.86 28.70
C LYS A 354 14.28 -0.29 27.93
N ALA A 355 13.70 0.77 28.46
CA ALA A 355 12.46 1.30 27.92
C ALA A 355 12.72 1.93 26.56
N ALA A 356 13.75 2.78 26.52
CA ALA A 356 14.21 3.42 25.27
C ALA A 356 14.41 2.36 24.18
N GLN A 357 15.12 1.29 24.53
CA GLN A 357 15.39 0.21 23.60
C GLN A 357 14.10 -0.47 23.17
N PHE A 358 13.21 -0.71 24.12
CA PHE A 358 11.97 -1.40 23.85
C PHE A 358 11.11 -0.58 22.87
N ILE A 359 11.13 0.74 23.05
CA ILE A 359 10.35 1.63 22.21
C ILE A 359 10.92 1.68 20.78
N GLN A 360 12.26 1.79 20.64
CA GLN A 360 12.86 1.60 19.31
C GLN A 360 12.58 0.22 18.68
N LEU A 361 12.52 -0.83 19.48
CA LEU A 361 12.21 -2.15 18.93
C LEU A 361 10.79 -2.20 18.36
N CYS A 362 9.83 -1.66 19.11
CA CYS A 362 8.43 -1.59 18.65
C CYS A 362 8.30 -0.69 17.42
N GLU A 363 9.01 0.44 17.41
CA GLU A 363 9.14 1.25 16.19
C GLU A 363 9.59 0.38 14.99
N GLN A 364 10.57 -0.47 15.22
CA GLN A 364 11.10 -1.31 14.15
C GLN A 364 10.08 -2.29 13.58
N SER A 365 9.26 -2.90 14.44
CA SER A 365 8.22 -3.85 14.03
C SER A 365 6.84 -3.19 13.81
N ASN A 366 6.78 -1.87 13.85
CA ASN A 366 5.53 -1.14 13.66
C ASN A 366 4.45 -1.55 14.67
N THR A 367 4.88 -1.65 15.92
CA THR A 367 4.06 -2.03 17.02
C THR A 367 3.71 -0.80 17.84
N PRO A 368 2.40 -0.54 18.00
CA PRO A 368 1.90 0.50 18.87
C PRO A 368 2.29 0.26 20.33
N LEU A 369 2.48 1.37 21.03
CA LEU A 369 2.93 1.35 22.39
C LEU A 369 1.77 1.66 23.35
N LEU A 370 1.73 0.95 24.45
CA LEU A 370 0.76 1.20 25.49
C LEU A 370 1.50 1.56 26.78
N PHE A 371 1.26 2.74 27.33
CA PHE A 371 1.90 3.14 28.54
C PHE A 371 0.87 3.10 29.69
N LEU A 372 1.14 2.33 30.74
CA LEU A 372 0.29 2.27 31.91
C LEU A 372 1.08 2.92 32.99
N HIS A 373 0.73 4.16 33.34
CA HIS A 373 1.48 4.89 34.33
C HIS A 373 1.10 4.40 35.69
N ASN A 374 2.10 4.16 36.47
CA ASN A 374 1.91 4.08 37.89
C ASN A 374 3.23 4.49 38.41
N THR A 375 3.64 5.68 37.98
CA THR A 375 5.00 6.06 38.14
C THR A 375 5.17 7.14 39.13
N THR A 376 6.22 6.96 39.90
CA THR A 376 6.55 7.78 40.99
C THR A 376 7.74 8.66 40.60
N GLY A 377 8.23 8.50 39.37
CA GLY A 377 9.42 9.24 38.89
C GLY A 377 10.65 8.36 38.73
N PHE A 378 11.80 9.00 38.63
CA PHE A 378 13.09 8.28 38.52
C PHE A 378 13.75 8.00 39.85
N MET A 379 14.49 6.90 39.94
CA MET A 379 15.32 6.64 41.13
C MET A 379 16.32 7.75 41.30
N VAL A 380 16.62 8.11 42.55
CA VAL A 380 17.50 9.25 42.81
C VAL A 380 18.66 8.78 43.65
N GLY A 381 19.69 9.61 43.78
CA GLY A 381 20.86 9.27 44.60
C GLY A 381 22.12 9.15 43.80
N THR A 382 23.25 9.10 44.52
CA THR A 382 24.60 9.14 43.91
C THR A 382 24.89 7.95 43.00
N GLU A 383 24.42 6.76 43.35
CA GLU A 383 24.58 5.60 42.51
C GLU A 383 23.84 5.80 41.15
N SER A 384 22.58 6.21 41.26
CA SER A 384 21.73 6.53 40.13
C SER A 384 22.34 7.56 39.20
N GLU A 385 22.86 8.65 39.75
CA GLU A 385 23.37 9.70 38.88
C GLU A 385 24.65 9.25 38.22
N ARG A 386 25.44 8.53 39.00
CA ARG A 386 26.73 8.12 38.48
C ARG A 386 26.50 6.99 37.47
N GLN A 387 25.42 6.21 37.57
CA GLN A 387 25.09 5.21 36.55
C GLN A 387 24.28 5.76 35.31
N GLY A 388 24.19 7.07 35.17
CA GLY A 388 23.56 7.70 34.03
C GLY A 388 22.05 7.89 34.07
N VAL A 389 21.44 8.21 35.22
CA VAL A 389 19.99 8.39 35.22
C VAL A 389 19.57 9.53 34.28
N ILE A 390 20.31 10.63 34.25
CA ILE A 390 19.95 11.68 33.35
C ILE A 390 20.07 11.26 31.86
N LYS A 391 21.23 10.74 31.47
CA LYS A 391 21.39 10.39 30.08
C LYS A 391 20.46 9.27 29.65
N HIS A 392 20.18 8.30 30.54
CA HIS A 392 19.30 7.22 30.12
C HIS A 392 17.83 7.62 30.06
N GLY A 393 17.42 8.52 30.96
CA GLY A 393 16.08 9.05 30.97
C GLY A 393 15.83 9.95 29.78
N SER A 394 16.86 10.69 29.41
CA SER A 394 16.81 11.50 28.22
C SER A 394 16.53 10.64 26.99
N LYS A 395 17.23 9.50 26.85
CA LYS A 395 17.03 8.61 25.71
C LYS A 395 15.63 8.00 25.70
N MET A 396 15.06 7.76 26.87
CA MET A 396 13.71 7.25 26.96
C MET A 396 12.71 8.32 26.44
N ILE A 397 12.91 9.56 26.90
CA ILE A 397 12.09 10.65 26.48
C ILE A 397 12.19 10.89 24.95
N GLN A 398 13.42 10.95 24.44
CA GLN A 398 13.72 10.97 23.00
C GLN A 398 13.01 9.88 22.23
N ALA A 399 13.04 8.66 22.75
CA ALA A 399 12.34 7.60 22.10
C ALA A 399 10.83 7.80 22.09
N VAL A 400 10.29 8.33 23.19
CA VAL A 400 8.84 8.58 23.26
C VAL A 400 8.46 9.76 22.37
N ALA A 401 9.24 10.85 22.45
CA ALA A 401 9.00 11.97 21.57
C ALA A 401 9.00 11.67 20.06
N ASN A 402 9.86 10.74 19.62
CA ASN A 402 10.25 10.56 18.22
C ASN A 402 9.67 9.31 17.57
N ALA A 403 9.24 8.33 18.36
CA ALA A 403 8.53 7.21 17.80
C ALA A 403 7.26 7.71 17.10
N ARG A 404 7.00 7.13 15.93
CA ARG A 404 5.91 7.48 15.03
C ARG A 404 4.75 6.48 15.16
N VAL A 405 5.03 5.29 15.68
CA VAL A 405 3.99 4.37 15.97
C VAL A 405 2.96 4.97 16.97
N PRO A 406 1.71 4.51 16.93
CA PRO A 406 0.75 5.06 17.89
C PRO A 406 1.14 4.77 19.33
N LYS A 407 1.05 5.80 20.18
CA LYS A 407 1.18 5.66 21.61
C LYS A 407 -0.15 5.94 22.36
N LEU A 408 -0.61 4.92 23.08
CA LEU A 408 -1.81 4.96 23.88
C LEU A 408 -1.40 4.94 25.37
N THR A 409 -1.81 5.95 26.13
CA THR A 409 -1.52 6.04 27.58
C THR A 409 -2.79 5.81 28.44
N LEU A 410 -2.67 5.00 29.49
CA LEU A 410 -3.75 4.74 30.46
C LEU A 410 -3.17 5.04 31.85
N VAL A 411 -3.64 6.13 32.50
CA VAL A 411 -3.13 6.49 33.80
C VAL A 411 -3.85 5.66 34.85
N VAL A 412 -3.18 4.64 35.36
CA VAL A 412 -3.81 3.69 36.25
C VAL A 412 -3.52 3.92 37.74
N GLY A 413 -2.63 4.86 38.04
CA GLY A 413 -2.12 5.05 39.42
C GLY A 413 -1.33 6.33 39.46
N GLY A 414 -0.11 6.30 39.96
CA GLY A 414 0.69 7.54 39.90
C GLY A 414 1.13 7.99 38.52
N SER A 415 1.29 9.30 38.37
CA SER A 415 1.93 9.90 37.24
C SER A 415 2.64 11.11 37.73
N TYR A 416 3.82 10.89 38.29
CA TYR A 416 4.53 11.95 39.00
C TYR A 416 5.74 12.51 38.27
N GLY A 417 5.82 13.84 38.24
CA GLY A 417 7.00 14.57 37.78
C GLY A 417 7.50 14.08 36.44
N ALA A 418 8.78 13.74 36.40
CA ALA A 418 9.45 13.34 35.15
C ALA A 418 9.07 11.94 34.71
N GLY A 419 8.57 11.13 35.63
CA GLY A 419 7.90 9.89 35.25
C GLY A 419 6.72 10.15 34.32
N ASN A 420 5.99 11.25 34.53
CA ASN A 420 4.87 11.58 33.66
C ASN A 420 5.39 11.81 32.23
N TYR A 421 6.49 12.55 32.13
CA TYR A 421 7.09 12.86 30.85
C TYR A 421 7.56 11.61 30.17
N ALA A 422 8.36 10.83 30.89
CA ALA A 422 8.94 9.64 30.36
C ALA A 422 7.95 8.56 29.99
N MET A 423 6.75 8.55 30.56
CA MET A 423 5.79 7.45 30.27
C MET A 423 4.71 7.90 29.30
N CYS A 424 4.95 9.01 28.60
CA CYS A 424 4.10 9.50 27.52
C CYS A 424 2.79 10.08 28.05
N GLY A 425 2.98 11.08 28.93
CA GLY A 425 1.93 11.92 29.43
C GLY A 425 1.62 13.02 28.41
N ARG A 426 0.60 13.80 28.72
CA ARG A 426 -0.02 14.70 27.75
C ARG A 426 0.97 15.47 26.87
N GLY A 427 1.96 16.04 27.51
CA GLY A 427 2.98 16.86 26.86
C GLY A 427 3.92 16.10 25.92
N LEU A 428 3.93 14.77 25.98
CA LEU A 428 4.63 13.95 24.98
C LEU A 428 3.73 13.55 23.81
N ASP A 429 2.48 14.01 23.76
CA ASP A 429 1.63 13.77 22.58
C ASP A 429 1.27 12.29 22.33
N PRO A 430 0.83 11.61 23.37
CA PRO A 430 0.18 10.32 23.08
C PRO A 430 -0.98 10.48 22.13
N ARG A 431 -1.31 9.46 21.37
CA ARG A 431 -2.47 9.60 20.49
C ARG A 431 -3.68 9.92 21.32
N PHE A 432 -3.91 9.05 22.31
CA PHE A 432 -4.96 9.15 23.31
C PHE A 432 -4.38 8.86 24.69
N ILE A 433 -4.89 9.60 25.66
CA ILE A 433 -4.63 9.39 27.04
C ILE A 433 -5.93 9.39 27.85
N PHE A 434 -6.18 8.28 28.54
CA PHE A 434 -7.30 8.22 29.48
C PHE A 434 -6.83 7.83 30.88
N ALA A 435 -7.53 8.34 31.90
CA ALA A 435 -7.19 8.06 33.30
C ALA A 435 -8.26 7.27 34.08
N TRP A 436 -7.78 6.28 34.83
CA TRP A 436 -8.57 5.70 35.94
C TRP A 436 -8.83 6.76 37.03
N PRO A 437 -10.00 6.73 37.68
CA PRO A 437 -10.41 7.74 38.68
C PRO A 437 -9.67 7.65 40.01
N ASN A 438 -9.02 6.53 40.27
CA ASN A 438 -8.08 6.48 41.37
C ASN A 438 -6.75 7.17 41.11
N SER A 439 -6.50 7.53 39.85
CA SER A 439 -5.18 7.99 39.44
C SER A 439 -4.79 9.36 39.99
N ARG A 440 -3.51 9.69 39.95
CA ARG A 440 -3.02 10.91 40.51
C ARG A 440 -1.91 11.39 39.63
N THR A 441 -1.99 12.65 39.21
CA THR A 441 -0.94 13.28 38.44
C THR A 441 -0.50 14.56 39.10
N ALA A 442 0.80 14.74 39.26
CA ALA A 442 1.31 15.85 40.02
C ALA A 442 2.80 15.98 39.82
N VAL A 443 3.30 17.20 39.85
CA VAL A 443 4.72 17.46 39.72
C VAL A 443 5.57 16.66 40.69
N MET A 444 5.01 16.36 41.86
CA MET A 444 5.57 15.31 42.73
C MET A 444 4.58 14.81 43.79
N GLY A 445 4.95 13.75 44.50
CA GLY A 445 4.20 13.35 45.69
C GLY A 445 4.23 14.43 46.79
N GLY A 446 3.09 14.64 47.44
CA GLY A 446 2.94 15.66 48.48
C GLY A 446 4.02 15.58 49.52
N ALA A 447 4.30 14.36 49.96
CA ALA A 447 5.31 14.09 51.00
C ALA A 447 6.70 14.59 50.58
N GLN A 448 7.03 14.44 49.31
CA GLN A 448 8.34 14.84 48.82
C GLN A 448 8.36 16.34 48.75
N ALA A 449 7.28 16.92 48.23
CA ALA A 449 7.24 18.38 48.04
C ALA A 449 7.38 19.10 49.38
N GLY A 450 6.56 18.70 50.35
CA GLY A 450 6.59 19.31 51.67
C GLY A 450 7.91 19.08 52.35
N LYS A 451 8.44 17.86 52.22
CA LYS A 451 9.75 17.53 52.84
C LYS A 451 10.84 18.45 52.35
N VAL A 452 10.81 18.78 51.07
CA VAL A 452 11.88 19.55 50.47
C VAL A 452 11.83 21.01 50.88
N LEU A 453 10.62 21.59 50.88
CA LEU A 453 10.37 22.96 51.41
C LEU A 453 10.82 23.06 52.84
N ARG A 454 10.62 22.00 53.60
CA ARG A 454 11.09 22.01 54.98
C ARG A 454 12.58 22.22 54.93
N ILE A 455 13.27 21.40 54.15
CA ILE A 455 14.74 21.32 54.15
C ILE A 455 15.47 22.57 53.64
N VAL A 456 14.93 23.25 52.63
CA VAL A 456 15.57 24.47 52.13
C VAL A 456 15.29 25.61 53.06
N THR A 457 14.13 25.55 53.71
CA THR A 457 13.75 26.53 54.71
C THR A 457 14.48 26.24 56.02
N GLU A 458 14.81 24.98 56.26
CA GLU A 458 15.58 24.61 57.45
C GLU A 458 16.99 25.25 57.43
N GLU A 459 17.23 26.23 56.56
CA GLU A 459 18.54 26.89 56.48
C GLU A 459 18.47 28.34 55.97
N LYS A 460 17.82 28.55 54.83
CA LYS A 460 17.65 29.89 54.26
C LYS A 460 17.63 30.97 55.37
N ALA A 468 15.17 28.30 63.21
CA ALA A 468 13.85 28.20 62.59
C ALA A 468 12.89 27.37 63.46
N ASP A 469 11.66 27.87 63.66
CA ASP A 469 10.71 27.22 64.57
C ASP A 469 10.29 25.80 64.08
N PRO A 470 10.57 24.77 64.90
CA PRO A 470 10.16 23.39 64.59
C PRO A 470 8.69 23.22 64.12
N LYS A 471 7.76 23.97 64.68
CA LYS A 471 6.37 23.76 64.32
C LYS A 471 6.05 24.32 62.95
N MET A 472 6.69 25.44 62.61
CA MET A 472 6.56 26.00 61.26
C MET A 472 7.01 24.97 60.21
N LEU A 473 8.11 24.29 60.48
CA LEU A 473 8.67 23.32 59.56
C LEU A 473 7.62 22.23 59.38
N GLU A 474 7.20 21.67 60.51
CA GLU A 474 6.21 20.60 60.52
C GLU A 474 5.01 21.01 59.68
N MET A 475 4.55 22.24 59.89
CA MET A 475 3.33 22.72 59.23
C MET A 475 3.57 23.00 57.75
N LEU A 476 4.72 23.55 57.45
CA LEU A 476 5.08 23.79 56.07
C LEU A 476 5.07 22.43 55.35
N GLU A 477 5.92 21.50 55.77
CA GLU A 477 5.94 20.16 55.20
C GLU A 477 4.54 19.57 54.93
N THR A 478 3.70 19.50 55.97
CA THR A 478 2.48 18.68 55.95
C THR A 478 1.31 19.29 55.21
N VAL A 479 1.23 20.60 55.27
CA VAL A 479 0.17 21.31 54.63
C VAL A 479 0.52 21.27 53.14
N THR A 480 1.76 21.60 52.83
CA THR A 480 2.22 21.54 51.46
C THR A 480 1.85 20.19 50.85
N ALA A 481 2.14 19.15 51.62
CA ALA A 481 1.86 17.80 51.21
C ALA A 481 0.40 17.57 50.93
N GLN A 482 -0.47 17.87 51.89
CA GLN A 482 -1.89 17.62 51.68
C GLN A 482 -2.40 18.48 50.53
N LYS A 483 -1.88 19.70 50.40
CA LYS A 483 -2.27 20.59 49.31
C LYS A 483 -1.96 19.94 47.97
N LEU A 484 -0.72 19.50 47.80
CA LEU A 484 -0.37 18.85 46.56
C LEU A 484 -1.21 17.61 46.29
N ASP A 485 -1.19 16.65 47.22
CA ASP A 485 -1.94 15.41 47.11
C ASP A 485 -3.44 15.63 46.87
N SER A 486 -3.99 16.74 47.34
CA SER A 486 -5.39 17.08 47.09
C SER A 486 -5.61 17.44 45.63
N GLN A 487 -4.73 18.30 45.09
CA GLN A 487 -4.70 18.63 43.65
C GLN A 487 -4.41 17.47 42.73
N SER A 488 -3.68 16.48 43.18
CA SER A 488 -3.29 15.40 42.30
C SER A 488 -4.43 14.49 41.87
N THR A 489 -5.66 14.76 42.31
CA THR A 489 -6.81 13.89 42.04
C THR A 489 -7.13 13.78 40.53
N ALA A 490 -7.65 12.63 40.11
CA ALA A 490 -7.99 12.42 38.74
C ALA A 490 -8.85 13.61 38.24
N LEU A 491 -9.94 13.90 38.96
CA LEU A 491 -10.79 15.04 38.66
C LEU A 491 -10.02 16.27 38.30
N TYR A 492 -9.02 16.66 39.08
CA TYR A 492 -8.25 17.84 38.71
C TYR A 492 -7.48 17.67 37.39
N GLY A 493 -7.04 16.43 37.12
CA GLY A 493 -6.19 16.17 35.99
C GLY A 493 -7.05 16.34 34.77
N THR A 494 -8.17 15.62 34.80
CA THR A 494 -9.08 15.58 33.67
C THR A 494 -9.70 16.95 33.43
N ALA A 495 -10.03 17.65 34.48
CA ALA A 495 -10.49 19.00 34.34
C ALA A 495 -9.45 19.95 33.71
N SER A 496 -8.16 19.63 33.79
CA SER A 496 -7.13 20.48 33.17
C SER A 496 -6.73 19.94 31.78
N LEU A 497 -7.50 18.97 31.30
CA LEU A 497 -7.27 18.31 30.02
C LEU A 497 -5.89 17.61 30.00
N TRP A 498 -5.41 17.22 31.17
CA TRP A 498 -4.21 16.39 31.32
C TRP A 498 -4.50 15.02 30.79
N ASP A 499 -5.77 14.72 30.60
CA ASP A 499 -6.12 13.49 29.94
C ASP A 499 -7.33 13.79 29.01
N ASP A 500 -7.74 12.78 28.24
CA ASP A 500 -8.85 12.90 27.32
C ASP A 500 -10.15 12.47 27.97
N GLY A 501 -10.09 12.11 29.26
CA GLY A 501 -11.23 11.56 29.97
C GLY A 501 -10.98 10.46 30.99
N LEU A 502 -11.90 10.35 31.93
CA LEU A 502 -11.94 9.27 32.90
C LEU A 502 -12.70 8.10 32.37
N VAL A 503 -12.17 6.90 32.59
CA VAL A 503 -12.85 5.69 32.24
C VAL A 503 -12.92 4.80 33.47
N ASP A 504 -13.92 3.92 33.38
CA ASP A 504 -14.13 2.83 34.27
C ASP A 504 -13.09 1.79 33.88
N PRO A 505 -12.24 1.36 34.84
CA PRO A 505 -11.27 0.27 34.70
C PRO A 505 -11.78 -0.93 33.96
N ARG A 506 -13.05 -1.27 34.13
CA ARG A 506 -13.63 -2.42 33.43
C ARG A 506 -13.80 -2.23 31.92
N ASP A 507 -13.79 -0.98 31.48
CA ASP A 507 -13.85 -0.63 30.05
C ASP A 507 -12.48 -0.67 29.36
N SER A 508 -11.42 -0.83 30.15
CA SER A 508 -10.04 -0.66 29.70
C SER A 508 -9.66 -1.48 28.46
N ARG A 509 -10.13 -2.72 28.40
CA ARG A 509 -9.81 -3.55 27.26
C ARG A 509 -10.54 -3.09 26.00
N ARG A 510 -11.85 -2.84 26.11
CA ARG A 510 -12.64 -2.55 24.90
C ARG A 510 -12.31 -1.13 24.41
N LEU A 511 -11.99 -0.25 25.36
CA LEU A 511 -11.42 1.06 25.02
C LEU A 511 -10.11 0.90 24.21
N LEU A 512 -9.19 0.07 24.66
CA LEU A 512 -7.93 -0.06 23.97
C LEU A 512 -8.16 -0.72 22.62
N GLY A 513 -9.07 -1.69 22.56
CA GLY A 513 -9.48 -2.28 21.29
C GLY A 513 -9.94 -1.19 20.31
N TYR A 514 -10.82 -0.32 20.75
CA TYR A 514 -11.40 0.70 19.89
C TYR A 514 -10.31 1.63 19.40
N LEU A 515 -9.50 2.10 20.35
CA LEU A 515 -8.42 3.03 20.06
C LEU A 515 -7.41 2.42 19.08
N LEU A 516 -7.05 1.16 19.25
CA LEU A 516 -6.14 0.53 18.30
C LEU A 516 -6.77 0.41 16.91
N ASP A 517 -8.03 0.01 16.85
CA ASP A 517 -8.74 0.07 15.58
C ASP A 517 -8.63 1.48 14.97
N ILE A 518 -8.92 2.50 15.74
CA ILE A 518 -8.78 3.84 15.23
C ILE A 518 -7.39 4.09 14.63
N CYS A 519 -6.32 3.68 15.32
CA CYS A 519 -4.96 3.98 14.88
C CYS A 519 -4.57 3.14 13.63
N ALA A 520 -5.04 1.91 13.57
CA ALA A 520 -4.77 1.05 12.43
C ALA A 520 -5.40 1.54 11.12
N GLU A 521 -6.64 1.99 11.20
CA GLU A 521 -7.28 2.59 10.02
C GLU A 521 -6.62 3.89 9.61
N ALA A 522 -6.23 4.70 10.57
CA ALA A 522 -5.55 5.95 10.23
C ALA A 522 -4.26 5.67 9.45
N GLU A 523 -3.47 4.70 9.92
CA GLU A 523 -2.24 4.31 9.25
C GLU A 523 -2.52 3.92 7.83
N ALA A 524 -3.62 3.20 7.61
CA ALA A 524 -3.94 2.66 6.29
C ALA A 524 -4.65 3.65 5.33
N ARG A 525 -5.19 4.75 5.82
CA ARG A 525 -6.02 5.66 5.02
C ARG A 525 -5.23 6.74 4.25
N PRO A 526 -5.38 6.74 2.92
CA PRO A 526 -4.87 7.84 2.07
C PRO A 526 -5.83 9.06 2.00
N LEU A 527 -5.29 10.25 1.83
CA LEU A 527 -6.07 11.47 1.89
C LEU A 527 -5.77 12.26 0.63
N LYS A 528 -6.72 13.04 0.17
CA LYS A 528 -6.44 13.89 -0.98
C LYS A 528 -6.20 15.26 -0.46
N GLY A 529 -4.94 15.62 -0.36
CA GLY A 529 -4.61 16.90 0.13
C GLY A 529 -4.70 17.92 -1.00
N ASN A 530 -4.64 19.18 -0.61
CA ASN A 530 -4.77 20.25 -1.53
C ASN A 530 -4.00 21.46 -0.95
N SER A 531 -3.62 22.42 -1.77
CA SER A 531 -2.86 23.60 -1.31
C SER A 531 -3.47 24.50 -0.22
N PHE A 532 -4.72 24.89 -0.36
CA PHE A 532 -5.25 25.99 0.43
C PHE A 532 -6.49 25.64 1.25
N GLY A 533 -6.94 24.40 1.17
CA GLY A 533 -8.23 23.98 1.69
C GLY A 533 -9.26 24.27 0.62
N VAL A 534 -10.38 23.56 0.68
CA VAL A 534 -11.46 23.83 -0.23
C VAL A 534 -11.90 25.29 -0.07
N ALA A 535 -12.18 25.93 -1.20
CA ALA A 535 -12.54 27.33 -1.29
C ALA A 535 -14.04 27.41 -1.39
N ARG A 536 -14.69 28.12 -0.45
CA ARG A 536 -16.12 28.43 -0.56
C ARG A 536 -16.27 29.70 -1.38
N PHE A 537 -16.54 29.47 -2.68
CA PHE A 537 -16.71 30.53 -3.66
C PHE A 537 -18.20 30.91 -3.63
N PRO B 1 -2.09 -24.35 -27.18
CA PRO B 1 -1.63 -23.81 -25.89
C PRO B 1 -0.69 -24.76 -25.11
N ALA B 2 -1.15 -25.99 -24.85
CA ALA B 2 -0.36 -26.97 -24.09
C ALA B 2 0.89 -27.42 -24.88
N ILE B 3 1.89 -27.93 -24.16
CA ILE B 3 3.02 -28.64 -24.78
C ILE B 3 2.65 -30.13 -24.86
N GLN B 4 3.01 -30.76 -25.97
CA GLN B 4 2.83 -32.20 -26.15
C GLN B 4 4.18 -32.92 -26.08
N SER B 5 4.42 -33.63 -24.99
CA SER B 5 5.67 -34.35 -24.81
C SER B 5 5.74 -35.58 -25.70
N GLU B 6 6.95 -35.86 -26.16
CA GLU B 6 7.23 -37.03 -26.97
C GLU B 6 8.23 -37.96 -26.28
N LEU B 7 8.54 -37.70 -25.01
CA LEU B 7 9.44 -38.61 -24.26
C LEU B 7 8.66 -39.81 -23.75
N ASP B 8 9.09 -40.99 -24.17
CA ASP B 8 8.34 -42.22 -23.99
C ASP B 8 8.18 -42.55 -22.49
N VAL B 9 6.97 -42.36 -21.98
CA VAL B 9 6.69 -42.47 -20.53
C VAL B 9 7.05 -43.87 -19.98
N ASN B 10 6.48 -44.92 -20.58
CA ASN B 10 6.97 -46.30 -20.44
C ASN B 10 8.08 -46.53 -21.47
N GLY B 11 9.10 -45.68 -21.44
CA GLY B 11 10.18 -45.77 -22.40
C GLY B 11 11.28 -46.61 -21.82
N GLU B 12 12.45 -46.43 -22.40
CA GLU B 12 13.62 -47.19 -22.03
C GLU B 12 14.69 -46.16 -21.73
N ASP B 13 14.96 -45.31 -22.72
CA ASP B 13 15.70 -44.07 -22.47
C ASP B 13 15.06 -43.26 -21.32
N PHE B 14 13.75 -43.25 -21.18
CA PHE B 14 13.16 -42.60 -20.00
C PHE B 14 13.71 -43.31 -18.76
N ALA B 15 13.40 -44.60 -18.64
CA ALA B 15 13.82 -45.40 -17.50
C ALA B 15 15.32 -45.36 -17.26
N ARG B 16 16.07 -45.27 -18.35
CA ARG B 16 17.50 -45.09 -18.31
C ARG B 16 17.83 -43.74 -17.68
N ASN B 17 17.24 -42.70 -18.25
CA ASN B 17 17.44 -41.36 -17.74
C ASN B 17 16.98 -41.36 -16.29
N ARG B 18 15.76 -41.83 -16.05
CA ARG B 18 15.22 -41.89 -14.68
C ARG B 18 16.14 -42.60 -13.68
N GLU B 19 16.86 -43.63 -14.10
CA GLU B 19 17.76 -44.38 -13.20
C GLU B 19 19.02 -43.58 -12.94
N ALA B 20 19.58 -42.99 -13.98
CA ALA B 20 20.80 -42.24 -13.83
C ALA B 20 20.59 -41.04 -12.90
N MET B 21 19.47 -40.34 -13.10
CA MET B 21 19.16 -39.12 -12.34
C MET B 21 19.00 -39.46 -10.87
N LEU B 22 18.25 -40.54 -10.63
CA LEU B 22 18.00 -41.04 -9.29
C LEU B 22 19.29 -41.43 -8.58
N ALA B 23 20.25 -41.91 -9.35
CA ALA B 23 21.57 -42.24 -8.81
C ALA B 23 22.31 -40.99 -8.33
N ALA B 24 22.21 -39.90 -9.09
CA ALA B 24 22.82 -38.61 -8.73
C ALA B 24 22.12 -37.98 -7.50
N VAL B 25 20.78 -37.94 -7.49
CA VAL B 25 20.06 -37.53 -6.29
C VAL B 25 20.54 -38.33 -5.07
N ALA B 26 20.48 -39.66 -5.20
CA ALA B 26 20.82 -40.57 -4.10
C ALA B 26 22.20 -40.25 -3.61
N GLY B 27 23.09 -40.03 -4.56
CA GLY B 27 24.43 -39.61 -4.22
C GLY B 27 24.47 -38.43 -3.24
N PHE B 28 23.82 -37.32 -3.60
CA PHE B 28 24.04 -36.07 -2.86
C PHE B 28 23.23 -36.13 -1.58
N ARG B 29 22.03 -36.70 -1.69
CA ARG B 29 21.17 -37.00 -0.54
C ARG B 29 21.89 -37.85 0.50
N GLU B 30 22.62 -38.84 -0.01
CA GLU B 30 23.44 -39.66 0.85
C GLU B 30 24.42 -38.78 1.59
N LEU B 31 25.09 -37.91 0.85
CA LEU B 31 26.09 -37.05 1.45
C LEU B 31 25.47 -36.05 2.46
N GLU B 32 24.22 -35.66 2.26
CA GLU B 32 23.55 -34.78 3.19
C GLU B 32 23.42 -35.49 4.53
N GLN B 33 22.90 -36.72 4.49
CA GLN B 33 22.75 -37.57 5.66
C GLN B 33 24.05 -37.77 6.44
N LYS B 34 25.17 -37.94 5.74
CA LYS B 34 26.44 -38.22 6.43
C LYS B 34 26.95 -37.03 7.20
N VAL B 35 26.48 -35.83 6.86
CA VAL B 35 26.73 -34.67 7.69
C VAL B 35 25.79 -34.70 8.90
N LEU B 36 24.56 -35.19 8.70
CA LEU B 36 23.63 -35.42 9.82
C LEU B 36 24.18 -36.48 10.77
N ASP B 37 24.75 -37.53 10.19
CA ASP B 37 25.29 -38.61 10.95
C ASP B 37 26.41 -38.10 11.82
N LYS B 38 27.42 -37.47 11.23
CA LYS B 38 28.52 -36.93 12.02
C LYS B 38 28.08 -36.00 13.18
N ALA B 39 27.05 -35.19 12.95
CA ALA B 39 26.44 -34.36 14.02
C ALA B 39 25.81 -35.20 15.13
N ALA B 40 25.05 -36.24 14.75
CA ALA B 40 24.38 -37.16 15.72
C ALA B 40 25.35 -37.95 16.63
N GLU B 41 26.57 -38.17 16.15
CA GLU B 41 27.65 -38.70 16.99
C GLU B 41 28.16 -37.61 17.95
N ALA B 42 27.22 -36.85 18.52
CA ALA B 42 27.42 -36.11 19.76
C ALA B 42 26.13 -36.02 20.61
N ARG B 43 25.11 -36.82 20.29
CA ARG B 43 23.91 -36.95 21.13
C ARG B 43 24.22 -37.17 22.62
N PRO B 44 25.22 -38.00 22.95
CA PRO B 44 25.66 -38.10 24.35
C PRO B 44 26.12 -36.75 24.99
N LYS B 45 27.04 -36.03 24.34
CA LYS B 45 27.61 -34.77 24.89
C LYS B 45 26.53 -33.72 25.07
N PHE B 46 25.59 -33.70 24.12
CA PHE B 46 24.47 -32.79 24.19
C PHE B 46 23.52 -33.22 25.30
N GLU B 47 23.07 -34.47 25.23
CA GLU B 47 22.14 -35.05 26.22
C GLU B 47 22.67 -34.93 27.66
N LYS B 48 23.96 -35.17 27.85
CA LYS B 48 24.65 -34.94 29.15
C LYS B 48 24.50 -33.50 29.66
N ARG B 49 24.87 -32.54 28.82
CA ARG B 49 24.69 -31.11 29.13
C ARG B 49 23.20 -30.72 29.23
N GLY B 50 22.32 -31.53 28.65
CA GLY B 50 20.90 -31.23 28.67
C GLY B 50 20.53 -30.27 27.55
N GLN B 51 21.13 -30.52 26.38
CA GLN B 51 20.98 -29.67 25.23
C GLN B 51 20.20 -30.42 24.19
N LEU B 52 19.55 -29.68 23.31
CA LEU B 52 18.95 -30.21 22.12
C LEU B 52 20.02 -30.05 21.08
N LEU B 53 20.07 -30.99 20.14
CA LEU B 53 20.97 -30.92 18.99
C LEU B 53 20.43 -29.86 18.03
N PRO B 54 21.32 -29.25 17.23
CA PRO B 54 20.94 -28.18 16.29
C PRO B 54 19.64 -28.43 15.57
N ARG B 55 19.50 -29.62 15.02
CA ARG B 55 18.32 -29.98 14.25
C ARG B 55 17.13 -30.24 15.11
N GLU B 56 17.34 -30.54 16.39
CA GLU B 56 16.20 -30.65 17.28
C GLU B 56 15.71 -29.25 17.61
N ARG B 57 16.67 -28.35 17.85
CA ARG B 57 16.45 -26.92 18.02
C ARG B 57 15.63 -26.35 16.89
N LEU B 58 16.08 -26.62 15.67
CA LEU B 58 15.34 -26.20 14.48
C LEU B 58 13.98 -26.86 14.33
N ALA B 59 13.85 -28.14 14.64
CA ALA B 59 12.52 -28.78 14.47
C ALA B 59 11.49 -28.20 15.46
N LEU B 60 11.99 -27.72 16.58
CA LEU B 60 11.10 -27.17 17.61
C LEU B 60 10.75 -25.74 17.26
N LEU B 61 11.70 -25.03 16.67
CA LEU B 61 11.50 -23.65 16.23
C LEU B 61 10.47 -23.56 15.06
N LEU B 62 10.56 -24.46 14.10
CA LEU B 62 9.68 -24.46 12.91
C LEU B 62 8.25 -24.96 13.12
N ASP B 63 7.36 -24.49 12.24
CA ASP B 63 5.95 -24.75 12.32
C ASP B 63 5.65 -26.15 11.80
N PRO B 64 4.67 -26.84 12.42
CA PRO B 64 4.37 -28.21 12.04
C PRO B 64 3.98 -28.40 10.58
N GLY B 65 4.80 -29.15 9.85
CA GLY B 65 4.53 -29.45 8.44
C GLY B 65 4.35 -28.22 7.56
N ALA B 66 5.14 -27.18 7.83
CA ALA B 66 5.20 -26.05 6.94
C ALA B 66 6.40 -26.32 6.07
N PRO B 67 6.42 -25.78 4.86
CA PRO B 67 7.59 -25.96 4.02
C PRO B 67 8.83 -25.37 4.63
N PHE B 68 9.95 -26.00 4.35
CA PHE B 68 11.22 -25.55 4.84
C PHE B 68 12.29 -25.80 3.78
N LEU B 69 12.90 -24.72 3.30
CA LEU B 69 13.83 -24.83 2.24
C LEU B 69 15.18 -24.65 2.81
N GLU B 70 15.99 -25.71 2.78
CA GLU B 70 17.33 -25.67 3.35
C GLU B 70 18.26 -25.07 2.33
N LEU B 71 19.24 -24.29 2.78
CA LEU B 71 20.14 -23.59 1.89
C LEU B 71 21.57 -24.00 2.13
N SER B 72 22.31 -24.27 1.06
CA SER B 72 23.75 -24.55 1.06
C SER B 72 24.23 -25.60 2.06
N SER B 73 23.50 -26.70 2.08
CA SER B 73 23.78 -27.81 3.00
C SER B 73 25.19 -28.44 2.75
N LEU B 74 25.66 -28.49 1.52
CA LEU B 74 26.98 -29.03 1.25
C LEU B 74 28.07 -27.98 1.09
N ALA B 75 27.80 -26.78 1.57
CA ALA B 75 28.75 -25.69 1.34
C ALA B 75 30.04 -26.10 1.96
N GLY B 76 31.12 -25.83 1.24
CA GLY B 76 32.46 -26.10 1.73
C GLY B 76 32.74 -27.59 1.81
N TYR B 77 32.02 -28.41 1.03
CA TYR B 77 32.16 -29.86 1.18
C TYR B 77 33.60 -30.34 1.40
N LYS B 78 34.54 -30.05 0.51
CA LYS B 78 35.95 -30.31 0.87
C LYS B 78 36.94 -29.18 0.49
N LEU B 79 37.03 -28.20 1.39
CA LEU B 79 37.94 -27.07 1.29
C LEU B 79 38.61 -26.77 2.66
N HIS B 80 38.50 -27.69 3.62
CA HIS B 80 38.98 -27.48 4.99
C HIS B 80 40.51 -27.51 5.00
N ALA B 88 31.79 -28.90 6.45
CA ALA B 88 30.82 -29.15 5.36
C ALA B 88 29.42 -28.75 5.77
N GLY B 89 28.83 -27.87 4.96
CA GLY B 89 27.63 -27.14 5.34
C GLY B 89 27.99 -25.84 6.05
N GLY B 90 29.27 -25.58 6.23
CA GLY B 90 29.74 -24.35 6.82
C GLY B 90 29.80 -24.27 8.33
N GLY B 91 29.23 -25.25 9.00
CA GLY B 91 29.03 -25.12 10.41
C GLY B 91 27.72 -24.41 10.66
N ILE B 92 26.85 -24.35 9.63
CA ILE B 92 25.55 -23.72 9.73
C ILE B 92 24.52 -24.58 9.07
N ILE B 93 23.32 -24.62 9.66
CA ILE B 93 22.14 -25.21 9.08
C ILE B 93 21.11 -24.06 8.94
N ALA B 94 20.65 -23.77 7.72
CA ALA B 94 19.85 -22.57 7.47
C ALA B 94 18.83 -22.76 6.41
N GLY B 95 17.79 -21.93 6.43
CA GLY B 95 16.71 -22.09 5.45
C GLY B 95 15.58 -21.12 5.61
N ILE B 96 14.62 -21.25 4.72
CA ILE B 96 13.46 -20.43 4.77
C ILE B 96 12.28 -21.29 5.16
N GLY B 97 11.79 -21.00 6.36
CA GLY B 97 10.61 -21.64 6.86
C GLY B 97 9.78 -20.71 7.69
N TYR B 98 8.85 -21.31 8.39
CA TYR B 98 7.81 -20.60 9.10
C TYR B 98 7.91 -20.70 10.63
N ILE B 99 7.98 -19.57 11.32
CA ILE B 99 7.90 -19.45 12.77
C ILE B 99 6.60 -18.73 13.12
N ALA B 100 5.66 -19.42 13.73
CA ALA B 100 4.39 -18.81 14.11
C ALA B 100 3.62 -18.13 12.98
N GLY B 101 3.59 -18.74 11.80
CA GLY B 101 2.99 -18.11 10.63
C GLY B 101 3.89 -17.13 9.85
N VAL B 102 5.02 -16.72 10.42
CA VAL B 102 5.90 -15.79 9.75
C VAL B 102 7.01 -16.49 9.00
N ARG B 103 7.32 -16.01 7.82
CA ARG B 103 8.34 -16.68 7.02
C ARG B 103 9.69 -16.04 7.34
N CYS B 104 10.66 -16.84 7.78
CA CYS B 104 11.90 -16.28 8.29
C CYS B 104 13.05 -16.96 7.67
N LEU B 105 14.17 -16.30 7.75
CA LEU B 105 15.42 -16.91 7.43
C LEU B 105 15.91 -17.41 8.78
N VAL B 106 16.07 -18.71 8.84
CA VAL B 106 16.28 -19.46 10.04
C VAL B 106 17.64 -20.13 9.95
N SER B 107 18.39 -20.08 11.03
CA SER B 107 19.79 -20.48 10.98
C SER B 107 20.15 -21.07 12.35
N ALA B 108 20.85 -22.20 12.38
CA ALA B 108 21.41 -22.72 13.66
C ALA B 108 22.88 -23.09 13.53
N SER B 109 23.74 -22.57 14.40
CA SER B 109 25.12 -23.06 14.45
C SER B 109 25.12 -24.58 14.57
N ASN B 110 25.99 -25.22 13.79
CA ASN B 110 26.06 -26.66 13.77
C ASN B 110 27.21 -27.07 14.66
N SER B 111 26.89 -27.07 15.96
CA SER B 111 27.83 -27.24 17.06
C SER B 111 28.00 -28.73 17.46
N ALA B 112 27.22 -29.59 16.83
CA ALA B 112 27.45 -31.04 16.83
C ALA B 112 28.57 -31.51 15.85
N ILE B 113 29.12 -30.60 15.04
CA ILE B 113 30.24 -30.89 14.13
C ILE B 113 31.41 -29.92 14.44
N LYS B 114 32.57 -30.47 14.76
CA LYS B 114 33.77 -29.67 15.08
C LYS B 114 33.44 -28.49 15.99
N GLY B 115 32.36 -28.62 16.75
CA GLY B 115 31.88 -27.56 17.65
C GLY B 115 31.56 -26.23 17.00
N GLY B 116 30.68 -26.27 15.98
CA GLY B 116 30.15 -25.04 15.39
C GLY B 116 31.06 -24.52 14.31
N THR B 117 31.83 -23.49 14.65
CA THR B 117 33.07 -23.10 13.92
C THR B 117 32.97 -22.66 12.44
N ILE B 118 33.64 -21.55 12.15
CA ILE B 118 33.47 -20.83 10.91
C ILE B 118 34.80 -20.63 10.19
N SER B 119 34.75 -20.81 8.89
CA SER B 119 35.88 -20.80 7.98
C SER B 119 35.54 -19.85 6.82
N PRO B 120 36.42 -19.76 5.80
CA PRO B 120 36.07 -19.03 4.58
C PRO B 120 34.71 -19.37 4.04
N THR B 121 34.45 -20.66 3.89
CA THR B 121 33.17 -21.14 3.40
C THR B 121 32.03 -20.71 4.36
N GLY B 122 32.31 -20.62 5.65
CA GLY B 122 31.30 -20.17 6.61
C GLY B 122 31.04 -18.67 6.57
N LEU B 123 32.09 -17.90 6.34
CA LEU B 123 31.96 -16.50 6.05
C LEU B 123 31.05 -16.33 4.81
N LYS B 124 31.34 -17.10 3.78
CA LYS B 124 30.68 -16.93 2.51
C LYS B 124 29.21 -17.31 2.62
N LYS B 125 28.93 -18.40 3.31
CA LYS B 125 27.56 -18.87 3.45
C LYS B 125 26.75 -17.85 4.26
N THR B 126 27.42 -17.13 5.14
CA THR B 126 26.77 -16.20 6.04
C THR B 126 26.38 -14.90 5.33
N LEU B 127 27.30 -14.34 4.57
CA LEU B 127 27.06 -13.18 3.72
C LEU B 127 25.91 -13.51 2.74
N ARG B 128 25.92 -14.70 2.17
CA ARG B 128 24.85 -15.06 1.26
C ARG B 128 23.50 -15.17 1.93
N LEU B 129 23.47 -15.74 3.14
CA LEU B 129 22.22 -15.82 3.91
C LEU B 129 21.67 -14.44 4.22
N GLN B 130 22.58 -13.56 4.61
CA GLN B 130 22.26 -12.20 4.91
C GLN B 130 21.69 -11.47 3.65
N GLN B 131 22.27 -11.71 2.49
CA GLN B 131 21.75 -11.14 1.25
C GLN B 131 20.35 -11.67 1.02
N ILE B 132 20.14 -12.97 1.26
CA ILE B 132 18.83 -13.52 1.02
C ILE B 132 17.77 -12.85 1.91
N ALA B 133 18.08 -12.63 3.17
CA ALA B 133 17.17 -12.00 4.09
C ALA B 133 16.88 -10.56 3.72
N MET B 134 17.90 -9.80 3.42
CA MET B 134 17.77 -8.41 2.98
C MET B 134 16.83 -8.32 1.75
N GLU B 135 17.17 -9.02 0.70
CA GLU B 135 16.43 -8.94 -0.58
C GLU B 135 15.04 -9.49 -0.48
N ASN B 136 14.85 -10.46 0.41
CA ASN B 136 13.56 -11.04 0.54
C ASN B 136 12.78 -10.61 1.79
N LYS B 137 13.35 -9.69 2.55
CA LYS B 137 12.73 -9.12 3.75
C LYS B 137 12.24 -10.21 4.70
N LEU B 138 13.19 -11.02 5.18
CA LEU B 138 12.88 -12.09 6.10
C LEU B 138 13.53 -11.82 7.45
N PRO B 139 12.71 -11.81 8.50
CA PRO B 139 13.21 -11.77 9.85
C PRO B 139 14.25 -12.86 9.98
N VAL B 140 15.35 -12.63 10.70
CA VAL B 140 16.49 -13.53 10.78
C VAL B 140 16.50 -14.13 12.19
N VAL B 141 16.23 -15.44 12.27
CA VAL B 141 16.21 -16.17 13.51
C VAL B 141 17.43 -17.11 13.60
N THR B 142 18.29 -16.92 14.60
CA THR B 142 19.59 -17.52 14.65
C THR B 142 19.77 -18.23 16.00
N LEU B 143 20.09 -19.53 15.98
CA LEU B 143 20.28 -20.33 17.20
C LEU B 143 21.78 -20.56 17.24
N THR B 144 22.46 -19.76 18.04
CA THR B 144 23.91 -19.59 17.95
C THR B 144 24.66 -20.40 19.02
N GLU B 145 25.78 -20.97 18.62
CA GLU B 145 26.62 -21.74 19.52
C GLU B 145 27.86 -22.08 18.75
N SER B 146 28.92 -21.28 18.89
CA SER B 146 30.12 -21.53 18.11
C SER B 146 31.38 -21.56 18.95
N GLY B 147 31.70 -20.41 19.56
CA GLY B 147 32.97 -20.17 20.22
C GLY B 147 33.80 -19.15 19.46
N GLY B 148 34.52 -19.64 18.44
CA GLY B 148 35.29 -18.80 17.51
C GLY B 148 35.32 -19.41 16.12
N ALA B 149 36.18 -18.87 15.25
CA ALA B 149 36.39 -19.41 13.89
C ALA B 149 37.63 -20.33 13.83
N ASN B 150 37.73 -21.16 12.79
CA ASN B 150 38.90 -22.03 12.59
C ASN B 150 40.18 -21.21 12.73
N LEU B 151 41.03 -21.59 13.68
CA LEU B 151 42.24 -20.79 13.92
C LEU B 151 43.23 -20.97 12.76
N ASN B 152 43.07 -22.06 12.00
CA ASN B 152 43.70 -22.24 10.69
C ASN B 152 43.56 -21.04 9.74
N TYR B 153 42.41 -20.39 9.78
CA TYR B 153 42.06 -19.31 8.84
C TYR B 153 41.74 -17.95 9.49
N ALA B 154 41.65 -17.89 10.81
CA ALA B 154 41.19 -16.67 11.47
C ALA B 154 41.97 -15.44 11.03
N ALA B 155 43.30 -15.52 11.04
CA ALA B 155 44.10 -14.36 10.69
C ALA B 155 43.99 -14.01 9.21
N GLU B 156 43.60 -14.99 8.40
CA GLU B 156 43.56 -14.82 6.96
C GLU B 156 42.29 -14.07 6.57
N ILE B 157 41.35 -14.03 7.49
CA ILE B 157 39.93 -13.91 7.19
C ILE B 157 39.21 -12.88 8.08
N PHE B 158 39.86 -12.40 9.16
CA PHE B 158 39.12 -11.70 10.19
C PHE B 158 38.71 -10.30 9.68
N VAL B 159 39.51 -9.72 8.80
CA VAL B 159 39.15 -8.45 8.23
C VAL B 159 37.83 -8.55 7.43
N GLU B 160 37.76 -9.48 6.49
CA GLU B 160 36.57 -9.63 5.63
C GLU B 160 35.37 -10.15 6.41
N GLY B 161 35.64 -10.78 7.55
CA GLY B 161 34.60 -11.31 8.42
C GLY B 161 33.80 -10.17 9.03
N ALA B 162 34.39 -8.98 9.13
CA ALA B 162 33.64 -7.86 9.62
C ALA B 162 32.39 -7.50 8.77
N ARG B 163 32.34 -7.90 7.51
CA ARG B 163 31.20 -7.60 6.66
C ARG B 163 29.93 -8.21 7.15
N GLY B 164 30.03 -9.39 7.77
CA GLY B 164 28.87 -10.02 8.36
C GLY B 164 28.26 -9.12 9.46
N PHE B 165 29.11 -8.44 10.21
CA PHE B 165 28.66 -7.53 11.28
C PHE B 165 28.08 -6.22 10.75
N ALA B 166 28.82 -5.60 9.85
CA ALA B 166 28.27 -4.57 8.95
C ALA B 166 26.84 -4.92 8.44
N ASN B 167 26.63 -6.09 7.85
CA ASN B 167 25.30 -6.48 7.37
C ASN B 167 24.21 -6.51 8.45
N GLN B 168 24.57 -7.01 9.64
CA GLN B 168 23.65 -7.10 10.78
C GLN B 168 23.22 -5.70 11.24
N ALA B 169 24.15 -4.77 11.22
CA ALA B 169 23.86 -3.44 11.63
C ALA B 169 22.91 -2.84 10.60
N ARG B 170 23.13 -3.15 9.32
CA ARG B 170 22.34 -2.55 8.26
C ARG B 170 20.94 -3.20 8.16
N ILE B 171 20.87 -4.49 8.45
CA ILE B 171 19.61 -5.20 8.46
C ILE B 171 18.66 -4.63 9.52
N SER B 172 19.25 -4.22 10.63
CA SER B 172 18.47 -3.66 11.72
C SER B 172 17.95 -2.31 11.25
N ALA B 173 18.81 -1.53 10.61
CA ALA B 173 18.42 -0.21 10.10
C ALA B 173 17.38 -0.30 9.00
N MET B 174 17.38 -1.39 8.23
CA MET B 174 16.36 -1.62 7.19
C MET B 174 14.98 -1.92 7.79
N GLY B 175 14.95 -2.37 9.04
CA GLY B 175 13.72 -2.75 9.69
C GLY B 175 13.40 -4.25 9.60
N ILE B 176 14.42 -5.07 9.41
CA ILE B 176 14.29 -6.54 9.37
C ILE B 176 14.79 -7.10 10.72
N PRO B 177 13.89 -7.57 11.57
CA PRO B 177 14.30 -7.97 12.91
C PRO B 177 15.19 -9.23 12.93
N GLN B 178 16.16 -9.21 13.82
CA GLN B 178 17.06 -10.32 14.04
C GLN B 178 16.80 -10.85 15.47
N VAL B 179 16.41 -12.11 15.56
CA VAL B 179 16.24 -12.78 16.83
C VAL B 179 17.35 -13.80 16.98
N THR B 180 18.12 -13.68 18.06
CA THR B 180 19.23 -14.58 18.36
C THR B 180 19.09 -15.25 19.78
N VAL B 181 18.96 -16.57 19.74
CA VAL B 181 19.12 -17.45 20.91
C VAL B 181 20.60 -17.92 21.03
N VAL B 182 21.22 -17.58 22.15
CA VAL B 182 22.57 -17.98 22.43
C VAL B 182 22.50 -19.20 23.32
N HIS B 183 22.73 -20.35 22.69
CA HIS B 183 22.73 -21.65 23.32
C HIS B 183 24.06 -22.10 23.91
N GLY B 184 25.14 -21.39 23.60
CA GLY B 184 26.46 -21.83 23.92
C GLY B 184 27.33 -20.62 23.90
N SER B 185 28.54 -20.78 23.39
CA SER B 185 29.51 -19.73 23.50
C SER B 185 29.52 -18.87 22.25
N SER B 186 29.82 -17.60 22.44
CA SER B 186 29.86 -16.67 21.35
C SER B 186 30.81 -15.59 21.77
N THR B 187 32.09 -15.87 21.57
CA THR B 187 33.12 -15.14 22.28
C THR B 187 34.06 -14.47 21.30
N ALA B 188 34.98 -13.65 21.78
CA ALA B 188 35.86 -13.01 20.83
C ALA B 188 35.01 -12.13 19.91
N GLY B 189 35.35 -12.09 18.62
CA GLY B 189 34.63 -11.26 17.68
C GLY B 189 33.19 -11.71 17.50
N GLY B 190 32.90 -13.01 17.67
CA GLY B 190 31.54 -13.55 17.54
C GLY B 190 30.58 -13.23 18.68
N ALA B 191 31.06 -12.51 19.69
CA ALA B 191 30.17 -11.90 20.69
C ALA B 191 29.28 -10.87 19.98
N TYR B 192 29.80 -10.26 18.93
CA TYR B 192 29.05 -9.27 18.19
C TYR B 192 27.90 -9.86 17.34
N GLN B 193 27.86 -11.17 17.09
CA GLN B 193 26.71 -11.69 16.37
C GLN B 193 25.43 -11.52 17.22
N PRO B 194 25.44 -11.98 18.49
CA PRO B 194 24.29 -11.59 19.34
C PRO B 194 24.24 -10.11 19.60
N GLY B 195 25.41 -9.50 19.75
CA GLY B 195 25.49 -8.04 19.98
C GLY B 195 24.78 -7.18 18.93
N LEU B 196 24.77 -7.60 17.68
CA LEU B 196 24.15 -6.81 16.64
C LEU B 196 22.78 -7.38 16.24
N SER B 197 22.24 -8.27 17.08
CA SER B 197 20.90 -8.80 16.89
C SER B 197 19.93 -7.89 17.64
N ASP B 198 18.64 -7.91 17.31
CA ASP B 198 17.69 -7.03 17.97
C ASP B 198 17.11 -7.65 19.24
N TYR B 199 16.90 -8.94 19.19
CA TYR B 199 16.40 -9.66 20.34
C TYR B 199 17.35 -10.78 20.65
N VAL B 200 17.98 -10.70 21.82
CA VAL B 200 18.87 -11.80 22.30
C VAL B 200 18.29 -12.54 23.50
N VAL B 201 18.14 -13.83 23.30
CA VAL B 201 17.74 -14.78 24.32
C VAL B 201 19.01 -15.49 24.75
N VAL B 202 19.22 -15.58 26.05
CA VAL B 202 20.44 -16.21 26.54
C VAL B 202 20.11 -17.37 27.52
N VAL B 203 20.63 -18.58 27.24
CA VAL B 203 20.21 -19.83 27.94
C VAL B 203 21.08 -20.01 29.18
N ARG B 204 20.47 -20.19 30.34
CA ARG B 204 21.25 -20.07 31.60
C ARG B 204 22.19 -21.26 31.78
N GLY B 205 23.39 -21.00 32.27
CA GLY B 205 24.39 -22.05 32.47
C GLY B 205 25.13 -22.51 31.23
N LYS B 206 24.41 -22.69 30.12
CA LYS B 206 24.99 -23.03 28.81
C LYS B 206 24.87 -21.82 27.93
N ALA B 207 25.90 -20.97 27.89
CA ALA B 207 25.86 -19.70 27.14
C ALA B 207 26.86 -18.74 27.70
N LYS B 208 27.76 -18.27 26.86
CA LYS B 208 28.80 -17.38 27.33
C LYS B 208 29.18 -16.46 26.22
N MET B 209 29.23 -15.17 26.54
CA MET B 209 29.72 -14.19 25.61
C MET B 209 30.72 -13.28 26.29
N PHE B 210 31.89 -13.19 25.70
CA PHE B 210 32.88 -12.24 26.18
C PHE B 210 33.87 -12.04 25.08
N LEU B 211 34.59 -10.93 25.15
CA LEU B 211 35.54 -10.60 24.11
C LEU B 211 36.81 -11.40 24.29
N ALA B 212 37.20 -11.66 25.53
CA ALA B 212 38.23 -12.65 25.80
C ALA B 212 37.80 -13.52 26.96
N GLY B 213 37.89 -14.82 26.76
CA GLY B 213 37.74 -15.79 27.83
C GLY B 213 38.93 -15.74 28.78
N PRO B 214 38.85 -16.44 29.92
CA PRO B 214 39.87 -16.43 30.99
C PRO B 214 41.35 -16.30 30.53
N PRO B 215 41.83 -17.16 29.60
CA PRO B 215 43.12 -16.83 28.94
C PRO B 215 42.97 -15.76 27.85
N GLY B 222 46.56 -9.62 33.56
CA GLY B 222 46.67 -10.90 34.27
C GLY B 222 45.63 -11.10 35.37
N GLU B 223 44.36 -11.26 34.97
CA GLU B 223 43.21 -11.45 35.89
C GLU B 223 42.67 -12.89 35.76
N ILE B 224 42.01 -13.40 36.79
CA ILE B 224 41.53 -14.79 36.76
C ILE B 224 40.03 -14.80 37.05
N ALA B 225 39.28 -15.53 36.24
CA ALA B 225 37.83 -15.47 36.35
C ALA B 225 37.15 -16.70 35.79
N SER B 226 36.02 -17.04 36.42
CA SER B 226 35.15 -18.08 35.91
C SER B 226 34.57 -17.55 34.61
N ASP B 227 34.38 -18.40 33.62
CA ASP B 227 33.83 -17.89 32.38
C ASP B 227 32.41 -17.37 32.63
N GLU B 228 31.73 -17.93 33.64
CA GLU B 228 30.44 -17.44 34.08
C GLU B 228 30.50 -16.07 34.78
N GLU B 229 31.55 -15.79 35.56
CA GLU B 229 31.76 -14.46 36.15
C GLU B 229 32.05 -13.41 35.08
N LEU B 230 32.48 -13.92 33.93
CA LEU B 230 33.00 -13.12 32.84
C LEU B 230 31.90 -12.75 31.85
N GLY B 231 31.03 -13.73 31.53
CA GLY B 231 30.03 -13.52 30.51
C GLY B 231 28.97 -14.59 30.35
N GLY B 232 28.49 -15.17 31.44
CA GLY B 232 27.45 -16.15 31.37
C GLY B 232 26.11 -15.48 31.20
N ALA B 233 25.08 -16.29 30.97
CA ALA B 233 23.72 -15.80 30.68
C ALA B 233 23.18 -14.82 31.70
N GLU B 234 23.42 -15.10 32.97
CA GLU B 234 22.82 -14.32 34.03
C GLU B 234 23.49 -12.97 34.13
N LEU B 235 24.78 -12.96 33.91
CA LEU B 235 25.52 -11.73 33.90
C LEU B 235 25.05 -10.76 32.80
N HIS B 236 24.81 -11.31 31.61
CA HIS B 236 24.42 -10.49 30.48
C HIS B 236 22.97 -10.06 30.57
N ALA B 237 22.13 -10.90 31.16
CA ALA B 237 20.70 -10.59 31.36
C ALA B 237 20.43 -9.68 32.53
N GLN B 238 21.24 -9.80 33.59
CA GLN B 238 20.98 -9.01 34.84
C GLN B 238 21.88 -7.83 35.06
N VAL B 239 23.14 -7.94 34.67
CA VAL B 239 24.06 -6.89 35.00
C VAL B 239 24.31 -5.98 33.81
N ALA B 240 24.86 -6.54 32.74
CA ALA B 240 25.27 -5.74 31.58
C ALA B 240 24.05 -5.33 30.72
N GLY B 241 23.06 -6.21 30.63
CA GLY B 241 21.90 -5.94 29.81
C GLY B 241 22.14 -6.14 28.33
N THR B 242 22.94 -7.16 28.00
CA THR B 242 23.19 -7.43 26.60
C THR B 242 22.17 -8.46 26.10
N ALA B 243 21.31 -8.97 26.97
CA ALA B 243 20.27 -9.87 26.53
C ALA B 243 18.91 -9.39 26.97
N GLU B 244 17.88 -9.92 26.32
CA GLU B 244 16.53 -9.50 26.65
C GLU B 244 15.74 -10.57 27.35
N TYR B 245 16.12 -11.81 27.16
CA TYR B 245 15.37 -12.86 27.73
C TYR B 245 16.33 -13.92 28.24
N LEU B 246 15.96 -14.51 29.37
CA LEU B 246 16.78 -15.50 30.04
C LEU B 246 15.97 -16.77 29.95
N ALA B 247 16.45 -17.73 29.17
CA ALA B 247 15.81 -19.03 29.01
C ALA B 247 16.48 -20.08 29.89
N GLU B 248 15.68 -21.03 30.33
CA GLU B 248 16.14 -22.08 31.25
C GLU B 248 16.93 -23.22 30.59
N ASN B 249 16.72 -23.41 29.31
CA ASN B 249 17.21 -24.56 28.57
C ASN B 249 16.94 -24.34 27.09
N ASP B 250 17.57 -25.15 26.25
CA ASP B 250 17.51 -24.97 24.82
C ASP B 250 16.05 -24.86 24.36
N ALA B 251 15.23 -25.80 24.85
CA ALA B 251 13.83 -25.83 24.49
C ALA B 251 13.10 -24.52 24.88
N ASP B 252 13.47 -23.96 26.02
CA ASP B 252 12.85 -22.75 26.54
C ASP B 252 13.30 -21.54 25.71
N GLY B 253 14.52 -21.61 25.18
CA GLY B 253 15.07 -20.56 24.37
C GLY B 253 14.33 -20.49 23.05
N VAL B 254 14.18 -21.65 22.41
CA VAL B 254 13.50 -21.74 21.13
C VAL B 254 12.05 -21.29 21.32
N ARG B 255 11.51 -21.63 22.46
CA ARG B 255 10.20 -21.23 22.84
C ARG B 255 10.08 -19.71 22.84
N LEU B 256 11.00 -19.06 23.51
CA LEU B 256 11.00 -17.62 23.57
C LEU B 256 11.20 -16.98 22.17
N ALA B 257 12.00 -17.61 21.33
CA ALA B 257 12.21 -17.11 19.99
C ALA B 257 10.92 -17.17 19.12
N ARG B 258 10.08 -18.20 19.33
CA ARG B 258 8.84 -18.31 18.59
C ARG B 258 7.92 -17.20 19.05
N GLU B 259 7.93 -16.94 20.35
CA GLU B 259 6.98 -16.01 20.96
C GLU B 259 7.31 -14.58 20.56
N ILE B 260 8.59 -14.26 20.41
CA ILE B 260 9.02 -12.98 19.88
C ILE B 260 8.48 -12.86 18.44
N VAL B 261 8.65 -13.89 17.63
CA VAL B 261 8.23 -13.78 16.25
C VAL B 261 6.71 -13.68 16.21
N GLY B 262 6.06 -14.51 17.01
CA GLY B 262 4.61 -14.53 17.18
C GLY B 262 3.93 -13.26 17.65
N MET B 263 4.67 -12.38 18.31
CA MET B 263 4.14 -11.11 18.82
C MET B 263 4.37 -9.91 17.88
N LEU B 264 5.08 -10.09 16.78
CA LEU B 264 5.27 -9.04 15.80
C LEU B 264 3.98 -8.93 14.99
N PRO B 265 3.57 -7.73 14.61
CA PRO B 265 2.49 -7.67 13.66
C PRO B 265 3.02 -7.80 12.22
N TRP B 266 3.83 -8.81 11.97
CA TRP B 266 4.63 -8.79 10.75
C TRP B 266 3.73 -9.03 9.56
N ASN B 267 2.86 -10.04 9.65
CA ASN B 267 1.99 -10.35 8.53
C ASN B 267 0.89 -9.35 8.33
N ALA B 268 0.56 -8.63 9.39
CA ALA B 268 -0.43 -7.57 9.33
C ALA B 268 0.04 -6.38 8.48
N GLN B 269 1.30 -6.36 8.11
CA GLN B 269 1.82 -5.28 7.33
C GLN B 269 1.44 -5.48 5.83
N LEU B 270 1.09 -6.70 5.44
CA LEU B 270 0.90 -7.01 4.02
C LEU B 270 -0.49 -6.62 3.63
N PRO B 271 -0.71 -6.36 2.33
CA PRO B 271 -2.05 -6.24 1.80
C PRO B 271 -2.63 -7.64 1.58
N ALA B 272 -3.95 -7.75 1.47
CA ALA B 272 -4.60 -9.05 1.13
C ALA B 272 -4.41 -9.44 -0.35
N ARG B 273 -4.64 -10.73 -0.66
CA ARG B 273 -4.64 -11.20 -2.05
C ARG B 273 -6.03 -11.67 -2.53
N SER B 277 -6.62 -21.60 -7.38
CA SER B 277 -6.82 -20.81 -8.57
C SER B 277 -5.75 -21.15 -9.61
N TRP B 278 -5.43 -22.45 -9.74
CA TRP B 278 -4.62 -22.92 -10.86
C TRP B 278 -4.85 -24.36 -11.29
N ARG B 279 -4.51 -24.64 -12.55
CA ARG B 279 -4.47 -25.99 -13.08
C ARG B 279 -3.11 -26.62 -12.81
N GLU B 280 -3.13 -27.91 -12.47
CA GLU B 280 -1.90 -28.67 -12.32
C GLU B 280 -1.34 -28.95 -13.72
N PRO B 281 -0.09 -29.41 -13.79
CA PRO B 281 0.41 -29.78 -15.10
C PRO B 281 -0.29 -31.03 -15.61
N LEU B 282 -0.36 -31.22 -16.92
CA LEU B 282 -0.96 -32.44 -17.52
C LEU B 282 -0.07 -33.67 -17.37
N TYR B 283 1.22 -33.46 -17.11
CA TYR B 283 2.19 -34.53 -17.03
C TYR B 283 2.82 -34.51 -15.64
N PRO B 284 2.70 -35.60 -14.86
CA PRO B 284 3.27 -35.69 -13.52
C PRO B 284 4.70 -35.14 -13.39
N VAL B 285 5.01 -34.47 -12.27
CA VAL B 285 6.35 -33.92 -12.03
C VAL B 285 7.36 -34.99 -11.78
N GLU B 286 6.94 -36.16 -11.29
CA GLU B 286 7.87 -37.32 -11.15
C GLU B 286 8.64 -37.55 -12.45
N GLU B 287 7.99 -37.35 -13.61
CA GLU B 287 8.64 -37.60 -14.91
C GLU B 287 9.96 -36.83 -15.13
N LEU B 288 10.20 -35.78 -14.36
CA LEU B 288 11.40 -34.97 -14.49
C LEU B 288 12.73 -35.69 -14.21
N LEU B 289 12.67 -36.84 -13.52
CA LEU B 289 13.83 -37.73 -13.35
C LEU B 289 14.30 -38.33 -14.67
N GLY B 290 13.35 -38.61 -15.56
CA GLY B 290 13.65 -39.27 -16.82
C GLY B 290 13.53 -38.42 -18.07
N VAL B 291 13.84 -37.13 -17.93
CA VAL B 291 13.72 -36.13 -19.02
C VAL B 291 15.07 -35.79 -19.60
N VAL B 292 16.07 -35.75 -18.74
CA VAL B 292 17.45 -35.44 -19.09
C VAL B 292 18.16 -36.70 -19.52
N PRO B 293 18.65 -36.75 -20.79
CA PRO B 293 19.41 -37.90 -21.21
C PRO B 293 20.47 -38.30 -20.17
N ALA B 294 20.55 -39.59 -19.89
CA ALA B 294 21.58 -40.18 -19.04
C ALA B 294 22.97 -39.82 -19.58
N ASP B 295 23.04 -39.76 -20.90
CA ASP B 295 24.20 -39.28 -21.61
C ASP B 295 24.07 -37.75 -21.76
N PRO B 296 24.82 -36.96 -20.96
CA PRO B 296 24.63 -35.49 -20.99
C PRO B 296 24.97 -34.89 -22.36
N LYS B 297 25.94 -35.50 -23.07
CA LYS B 297 26.34 -35.04 -24.40
C LYS B 297 25.17 -35.06 -25.40
N LYS B 298 24.17 -35.88 -25.14
CA LYS B 298 22.98 -35.92 -25.95
C LYS B 298 22.20 -34.61 -25.74
N PRO B 299 21.59 -34.08 -26.80
CA PRO B 299 20.79 -32.88 -26.64
C PRO B 299 19.32 -33.20 -26.36
N TYR B 300 18.65 -32.39 -25.54
CA TYR B 300 17.21 -32.56 -25.35
C TYR B 300 16.53 -31.19 -25.46
N ASP B 301 15.23 -31.22 -25.71
CA ASP B 301 14.38 -30.05 -25.67
C ASP B 301 13.96 -29.62 -24.25
N VAL B 302 14.21 -28.36 -23.91
CA VAL B 302 13.91 -27.84 -22.56
C VAL B 302 12.43 -27.77 -22.27
N ARG B 303 11.64 -27.68 -23.34
CA ARG B 303 10.20 -27.66 -23.20
C ARG B 303 9.69 -28.92 -22.48
N GLU B 304 10.46 -30.02 -22.51
CA GLU B 304 10.05 -31.23 -21.83
C GLU B 304 10.12 -31.01 -20.34
N ILE B 305 11.13 -30.27 -19.87
CA ILE B 305 11.12 -29.78 -18.47
C ILE B 305 9.95 -28.83 -18.21
N VAL B 306 9.73 -27.89 -19.13
CA VAL B 306 8.67 -26.92 -18.97
C VAL B 306 7.31 -27.56 -18.80
N ALA B 307 7.07 -28.63 -19.52
CA ALA B 307 5.75 -29.27 -19.57
C ALA B 307 5.30 -29.96 -18.26
N ARG B 308 6.24 -30.15 -17.36
CA ARG B 308 5.99 -30.74 -16.06
C ARG B 308 5.95 -29.73 -14.90
N ILE B 309 6.53 -28.54 -15.09
CA ILE B 309 6.47 -27.46 -14.10
C ILE B 309 5.33 -26.45 -14.36
N ALA B 310 4.88 -26.31 -15.60
CA ALA B 310 3.89 -25.29 -15.95
C ALA B 310 2.47 -25.78 -15.71
N ASP B 311 1.64 -24.87 -15.19
CA ASP B 311 0.24 -25.09 -15.04
C ASP B 311 -0.27 -25.52 -16.39
N GLY B 312 -1.25 -26.43 -16.39
CA GLY B 312 -1.86 -26.95 -17.62
C GLY B 312 -0.87 -27.45 -18.67
N SER B 313 0.39 -27.62 -18.27
CA SER B 313 1.53 -27.73 -19.19
C SER B 313 1.59 -26.61 -20.25
N GLU B 314 0.89 -25.51 -20.01
CA GLU B 314 0.78 -24.43 -21.02
C GLU B 314 2.08 -23.60 -21.09
N PHE B 315 2.44 -23.22 -22.30
CA PHE B 315 3.68 -22.52 -22.57
C PHE B 315 3.51 -21.74 -23.85
N LEU B 316 3.69 -20.42 -23.76
CA LEU B 316 3.65 -19.55 -24.91
C LEU B 316 5.05 -19.28 -25.34
N ASP B 317 5.39 -19.83 -26.48
CA ASP B 317 6.71 -19.79 -26.98
C ASP B 317 6.97 -18.46 -27.64
N PHE B 318 8.10 -17.84 -27.32
CA PHE B 318 8.38 -16.48 -27.74
C PHE B 318 9.53 -16.49 -28.73
N LYS B 319 9.31 -15.91 -29.90
CA LYS B 319 10.34 -15.64 -30.90
C LYS B 319 11.18 -16.88 -31.25
N ASN B 320 10.51 -18.04 -31.26
CA ASN B 320 11.19 -19.28 -31.50
C ASN B 320 11.73 -19.34 -32.91
N GLU B 321 10.95 -18.86 -33.87
CA GLU B 321 11.38 -18.81 -35.27
C GLU B 321 12.59 -17.93 -35.60
N PHE B 322 12.93 -17.00 -34.71
CA PHE B 322 14.09 -16.13 -34.91
C PHE B 322 15.32 -16.92 -34.50
N ASP B 323 15.20 -17.73 -33.46
CA ASP B 323 16.31 -18.53 -33.00
C ASP B 323 15.71 -19.53 -32.05
N GLY B 324 15.83 -20.81 -32.39
CA GLY B 324 15.26 -21.90 -31.59
C GLY B 324 16.24 -22.48 -30.59
N GLN B 325 17.51 -22.06 -30.68
CA GLN B 325 18.56 -22.42 -29.70
C GLN B 325 18.59 -21.66 -28.36
N THR B 326 17.99 -20.47 -28.27
CA THR B 326 17.72 -19.85 -26.99
C THR B 326 16.20 -19.90 -26.91
N VAL B 327 15.67 -20.66 -25.96
CA VAL B 327 14.23 -20.76 -25.85
C VAL B 327 13.71 -19.75 -24.82
N CYS B 328 12.71 -18.95 -25.22
CA CYS B 328 12.02 -18.12 -24.25
C CYS B 328 10.53 -18.39 -24.31
N GLY B 329 9.85 -18.16 -23.19
CA GLY B 329 8.40 -18.14 -23.26
C GLY B 329 7.74 -17.91 -21.94
N HIS B 330 6.43 -17.75 -21.97
CA HIS B 330 5.66 -17.49 -20.77
C HIS B 330 4.93 -18.74 -20.27
N LEU B 331 4.76 -18.80 -18.94
CA LEU B 331 4.00 -19.86 -18.27
C LEU B 331 3.45 -19.38 -16.91
N ARG B 332 2.57 -20.17 -16.31
CA ARG B 332 2.25 -19.93 -14.92
C ARG B 332 2.72 -21.12 -14.13
N ILE B 333 3.16 -20.87 -12.91
CA ILE B 333 3.57 -21.88 -11.93
C ILE B 333 2.79 -21.55 -10.69
N GLU B 334 1.85 -22.43 -10.38
CA GLU B 334 0.89 -22.24 -9.29
C GLU B 334 0.24 -20.89 -9.41
N GLY B 335 -0.20 -20.59 -10.62
CA GLY B 335 -0.88 -19.34 -10.86
C GLY B 335 0.05 -18.18 -11.06
N HIS B 336 1.32 -18.28 -10.61
CA HIS B 336 2.28 -17.19 -10.86
C HIS B 336 2.70 -17.13 -12.33
N ALA B 337 2.43 -15.98 -12.97
CA ALA B 337 2.91 -15.73 -14.33
C ALA B 337 4.41 -15.55 -14.31
N CYS B 338 5.15 -16.30 -15.14
CA CYS B 338 6.59 -16.12 -15.28
C CYS B 338 7.04 -16.12 -16.73
N GLY B 339 8.27 -15.65 -16.94
CA GLY B 339 8.94 -15.78 -18.22
C GLY B 339 10.10 -16.71 -17.99
N LEU B 340 10.41 -17.55 -18.98
CA LEU B 340 11.41 -18.60 -18.86
C LEU B 340 12.40 -18.48 -19.96
N ILE B 341 13.65 -18.67 -19.64
CA ILE B 341 14.66 -18.73 -20.65
C ILE B 341 15.54 -19.98 -20.47
N GLY B 342 15.60 -20.77 -21.54
CA GLY B 342 16.40 -21.98 -21.57
C GLY B 342 17.29 -22.14 -22.79
N ASN B 343 18.07 -23.22 -22.77
CA ASN B 343 19.05 -23.51 -23.80
C ASN B 343 18.83 -24.82 -24.51
N ASN B 344 18.69 -24.75 -25.82
CA ASN B 344 18.61 -25.92 -26.70
C ASN B 344 19.77 -25.92 -27.65
N GLY B 345 20.81 -25.15 -27.34
CA GLY B 345 21.99 -24.96 -28.21
C GLY B 345 22.74 -23.72 -27.72
N PRO B 346 23.96 -23.47 -28.25
CA PRO B 346 24.69 -22.27 -27.85
C PRO B 346 23.92 -20.94 -28.06
N ILE B 347 24.44 -19.86 -27.51
CA ILE B 347 23.76 -18.58 -27.59
C ILE B 347 24.22 -17.82 -28.84
N THR B 348 23.33 -17.59 -29.79
CA THR B 348 23.74 -16.86 -30.98
C THR B 348 23.54 -15.34 -30.78
N PRO B 349 24.02 -14.54 -31.71
CA PRO B 349 23.66 -13.13 -31.68
C PRO B 349 22.14 -12.93 -31.62
N GLN B 350 21.41 -13.73 -32.39
CA GLN B 350 19.97 -13.62 -32.47
C GLN B 350 19.31 -14.03 -31.13
N GLY B 351 19.83 -15.10 -30.52
CA GLY B 351 19.31 -15.59 -29.24
C GLY B 351 19.56 -14.61 -28.10
N ALA B 352 20.75 -14.03 -28.00
CA ALA B 352 21.08 -12.97 -27.03
C ALA B 352 20.15 -11.76 -27.17
N ALA B 353 20.07 -11.25 -28.41
CA ALA B 353 19.16 -10.16 -28.76
C ALA B 353 17.78 -10.48 -28.25
N LYS B 354 17.32 -11.67 -28.60
CA LYS B 354 15.97 -12.14 -28.23
C LYS B 354 15.74 -12.23 -26.74
N ALA B 355 16.74 -12.75 -26.04
CA ALA B 355 16.63 -12.96 -24.62
C ALA B 355 16.63 -11.57 -23.97
N ALA B 356 17.47 -10.67 -24.47
CA ALA B 356 17.51 -9.32 -23.90
C ALA B 356 16.15 -8.61 -24.05
N GLN B 357 15.54 -8.76 -25.22
CA GLN B 357 14.18 -8.25 -25.45
C GLN B 357 13.18 -8.86 -24.50
N PHE B 358 13.29 -10.17 -24.36
CA PHE B 358 12.37 -10.93 -23.56
C PHE B 358 12.44 -10.46 -22.10
N ILE B 359 13.64 -10.23 -21.61
CA ILE B 359 13.78 -9.77 -20.23
C ILE B 359 13.16 -8.37 -20.08
N GLN B 360 13.41 -7.48 -21.03
CA GLN B 360 12.76 -6.19 -21.00
C GLN B 360 11.24 -6.31 -21.00
N LEU B 361 10.68 -7.24 -21.76
CA LEU B 361 9.24 -7.42 -21.75
C LEU B 361 8.76 -7.90 -20.40
N CYS B 362 9.53 -8.78 -19.77
CA CYS B 362 9.09 -9.33 -18.50
C CYS B 362 9.12 -8.26 -17.44
N GLU B 363 10.10 -7.37 -17.52
CA GLU B 363 10.19 -6.24 -16.61
C GLU B 363 8.99 -5.36 -16.81
N GLN B 364 8.65 -5.12 -18.07
CA GLN B 364 7.55 -4.22 -18.38
C GLN B 364 6.25 -4.74 -17.82
N SER B 365 6.06 -6.05 -17.79
CA SER B 365 4.80 -6.61 -17.27
C SER B 365 4.96 -7.01 -15.82
N ASN B 366 6.10 -6.67 -15.24
CA ASN B 366 6.38 -7.07 -13.86
C ASN B 366 6.29 -8.59 -13.70
N THR B 367 6.81 -9.33 -14.66
CA THR B 367 6.72 -10.79 -14.69
C THR B 367 8.08 -11.33 -14.29
N PRO B 368 8.12 -12.22 -13.28
CA PRO B 368 9.38 -12.86 -12.85
C PRO B 368 9.99 -13.74 -13.95
N LEU B 369 11.30 -13.92 -13.87
CA LEU B 369 12.07 -14.64 -14.86
C LEU B 369 12.66 -15.93 -14.26
N LEU B 370 12.46 -17.04 -14.95
CA LEU B 370 13.18 -18.30 -14.68
C LEU B 370 14.25 -18.60 -15.72
N PHE B 371 15.47 -18.77 -15.24
CA PHE B 371 16.59 -19.22 -16.02
C PHE B 371 16.87 -20.74 -15.76
N LEU B 372 16.52 -21.56 -16.74
CA LEU B 372 16.98 -22.97 -16.76
C LEU B 372 18.29 -23.08 -17.54
N HIS B 373 19.41 -23.25 -16.87
CA HIS B 373 20.71 -23.37 -17.54
C HIS B 373 20.94 -24.77 -18.13
N ASN B 374 21.17 -24.82 -19.44
CA ASN B 374 21.83 -25.89 -20.14
C ASN B 374 22.70 -25.34 -21.27
N THR B 375 23.58 -24.39 -20.96
CA THR B 375 24.37 -23.75 -21.98
C THR B 375 25.72 -24.31 -22.07
N THR B 376 26.24 -24.23 -23.25
CA THR B 376 27.65 -24.45 -23.49
C THR B 376 28.32 -23.09 -23.79
N GLY B 377 27.52 -22.04 -23.88
CA GLY B 377 28.02 -20.69 -24.00
C GLY B 377 27.52 -20.08 -25.28
N PHE B 378 28.31 -19.18 -25.86
CA PHE B 378 27.94 -18.43 -27.06
C PHE B 378 28.43 -19.09 -28.35
N MET B 379 27.74 -18.85 -29.47
CA MET B 379 28.23 -19.32 -30.76
C MET B 379 29.54 -18.63 -31.07
N VAL B 380 30.43 -19.29 -31.82
CA VAL B 380 31.74 -18.72 -32.15
C VAL B 380 31.93 -18.70 -33.66
N GLY B 381 32.96 -18.01 -34.13
CA GLY B 381 33.26 -17.96 -35.55
C GLY B 381 33.08 -16.54 -36.07
N THR B 382 33.69 -16.28 -37.22
CA THR B 382 33.68 -14.95 -37.81
C THR B 382 32.26 -14.44 -38.00
N GLU B 383 31.33 -15.33 -38.35
CA GLU B 383 29.95 -14.94 -38.59
C GLU B 383 29.27 -14.42 -37.31
N SER B 384 29.46 -15.16 -36.22
CA SER B 384 28.90 -14.84 -34.91
C SER B 384 29.38 -13.46 -34.47
N GLU B 385 30.69 -13.30 -34.56
CA GLU B 385 31.39 -12.08 -34.20
C GLU B 385 30.90 -10.90 -35.08
N ARG B 386 30.93 -11.12 -36.39
CA ARG B 386 30.37 -10.16 -37.37
C ARG B 386 28.93 -9.78 -37.17
N GLN B 387 28.12 -10.70 -36.66
CA GLN B 387 26.70 -10.46 -36.39
C GLN B 387 26.38 -9.84 -35.00
N GLY B 388 27.43 -9.50 -34.26
CA GLY B 388 27.32 -8.75 -33.04
C GLY B 388 27.22 -9.56 -31.77
N VAL B 389 27.94 -10.69 -31.67
CA VAL B 389 27.69 -11.57 -30.55
C VAL B 389 28.08 -10.90 -29.22
N ILE B 390 29.19 -10.18 -29.21
CA ILE B 390 29.57 -9.49 -28.03
C ILE B 390 28.56 -8.40 -27.64
N LYS B 391 28.18 -7.52 -28.57
CA LYS B 391 27.27 -6.45 -28.24
C LYS B 391 25.93 -7.00 -27.80
N HIS B 392 25.51 -8.11 -28.40
CA HIS B 392 24.23 -8.65 -28.10
C HIS B 392 24.29 -9.43 -26.82
N GLY B 393 25.42 -10.07 -26.54
CA GLY B 393 25.56 -10.82 -25.29
C GLY B 393 25.61 -9.78 -24.16
N SER B 394 26.29 -8.69 -24.42
CA SER B 394 26.37 -7.59 -23.52
C SER B 394 24.99 -7.06 -23.12
N LYS B 395 24.14 -6.75 -24.10
CA LYS B 395 22.76 -6.35 -23.80
C LYS B 395 21.97 -7.37 -22.99
N MET B 396 22.18 -8.64 -23.24
CA MET B 396 21.51 -9.68 -22.49
C MET B 396 21.95 -9.63 -21.04
N ILE B 397 23.23 -9.40 -20.83
CA ILE B 397 23.78 -9.23 -19.47
C ILE B 397 23.29 -7.97 -18.73
N GLN B 398 23.27 -6.86 -19.45
CA GLN B 398 22.67 -5.62 -18.96
C GLN B 398 21.25 -5.85 -18.51
N ALA B 399 20.47 -6.45 -19.36
CA ALA B 399 19.12 -6.78 -19.00
C ALA B 399 19.05 -7.69 -17.78
N VAL B 400 19.82 -8.76 -17.77
CA VAL B 400 19.84 -9.66 -16.60
C VAL B 400 20.28 -8.90 -15.35
N ALA B 401 21.29 -8.07 -15.47
CA ALA B 401 21.80 -7.42 -14.28
C ALA B 401 20.87 -6.33 -13.77
N ASN B 402 20.17 -5.65 -14.66
CA ASN B 402 19.47 -4.47 -14.25
C ASN B 402 18.01 -4.69 -14.02
N ALA B 403 17.48 -5.83 -14.43
CA ALA B 403 16.02 -6.04 -14.32
C ALA B 403 15.59 -6.17 -12.86
N ARG B 404 14.47 -5.53 -12.54
CA ARG B 404 14.01 -5.40 -11.14
C ARG B 404 13.16 -6.58 -10.69
N VAL B 405 12.50 -7.22 -11.64
CA VAL B 405 11.71 -8.41 -11.32
C VAL B 405 12.57 -9.50 -10.74
N PRO B 406 11.98 -10.38 -9.92
CA PRO B 406 12.75 -11.53 -9.40
C PRO B 406 13.27 -12.43 -10.53
N LYS B 407 14.51 -12.84 -10.37
CA LYS B 407 15.14 -13.81 -11.23
C LYS B 407 15.55 -15.07 -10.42
N LEU B 408 15.00 -16.18 -10.90
CA LEU B 408 15.22 -17.49 -10.32
C LEU B 408 15.98 -18.33 -11.32
N THR B 409 17.08 -18.92 -10.89
CA THR B 409 17.88 -19.81 -11.72
C THR B 409 17.78 -21.28 -11.26
N LEU B 410 17.47 -22.15 -12.21
CA LEU B 410 17.58 -23.61 -12.01
C LEU B 410 18.64 -24.14 -12.94
N VAL B 411 19.83 -24.45 -12.42
CA VAL B 411 20.87 -25.11 -13.22
C VAL B 411 20.44 -26.57 -13.50
N VAL B 412 19.95 -26.82 -14.69
CA VAL B 412 19.48 -28.15 -15.07
C VAL B 412 20.49 -28.97 -15.88
N GLY B 413 21.66 -28.44 -16.18
CA GLY B 413 22.49 -29.08 -17.17
C GLY B 413 23.82 -28.39 -17.25
N GLY B 414 24.26 -28.09 -18.46
CA GLY B 414 25.44 -27.25 -18.62
C GLY B 414 25.21 -25.79 -18.13
N SER B 415 26.29 -25.24 -17.60
CA SER B 415 26.35 -23.87 -17.27
C SER B 415 27.82 -23.51 -17.42
N TYR B 416 28.27 -23.28 -18.67
CA TYR B 416 29.69 -23.09 -18.96
C TYR B 416 30.08 -21.69 -19.39
N GLY B 417 31.21 -21.21 -18.90
CA GLY B 417 31.76 -19.93 -19.35
C GLY B 417 30.75 -18.79 -19.31
N ALA B 418 30.84 -17.93 -20.33
CA ALA B 418 29.99 -16.75 -20.46
C ALA B 418 28.52 -17.07 -20.51
N GLY B 419 28.17 -18.29 -20.83
CA GLY B 419 26.78 -18.64 -20.79
C GLY B 419 26.29 -18.66 -19.36
N ASN B 420 27.19 -18.96 -18.43
CA ASN B 420 26.85 -18.96 -17.03
C ASN B 420 26.38 -17.55 -16.61
N TYR B 421 27.11 -16.53 -17.06
CA TYR B 421 26.88 -15.13 -16.82
C TYR B 421 25.55 -14.68 -17.40
N ALA B 422 25.39 -14.94 -18.69
CA ALA B 422 24.22 -14.54 -19.44
C ALA B 422 22.96 -15.18 -18.98
N MET B 423 23.04 -16.32 -18.32
CA MET B 423 21.84 -16.98 -17.85
C MET B 423 21.60 -16.74 -16.39
N CYS B 424 22.22 -15.71 -15.83
CA CYS B 424 21.97 -15.33 -14.45
C CYS B 424 22.41 -16.47 -13.52
N GLY B 425 23.70 -16.79 -13.65
CA GLY B 425 24.49 -17.50 -12.66
C GLY B 425 24.88 -16.56 -11.53
N ARG B 426 25.62 -17.12 -10.56
CA ARG B 426 25.80 -16.52 -9.24
C ARG B 426 26.14 -15.04 -9.29
N GLY B 427 27.14 -14.72 -10.08
CA GLY B 427 27.74 -13.39 -10.14
C GLY B 427 26.80 -12.30 -10.65
N LEU B 428 25.70 -12.70 -11.25
CA LEU B 428 24.65 -11.76 -11.67
C LEU B 428 23.54 -11.63 -10.64
N ASP B 429 23.75 -12.18 -9.44
CA ASP B 429 22.80 -12.04 -8.34
C ASP B 429 21.39 -12.49 -8.72
N PRO B 430 21.23 -13.74 -9.18
CA PRO B 430 19.88 -14.25 -9.15
C PRO B 430 19.36 -14.19 -7.70
N ARG B 431 18.04 -14.10 -7.51
CA ARG B 431 17.57 -14.08 -6.16
C ARG B 431 17.71 -15.44 -5.48
N PHE B 432 17.57 -16.47 -6.28
CA PHE B 432 17.79 -17.81 -5.83
C PHE B 432 18.33 -18.59 -7.00
N ILE B 433 19.23 -19.52 -6.70
CA ILE B 433 19.79 -20.41 -7.71
C ILE B 433 20.01 -21.78 -7.07
N PHE B 434 19.25 -22.76 -7.55
CA PHE B 434 19.43 -24.12 -7.15
C PHE B 434 19.86 -24.92 -8.40
N ALA B 435 20.77 -25.89 -8.20
CA ALA B 435 21.25 -26.78 -9.29
C ALA B 435 20.77 -28.21 -9.17
N TRP B 436 20.29 -28.77 -10.28
CA TRP B 436 20.03 -30.22 -10.40
C TRP B 436 21.39 -30.93 -10.32
N PRO B 437 21.40 -32.18 -9.80
CA PRO B 437 22.59 -33.00 -9.48
C PRO B 437 23.47 -33.39 -10.66
N ASN B 438 22.87 -33.57 -11.82
CA ASN B 438 23.63 -33.75 -13.05
C ASN B 438 24.26 -32.49 -13.56
N SER B 439 23.91 -31.35 -12.99
CA SER B 439 24.36 -30.08 -13.55
C SER B 439 25.85 -30.02 -13.48
N ARG B 440 26.40 -29.19 -14.34
CA ARG B 440 27.83 -29.00 -14.37
C ARG B 440 28.16 -27.57 -14.69
N THR B 441 28.99 -26.98 -13.85
CA THR B 441 29.40 -25.62 -13.99
C THR B 441 30.90 -25.51 -14.07
N ALA B 442 31.39 -24.87 -15.12
CA ALA B 442 32.81 -24.82 -15.36
C ALA B 442 33.12 -23.78 -16.40
N VAL B 443 34.35 -23.30 -16.38
CA VAL B 443 34.81 -22.28 -17.28
C VAL B 443 34.74 -22.74 -18.74
N MET B 444 34.88 -24.06 -18.96
CA MET B 444 34.48 -24.74 -20.21
C MET B 444 34.43 -26.27 -20.05
N GLY B 445 34.07 -26.99 -21.11
CA GLY B 445 34.16 -28.44 -21.13
C GLY B 445 35.60 -28.92 -21.11
N GLY B 446 35.86 -30.07 -20.48
CA GLY B 446 37.22 -30.59 -20.34
C GLY B 446 37.89 -30.84 -21.69
N ALA B 447 37.10 -31.41 -22.61
CA ALA B 447 37.53 -31.58 -23.99
C ALA B 447 38.02 -30.24 -24.53
N GLN B 448 37.08 -29.34 -24.81
CA GLN B 448 37.38 -27.97 -25.22
C GLN B 448 38.71 -27.48 -24.60
N ALA B 449 38.83 -27.57 -23.28
CA ALA B 449 40.01 -27.05 -22.53
C ALA B 449 41.36 -27.71 -22.87
N GLY B 450 41.39 -29.04 -23.01
CA GLY B 450 42.63 -29.75 -23.34
C GLY B 450 43.18 -29.37 -24.71
N LYS B 451 42.35 -29.61 -25.74
CA LYS B 451 42.60 -29.16 -27.11
C LYS B 451 43.26 -27.77 -27.15
N VAL B 452 42.56 -26.78 -26.61
CA VAL B 452 43.09 -25.42 -26.61
C VAL B 452 44.48 -25.36 -25.96
N LEU B 453 44.57 -25.87 -24.73
CA LEU B 453 45.83 -25.90 -24.01
C LEU B 453 46.93 -26.64 -24.82
N ARG B 454 46.52 -27.67 -25.57
CA ARG B 454 47.40 -28.23 -26.59
C ARG B 454 47.89 -27.14 -27.55
N ILE B 455 46.95 -26.60 -28.34
CA ILE B 455 47.29 -25.83 -29.55
C ILE B 455 47.97 -24.49 -29.26
N VAL B 456 47.63 -23.84 -28.15
CA VAL B 456 48.35 -22.62 -27.74
C VAL B 456 49.84 -22.92 -27.46
N THR B 457 50.10 -23.96 -26.66
CA THR B 457 51.45 -24.29 -26.19
C THR B 457 52.26 -25.05 -27.26
N GLU B 458 51.54 -25.79 -28.10
CA GLU B 458 52.08 -26.55 -29.24
C GLU B 458 52.99 -25.75 -30.19
N GLU B 459 52.78 -24.44 -30.31
CA GLU B 459 53.50 -23.62 -31.27
C GLU B 459 54.07 -22.33 -30.65
N LYS B 460 54.38 -22.36 -29.36
CA LYS B 460 54.85 -21.16 -28.66
C LYS B 460 56.37 -21.03 -28.79
N PRO B 470 56.12 -32.97 -29.34
CA PRO B 470 56.45 -34.27 -29.94
C PRO B 470 55.36 -35.35 -29.69
N LYS B 471 55.39 -35.99 -28.52
CA LYS B 471 54.35 -36.98 -28.15
C LYS B 471 53.40 -36.44 -27.09
N MET B 472 53.74 -35.30 -26.51
CA MET B 472 53.05 -34.75 -25.33
C MET B 472 51.64 -34.20 -25.62
N LEU B 473 51.21 -34.22 -26.88
CA LEU B 473 49.90 -33.68 -27.29
C LEU B 473 48.75 -34.65 -27.01
N GLU B 474 48.82 -35.83 -27.60
CA GLU B 474 47.72 -36.81 -27.54
C GLU B 474 47.40 -37.25 -26.11
N MET B 475 48.24 -36.84 -25.13
CA MET B 475 48.03 -37.19 -23.72
C MET B 475 47.81 -35.96 -22.82
N LEU B 476 48.67 -34.93 -22.92
CA LEU B 476 48.45 -33.69 -22.14
C LEU B 476 47.10 -33.07 -22.46
N GLU B 477 46.65 -33.27 -23.70
CA GLU B 477 45.32 -32.87 -24.13
C GLU B 477 44.24 -33.52 -23.24
N THR B 478 43.90 -34.79 -23.50
CA THR B 478 42.76 -35.42 -22.83
C THR B 478 43.08 -35.94 -21.41
N VAL B 479 44.20 -35.50 -20.84
CA VAL B 479 44.45 -35.65 -19.39
C VAL B 479 43.90 -34.43 -18.64
N THR B 480 44.06 -33.23 -19.22
CA THR B 480 43.51 -32.00 -18.63
C THR B 480 41.98 -32.03 -18.71
N ALA B 481 41.45 -32.56 -19.82
CA ALA B 481 40.01 -32.85 -19.94
C ALA B 481 39.38 -33.69 -18.80
N GLN B 482 40.12 -34.69 -18.31
CA GLN B 482 39.65 -35.56 -17.23
C GLN B 482 39.64 -34.85 -15.87
N LYS B 483 40.68 -34.04 -15.64
CA LYS B 483 40.78 -33.19 -14.46
C LYS B 483 39.57 -32.25 -14.45
N LEU B 484 39.41 -31.48 -15.52
CA LEU B 484 38.42 -30.41 -15.57
C LEU B 484 37.02 -30.91 -15.26
N ASP B 485 36.79 -32.21 -15.41
CA ASP B 485 35.59 -32.86 -14.89
C ASP B 485 35.81 -33.32 -13.43
N SER B 486 36.35 -32.39 -12.64
CA SER B 486 36.40 -32.48 -11.19
C SER B 486 35.82 -31.17 -10.71
N GLN B 487 36.50 -30.08 -11.06
CA GLN B 487 35.97 -28.71 -10.94
C GLN B 487 34.69 -28.49 -11.78
N SER B 488 33.86 -29.52 -11.94
CA SER B 488 32.75 -29.48 -12.91
C SER B 488 31.47 -30.18 -12.49
N THR B 489 31.54 -31.17 -11.60
CA THR B 489 30.33 -31.79 -11.04
C THR B 489 29.57 -30.79 -10.15
N ALA B 490 28.26 -30.97 -10.05
CA ALA B 490 27.40 -30.21 -9.18
C ALA B 490 27.95 -29.97 -7.77
N LEU B 491 28.61 -30.98 -7.23
CA LEU B 491 29.23 -31.00 -5.91
C LEU B 491 30.27 -29.93 -5.70
N TYR B 492 31.17 -29.80 -6.67
CA TYR B 492 32.18 -28.75 -6.59
C TYR B 492 31.51 -27.37 -6.68
N GLY B 493 30.41 -27.30 -7.41
CA GLY B 493 29.61 -26.07 -7.51
C GLY B 493 28.89 -25.66 -6.24
N THR B 494 28.05 -26.55 -5.71
CA THR B 494 27.37 -26.29 -4.45
C THR B 494 28.30 -26.04 -3.30
N ALA B 495 29.46 -26.67 -3.34
CA ALA B 495 30.47 -26.52 -2.29
C ALA B 495 31.12 -25.16 -2.34
N SER B 496 31.27 -24.64 -3.55
CA SER B 496 31.86 -23.34 -3.73
C SER B 496 30.84 -22.21 -3.54
N LEU B 497 29.60 -22.55 -3.24
CA LEU B 497 28.48 -21.58 -3.12
C LEU B 497 28.09 -20.91 -4.45
N TRP B 498 28.29 -21.65 -5.56
CA TRP B 498 27.89 -21.20 -6.87
C TRP B 498 26.42 -21.37 -7.07
N ASP B 499 25.79 -22.13 -6.20
CA ASP B 499 24.35 -22.25 -6.14
C ASP B 499 23.96 -22.22 -4.66
N ASP B 500 22.68 -22.03 -4.36
CA ASP B 500 22.18 -22.07 -3.00
C ASP B 500 21.79 -23.50 -2.54
N GLY B 501 22.27 -24.53 -3.25
CA GLY B 501 21.88 -25.93 -2.97
C GLY B 501 21.46 -26.80 -4.16
N LEU B 502 21.58 -28.12 -3.98
CA LEU B 502 21.13 -29.12 -4.96
C LEU B 502 19.77 -29.53 -4.62
N VAL B 503 18.95 -29.88 -5.62
CA VAL B 503 17.58 -30.25 -5.34
C VAL B 503 17.16 -31.35 -6.27
N ASP B 504 16.30 -32.21 -5.76
CA ASP B 504 15.73 -33.30 -6.51
C ASP B 504 14.86 -32.65 -7.59
N PRO B 505 15.18 -32.93 -8.85
CA PRO B 505 14.38 -32.45 -9.97
C PRO B 505 12.87 -32.47 -9.78
N ARG B 506 12.36 -33.41 -9.01
CA ARG B 506 10.92 -33.55 -8.84
C ARG B 506 10.33 -32.49 -7.92
N ASP B 507 11.19 -31.87 -7.12
CA ASP B 507 10.81 -30.73 -6.28
C ASP B 507 10.67 -29.44 -7.09
N SER B 508 11.21 -29.39 -8.30
CA SER B 508 11.34 -28.16 -9.12
C SER B 508 10.08 -27.27 -9.17
N ARG B 509 8.92 -27.86 -9.33
CA ARG B 509 7.69 -27.08 -9.36
C ARG B 509 7.30 -26.45 -8.01
N ARG B 510 7.32 -27.25 -6.96
CA ARG B 510 6.96 -26.74 -5.63
C ARG B 510 8.05 -25.79 -5.18
N LEU B 511 9.32 -26.11 -5.48
CA LEU B 511 10.42 -25.17 -5.20
C LEU B 511 10.10 -23.78 -5.76
N LEU B 512 9.85 -23.71 -7.06
CA LEU B 512 9.68 -22.43 -7.72
C LEU B 512 8.42 -21.74 -7.20
N GLY B 513 7.39 -22.53 -6.92
CA GLY B 513 6.18 -22.02 -6.26
C GLY B 513 6.54 -21.25 -5.01
N TYR B 514 7.39 -21.84 -4.18
CA TYR B 514 7.68 -21.31 -2.86
C TYR B 514 8.49 -20.02 -2.97
N LEU B 515 9.48 -20.05 -3.84
CA LEU B 515 10.31 -18.91 -4.20
C LEU B 515 9.52 -17.70 -4.81
N LEU B 516 8.54 -18.01 -5.64
CA LEU B 516 7.69 -17.02 -6.22
C LEU B 516 6.83 -16.29 -5.18
N ASP B 517 6.19 -17.06 -4.31
CA ASP B 517 5.55 -16.53 -3.11
C ASP B 517 6.44 -15.62 -2.27
N ILE B 518 7.66 -16.06 -2.01
CA ILE B 518 8.58 -15.29 -1.19
C ILE B 518 8.86 -13.97 -1.86
N CYS B 519 9.13 -14.06 -3.16
CA CYS B 519 9.45 -12.88 -3.97
C CYS B 519 8.30 -11.91 -4.06
N ALA B 520 7.10 -12.44 -4.25
CA ALA B 520 5.87 -11.65 -4.26
C ALA B 520 5.56 -10.99 -2.90
N GLU B 521 5.75 -11.69 -1.81
CA GLU B 521 5.52 -11.12 -0.49
C GLU B 521 6.52 -9.97 -0.19
N ALA B 522 7.79 -10.16 -0.56
CA ALA B 522 8.82 -9.13 -0.37
C ALA B 522 8.46 -7.85 -1.14
N GLU B 523 7.97 -8.04 -2.36
CA GLU B 523 7.64 -6.95 -3.23
C GLU B 523 6.59 -6.13 -2.50
N ALA B 524 5.62 -6.81 -1.93
CA ALA B 524 4.49 -6.10 -1.34
C ALA B 524 4.72 -5.54 0.09
N ARG B 525 5.85 -5.86 0.74
CA ARG B 525 5.97 -5.64 2.17
C ARG B 525 6.64 -4.32 2.50
N PRO B 526 5.98 -3.51 3.29
CA PRO B 526 6.64 -2.28 3.76
C PRO B 526 7.43 -2.51 5.01
N LEU B 527 8.55 -1.77 5.11
CA LEU B 527 9.46 -1.85 6.25
C LEU B 527 9.62 -0.51 7.02
N LYS B 528 9.80 -0.57 8.33
CA LYS B 528 10.12 0.62 9.11
C LYS B 528 11.66 0.83 9.24
N GLY B 529 12.28 1.51 8.28
CA GLY B 529 13.67 1.88 8.41
C GLY B 529 13.95 2.81 9.60
N ASN B 530 15.21 2.86 10.06
CA ASN B 530 15.67 3.82 11.08
C ASN B 530 17.12 4.13 10.79
N SER B 531 17.69 5.14 11.43
CA SER B 531 18.98 5.63 11.06
C SER B 531 20.18 4.73 11.41
N PHE B 532 20.21 4.18 12.62
CA PHE B 532 21.44 3.55 13.16
C PHE B 532 21.25 2.11 13.60
N GLY B 533 20.06 1.58 13.41
CA GLY B 533 19.73 0.25 13.90
C GLY B 533 19.16 0.38 15.29
N VAL B 534 18.52 -0.66 15.79
CA VAL B 534 17.93 -0.59 17.09
C VAL B 534 19.09 -0.59 18.11
N ALA B 535 19.08 0.33 19.06
CA ALA B 535 20.19 0.47 20.01
C ALA B 535 19.88 -0.28 21.28
N ARG B 536 20.74 -1.27 21.62
CA ARG B 536 20.67 -1.92 22.92
C ARG B 536 21.37 -1.05 23.92
N PHE B 537 20.65 -0.09 24.48
CA PHE B 537 21.27 0.88 25.37
C PHE B 537 21.90 0.19 26.59
N GLN C 51 -8.63 -17.27 -43.23
CA GLN C 51 -8.94 -15.82 -43.27
C GLN C 51 -10.26 -15.47 -42.54
N LEU C 52 -10.32 -14.26 -41.98
CA LEU C 52 -11.52 -13.74 -41.32
C LEU C 52 -11.66 -12.25 -41.62
N LEU C 53 -12.87 -11.73 -41.43
CA LEU C 53 -13.17 -10.29 -41.55
C LEU C 53 -12.96 -9.52 -40.22
N PRO C 54 -12.70 -8.20 -40.31
CA PRO C 54 -12.53 -7.30 -39.15
C PRO C 54 -13.32 -7.67 -37.92
N ARG C 55 -14.65 -7.73 -38.03
CA ARG C 55 -15.49 -7.94 -36.86
C ARG C 55 -15.54 -9.38 -36.49
N GLU C 56 -15.13 -10.24 -37.43
CA GLU C 56 -15.12 -11.65 -37.15
C GLU C 56 -13.90 -11.92 -36.30
N ARG C 57 -12.80 -11.24 -36.59
CA ARG C 57 -11.61 -11.35 -35.75
C ARG C 57 -11.95 -10.95 -34.31
N LEU C 58 -12.67 -9.84 -34.18
CA LEU C 58 -13.03 -9.29 -32.89
C LEU C 58 -13.98 -10.17 -32.15
N ALA C 59 -14.96 -10.76 -32.83
CA ALA C 59 -15.88 -11.66 -32.13
C ALA C 59 -15.06 -12.73 -31.45
N LEU C 60 -14.06 -13.24 -32.18
CA LEU C 60 -13.15 -14.29 -31.70
C LEU C 60 -12.11 -13.82 -30.67
N LEU C 61 -11.62 -12.60 -30.82
CA LEU C 61 -10.65 -12.05 -29.90
C LEU C 61 -11.25 -11.89 -28.50
N LEU C 62 -12.46 -11.32 -28.44
CA LEU C 62 -13.09 -10.95 -27.19
C LEU C 62 -13.71 -12.10 -26.46
N ASP C 63 -13.95 -11.91 -25.17
CA ASP C 63 -14.53 -12.95 -24.30
C ASP C 63 -16.03 -13.02 -24.53
N PRO C 64 -16.54 -14.22 -24.83
CA PRO C 64 -17.95 -14.34 -25.14
C PRO C 64 -18.85 -13.78 -24.04
N GLY C 65 -19.65 -12.78 -24.36
CA GLY C 65 -20.56 -12.18 -23.40
C GLY C 65 -19.92 -11.29 -22.36
N ALA C 66 -18.66 -10.91 -22.55
CA ALA C 66 -18.07 -9.89 -21.69
C ALA C 66 -18.50 -8.57 -22.28
N PRO C 67 -18.64 -7.55 -21.43
CA PRO C 67 -19.07 -6.27 -22.00
C PRO C 67 -18.07 -5.76 -23.01
N PHE C 68 -18.55 -4.94 -23.93
CA PHE C 68 -17.71 -4.34 -24.92
C PHE C 68 -18.26 -3.02 -25.34
N LEU C 69 -17.52 -1.96 -25.04
CA LEU C 69 -17.90 -0.60 -25.32
C LEU C 69 -17.12 -0.12 -26.51
N GLU C 70 -17.84 0.19 -27.58
CA GLU C 70 -17.26 0.55 -28.87
C GLU C 70 -17.20 2.06 -28.96
N LEU C 71 -16.21 2.60 -29.64
CA LEU C 71 -15.85 4.00 -29.52
C LEU C 71 -15.74 4.67 -30.89
N SER C 72 -16.24 5.90 -30.97
CA SER C 72 -16.30 6.64 -32.24
C SER C 72 -16.65 5.77 -33.44
N SER C 73 -17.81 5.12 -33.38
CA SER C 73 -18.34 4.35 -34.50
C SER C 73 -18.50 5.20 -35.75
N LEU C 74 -18.88 6.47 -35.55
CA LEU C 74 -19.23 7.36 -36.64
C LEU C 74 -18.20 8.42 -36.83
N ALA C 75 -16.96 8.16 -36.41
CA ALA C 75 -15.89 9.14 -36.64
C ALA C 75 -15.82 9.47 -38.12
N GLY C 76 -15.66 10.75 -38.45
CA GLY C 76 -15.48 11.20 -39.84
C GLY C 76 -16.66 10.93 -40.78
N TYR C 77 -17.87 10.83 -40.21
CA TYR C 77 -19.01 10.35 -40.96
C TYR C 77 -19.11 10.89 -42.39
N LYS C 78 -19.39 12.18 -42.53
CA LYS C 78 -19.61 12.78 -43.84
C LYS C 78 -18.49 13.82 -44.09
N LEU C 79 -17.28 13.50 -43.66
CA LEU C 79 -16.17 14.43 -43.76
C LEU C 79 -15.12 13.94 -44.76
N HIS C 80 -15.17 12.63 -45.07
CA HIS C 80 -14.65 12.01 -46.33
C HIS C 80 -13.99 13.01 -47.30
N ALA C 88 -16.01 6.11 -42.69
CA ALA C 88 -16.72 6.41 -41.44
C ALA C 88 -16.45 5.38 -40.35
N GLY C 89 -15.96 5.85 -39.21
CA GLY C 89 -15.35 4.98 -38.20
C GLY C 89 -13.84 5.05 -38.32
N GLY C 90 -13.37 5.87 -39.26
CA GLY C 90 -11.98 6.30 -39.34
C GLY C 90 -10.93 5.27 -39.72
N GLY C 91 -11.37 4.11 -40.22
CA GLY C 91 -10.45 3.04 -40.59
C GLY C 91 -10.33 1.95 -39.55
N ILE C 92 -11.07 2.11 -38.45
CA ILE C 92 -10.84 1.37 -37.21
C ILE C 92 -12.16 1.02 -36.51
N ILE C 93 -12.36 -0.25 -36.17
CA ILE C 93 -13.33 -0.68 -35.15
C ILE C 93 -12.59 -0.83 -33.81
N ALA C 94 -12.96 -0.03 -32.81
CA ALA C 94 -12.21 0.06 -31.55
C ALA C 94 -13.13 0.06 -30.33
N GLY C 95 -12.61 -0.44 -29.23
CA GLY C 95 -13.37 -0.37 -27.98
C GLY C 95 -12.65 -0.93 -26.78
N ILE C 96 -13.39 -0.93 -25.66
CA ILE C 96 -12.92 -1.44 -24.40
C ILE C 96 -13.65 -2.73 -24.03
N GLY C 97 -12.91 -3.83 -24.01
CA GLY C 97 -13.45 -5.12 -23.66
C GLY C 97 -12.45 -6.03 -23.00
N TYR C 98 -12.70 -7.32 -23.07
CA TYR C 98 -12.02 -8.29 -22.24
C TYR C 98 -11.45 -9.37 -23.11
N ILE C 99 -10.23 -9.74 -22.80
CA ILE C 99 -9.53 -10.80 -23.49
C ILE C 99 -8.83 -11.61 -22.39
N ALA C 100 -9.30 -12.82 -22.15
CA ALA C 100 -8.74 -13.68 -21.09
C ALA C 100 -8.93 -13.07 -19.74
N GLY C 101 -10.03 -12.37 -19.54
CA GLY C 101 -10.31 -11.73 -18.27
C GLY C 101 -9.69 -10.34 -18.10
N VAL C 102 -8.99 -9.84 -19.11
CA VAL C 102 -8.27 -8.56 -19.00
C VAL C 102 -8.95 -7.45 -19.79
N ARG C 103 -9.27 -6.34 -19.12
CA ARG C 103 -9.86 -5.22 -19.83
C ARG C 103 -8.77 -4.45 -20.64
N CYS C 104 -8.95 -4.39 -21.97
CA CYS C 104 -8.01 -3.81 -22.91
C CYS C 104 -8.63 -2.79 -23.82
N LEU C 105 -7.80 -1.95 -24.41
CA LEU C 105 -8.22 -1.23 -25.58
C LEU C 105 -7.95 -2.11 -26.81
N VAL C 106 -9.03 -2.52 -27.47
CA VAL C 106 -8.93 -3.41 -28.62
C VAL C 106 -9.31 -2.65 -29.87
N SER C 107 -8.53 -2.81 -30.94
CA SER C 107 -8.81 -2.15 -32.20
C SER C 107 -8.42 -2.96 -33.44
N ALA C 108 -9.28 -2.90 -34.46
CA ALA C 108 -9.07 -3.72 -35.67
C ALA C 108 -9.31 -2.85 -36.85
N SER C 109 -8.36 -2.83 -37.77
CA SER C 109 -8.56 -2.28 -39.12
C SER C 109 -9.86 -2.76 -39.73
N ASN C 110 -10.63 -1.83 -40.28
CA ASN C 110 -11.80 -2.18 -41.10
C ASN C 110 -11.48 -2.01 -42.58
N SER C 111 -10.88 -3.04 -43.17
CA SER C 111 -10.52 -3.06 -44.60
C SER C 111 -11.75 -3.09 -45.54
N ALA C 112 -12.87 -3.55 -45.00
CA ALA C 112 -14.10 -3.62 -45.78
C ALA C 112 -14.38 -2.24 -46.40
N ILE C 113 -14.59 -1.23 -45.55
CA ILE C 113 -15.02 0.09 -46.00
C ILE C 113 -13.91 0.85 -46.73
N LYS C 114 -13.68 0.44 -47.98
CA LYS C 114 -12.63 0.98 -48.85
C LYS C 114 -11.24 0.82 -48.21
N GLY C 115 -10.89 -0.43 -47.91
CA GLY C 115 -9.55 -0.76 -47.42
C GLY C 115 -9.12 -0.24 -46.05
N GLY C 116 -10.03 0.43 -45.34
CA GLY C 116 -9.71 1.15 -44.10
C GLY C 116 -9.37 2.62 -44.33
N THR C 117 -8.07 2.89 -44.51
CA THR C 117 -7.49 4.23 -44.68
C THR C 117 -7.29 4.95 -43.35
N ILE C 118 -6.23 5.74 -43.28
CA ILE C 118 -6.07 6.70 -42.22
C ILE C 118 -5.94 8.11 -42.84
N SER C 119 -6.58 9.05 -42.15
CA SER C 119 -7.04 10.33 -42.69
C SER C 119 -7.24 11.29 -41.52
N PRO C 120 -7.71 12.52 -41.77
CA PRO C 120 -7.84 13.49 -40.65
C PRO C 120 -8.57 12.95 -39.41
N THR C 121 -9.66 12.24 -39.59
CA THR C 121 -10.32 11.63 -38.45
C THR C 121 -9.69 10.30 -38.04
N GLY C 122 -9.04 9.60 -38.96
CA GLY C 122 -8.27 8.39 -38.63
C GLY C 122 -7.15 8.72 -37.64
N LEU C 123 -6.43 9.79 -37.89
CA LEU C 123 -5.41 10.28 -37.00
C LEU C 123 -6.01 10.70 -35.66
N LYS C 124 -7.03 11.56 -35.69
CA LYS C 124 -7.68 11.99 -34.45
C LYS C 124 -8.17 10.81 -33.61
N LYS C 125 -8.78 9.84 -34.26
CA LYS C 125 -9.26 8.68 -33.58
C LYS C 125 -8.11 7.83 -32.98
N THR C 126 -7.00 7.69 -33.68
CA THR C 126 -5.90 6.93 -33.11
C THR C 126 -5.32 7.70 -31.90
N LEU C 127 -5.03 8.99 -32.07
CA LEU C 127 -4.55 9.81 -30.99
C LEU C 127 -5.45 9.73 -29.76
N ARG C 128 -6.75 9.78 -30.00
CA ARG C 128 -7.70 9.79 -28.91
C ARG C 128 -7.71 8.47 -28.16
N LEU C 129 -7.63 7.36 -28.90
CA LEU C 129 -7.62 6.02 -28.34
C LEU C 129 -6.34 5.76 -27.51
N GLN C 130 -5.24 6.33 -27.99
CA GLN C 130 -4.01 6.23 -27.27
C GLN C 130 -4.15 6.95 -25.93
N GLN C 131 -4.84 8.07 -25.90
CA GLN C 131 -4.99 8.84 -24.65
C GLN C 131 -5.82 8.05 -23.64
N ILE C 132 -6.83 7.40 -24.15
CA ILE C 132 -7.71 6.54 -23.36
C ILE C 132 -6.94 5.36 -22.82
N ALA C 133 -6.03 4.80 -23.62
CA ALA C 133 -5.22 3.68 -23.18
C ALA C 133 -4.21 4.12 -22.12
N MET C 134 -3.63 5.32 -22.28
CA MET C 134 -2.65 5.85 -21.35
C MET C 134 -3.29 6.22 -20.02
N GLU C 135 -4.44 6.89 -20.05
CA GLU C 135 -5.02 7.46 -18.84
C GLU C 135 -5.76 6.42 -18.04
N ASN C 136 -6.13 5.32 -18.69
CA ASN C 136 -6.88 4.28 -18.02
C ASN C 136 -6.08 2.99 -17.92
N LYS C 137 -4.83 3.03 -18.39
CA LYS C 137 -3.88 1.94 -18.20
C LYS C 137 -4.44 0.68 -18.76
N LEU C 138 -4.65 0.70 -20.06
CA LEU C 138 -5.29 -0.39 -20.74
C LEU C 138 -4.31 -0.93 -21.75
N PRO C 139 -4.06 -2.24 -21.67
CA PRO C 139 -3.33 -2.84 -22.72
C PRO C 139 -4.07 -2.65 -24.06
N VAL C 140 -3.29 -2.33 -25.08
CA VAL C 140 -3.75 -1.99 -26.42
C VAL C 140 -3.53 -3.20 -27.32
N VAL C 141 -4.62 -3.80 -27.80
CA VAL C 141 -4.50 -4.96 -28.66
C VAL C 141 -5.06 -4.62 -30.01
N THR C 142 -4.19 -4.65 -31.00
CA THR C 142 -4.55 -4.17 -32.31
C THR C 142 -4.44 -5.29 -33.36
N LEU C 143 -5.46 -5.41 -34.21
CA LEU C 143 -5.45 -6.32 -35.36
C LEU C 143 -5.37 -5.47 -36.65
N THR C 144 -4.17 -5.30 -37.23
CA THR C 144 -4.00 -4.41 -38.37
C THR C 144 -4.01 -5.10 -39.70
N GLU C 145 -4.51 -4.34 -40.68
CA GLU C 145 -4.39 -4.66 -42.09
C GLU C 145 -3.95 -3.42 -42.89
N SER C 146 -4.81 -2.41 -42.99
CA SER C 146 -4.57 -1.24 -43.87
C SER C 146 -4.19 -1.63 -45.30
N LEU C 151 -3.28 7.20 -49.34
CA LEU C 151 -2.36 8.28 -49.73
C LEU C 151 -3.13 9.53 -50.11
N ASN C 152 -4.45 9.44 -50.11
CA ASN C 152 -5.29 10.59 -50.45
C ASN C 152 -4.86 11.82 -49.62
N TYR C 153 -5.10 11.75 -48.30
CA TYR C 153 -4.60 12.75 -47.35
C TYR C 153 -3.39 12.13 -46.66
N ALA C 154 -2.23 12.74 -46.84
CA ALA C 154 -0.97 12.16 -46.38
C ALA C 154 0.15 13.15 -46.53
N ALA C 155 0.16 13.92 -47.60
CA ALA C 155 1.09 15.02 -47.69
C ALA C 155 0.80 15.99 -46.54
N GLU C 156 -0.45 16.00 -46.12
CA GLU C 156 -0.99 17.05 -45.31
C GLU C 156 -0.97 16.65 -43.85
N ILE C 157 -1.25 15.38 -43.61
CA ILE C 157 -1.41 14.86 -42.28
C ILE C 157 -0.09 14.31 -41.71
N PHE C 158 0.96 14.17 -42.52
CA PHE C 158 2.00 13.20 -42.16
C PHE C 158 2.81 13.65 -40.97
N VAL C 159 3.16 14.94 -40.90
CA VAL C 159 3.96 15.46 -39.81
C VAL C 159 3.25 15.26 -38.46
N GLU C 160 1.99 15.62 -38.41
CA GLU C 160 1.18 15.49 -37.21
C GLU C 160 0.92 14.00 -36.95
N GLY C 161 0.84 13.21 -38.02
CA GLY C 161 0.67 11.75 -37.88
C GLY C 161 1.77 11.05 -37.10
N ALA C 162 2.95 11.68 -36.99
CA ALA C 162 4.03 11.15 -36.17
C ALA C 162 3.65 11.02 -34.68
N ARG C 163 2.65 11.75 -34.24
CA ARG C 163 2.28 11.73 -32.82
C ARG C 163 1.77 10.36 -32.44
N GLY C 164 1.17 9.65 -33.39
CA GLY C 164 0.75 8.28 -33.11
C GLY C 164 1.91 7.38 -32.74
N PHE C 165 3.04 7.55 -33.42
CA PHE C 165 4.21 6.77 -33.18
C PHE C 165 4.90 7.19 -31.87
N ALA C 166 5.09 8.49 -31.70
CA ALA C 166 5.61 9.01 -30.44
C ALA C 166 4.85 8.49 -29.25
N ASN C 167 3.52 8.43 -29.37
CA ASN C 167 2.70 7.90 -28.28
C ASN C 167 2.97 6.42 -28.02
N GLN C 168 3.18 5.66 -29.08
CA GLN C 168 3.43 4.24 -28.95
C GLN C 168 4.72 3.99 -28.18
N ALA C 169 5.75 4.73 -28.55
CA ALA C 169 7.01 4.71 -27.84
C ALA C 169 6.81 5.00 -26.38
N ARG C 170 5.94 5.98 -26.05
CA ARG C 170 5.78 6.42 -24.64
C ARG C 170 4.94 5.49 -23.81
N ILE C 171 3.89 4.98 -24.42
CA ILE C 171 3.04 3.95 -23.83
C ILE C 171 3.88 2.68 -23.46
N SER C 172 4.84 2.37 -24.30
CA SER C 172 5.70 1.27 -23.98
C SER C 172 6.58 1.60 -22.77
N ALA C 173 7.09 2.82 -22.74
CA ALA C 173 7.83 3.31 -21.58
C ALA C 173 6.99 3.47 -20.31
N MET C 174 5.67 3.65 -20.44
CA MET C 174 4.82 3.81 -19.26
C MET C 174 4.53 2.47 -18.65
N GLY C 175 4.75 1.39 -19.37
CA GLY C 175 4.47 0.06 -18.82
C GLY C 175 3.14 -0.52 -19.26
N ILE C 176 2.57 0.02 -20.33
CA ILE C 176 1.31 -0.46 -20.81
C ILE C 176 1.64 -1.16 -22.09
N PRO C 177 1.47 -2.47 -22.11
CA PRO C 177 1.93 -3.24 -23.25
C PRO C 177 1.02 -3.14 -24.46
N GLN C 178 1.62 -3.30 -25.62
CA GLN C 178 0.92 -3.27 -26.91
C GLN C 178 1.09 -4.60 -27.64
N VAL C 179 -0.02 -5.17 -28.11
CA VAL C 179 0.03 -6.44 -28.80
C VAL C 179 -0.55 -6.20 -30.19
N THR C 180 0.23 -6.46 -31.23
CA THR C 180 -0.25 -6.17 -32.55
C THR C 180 -0.22 -7.46 -33.40
N VAL C 181 -1.35 -7.76 -34.06
CA VAL C 181 -1.41 -8.84 -35.02
C VAL C 181 -1.47 -8.23 -36.40
N VAL C 182 -0.50 -8.56 -37.22
CA VAL C 182 -0.47 -8.08 -38.58
C VAL C 182 -1.14 -9.15 -39.48
N HIS C 183 -2.32 -8.83 -39.98
CA HIS C 183 -3.06 -9.70 -40.88
C HIS C 183 -2.89 -9.35 -42.36
N GLY C 184 -2.31 -8.21 -42.67
CA GLY C 184 -2.21 -7.76 -44.04
C GLY C 184 -1.00 -6.93 -44.28
N SER C 185 -1.12 -5.87 -45.08
CA SER C 185 0.08 -5.10 -45.37
C SER C 185 0.21 -3.89 -44.44
N SER C 186 1.43 -3.63 -44.01
CA SER C 186 1.72 -2.52 -43.13
C SER C 186 2.92 -1.91 -43.75
N THR C 187 2.77 -0.73 -44.31
CA THR C 187 3.77 -0.24 -45.22
C THR C 187 4.08 1.21 -45.02
N ALA C 188 5.29 1.56 -45.46
CA ALA C 188 5.91 2.84 -45.17
C ALA C 188 5.71 3.18 -43.68
N GLY C 189 5.16 4.36 -43.39
CA GLY C 189 4.80 4.74 -42.04
C GLY C 189 3.96 3.73 -41.26
N GLY C 190 3.03 3.06 -41.93
CA GLY C 190 2.19 2.06 -41.28
C GLY C 190 2.98 0.87 -40.75
N ALA C 191 4.27 0.78 -41.12
CA ALA C 191 5.11 -0.35 -40.68
C ALA C 191 5.61 -0.18 -39.24
N TYR C 192 5.57 1.06 -38.78
CA TYR C 192 6.09 1.39 -37.48
C TYR C 192 5.06 1.18 -36.40
N GLN C 193 3.78 1.02 -36.69
CA GLN C 193 2.88 0.75 -35.58
C GLN C 193 3.07 -0.68 -35.00
N PRO C 194 3.30 -1.71 -35.85
CA PRO C 194 3.83 -2.95 -35.28
C PRO C 194 5.23 -2.76 -34.78
N GLY C 195 6.04 -2.03 -35.53
CA GLY C 195 7.38 -1.77 -35.11
C GLY C 195 7.41 -1.33 -33.64
N LEU C 196 6.53 -0.41 -33.27
CA LEU C 196 6.59 0.26 -32.00
C LEU C 196 5.61 -0.40 -31.05
N SER C 197 5.15 -1.60 -31.42
CA SER C 197 4.43 -2.48 -30.49
C SER C 197 5.42 -3.38 -29.75
N ASP C 198 4.99 -3.96 -28.63
CA ASP C 198 5.87 -4.75 -27.78
C ASP C 198 5.87 -6.24 -28.20
N TYR C 199 4.68 -6.74 -28.51
CA TYR C 199 4.44 -8.11 -28.97
C TYR C 199 3.78 -8.10 -30.33
N VAL C 200 4.42 -8.72 -31.31
CA VAL C 200 3.94 -8.65 -32.68
C VAL C 200 3.74 -10.06 -33.23
N VAL C 201 2.48 -10.37 -33.55
CA VAL C 201 2.07 -11.59 -34.20
C VAL C 201 1.91 -11.38 -35.73
N VAL C 202 2.54 -12.24 -36.52
CA VAL C 202 2.48 -12.12 -37.98
C VAL C 202 1.82 -13.37 -38.61
N VAL C 203 0.86 -13.11 -39.51
CA VAL C 203 0.08 -14.17 -40.17
C VAL C 203 0.81 -14.71 -41.41
N ARG C 204 1.10 -16.00 -41.42
CA ARG C 204 1.90 -16.60 -42.50
C ARG C 204 1.29 -16.37 -43.90
N GLY C 205 2.08 -15.77 -44.77
CA GLY C 205 1.66 -15.46 -46.12
C GLY C 205 0.55 -14.43 -46.33
N LYS C 206 0.03 -13.79 -45.27
CA LYS C 206 -0.85 -12.64 -45.49
C LYS C 206 -0.14 -11.33 -45.15
N ALA C 207 0.59 -11.35 -44.05
CA ALA C 207 1.18 -10.17 -43.47
C ALA C 207 2.37 -9.75 -44.26
N LYS C 208 2.51 -8.45 -44.41
CA LYS C 208 3.67 -7.93 -45.07
C LYS C 208 4.02 -6.62 -44.38
N MET C 209 5.29 -6.48 -44.04
CA MET C 209 5.76 -5.26 -43.38
C MET C 209 6.98 -4.78 -44.12
N PHE C 210 6.97 -3.54 -44.56
CA PHE C 210 8.16 -2.97 -45.14
C PHE C 210 8.03 -1.45 -45.21
N LEU C 211 9.14 -0.72 -45.19
CA LEU C 211 9.11 0.75 -45.25
C LEU C 211 8.80 1.17 -46.65
N ALA C 212 9.22 0.35 -47.60
CA ALA C 212 8.85 0.46 -49.01
C ALA C 212 8.50 -0.92 -49.58
N GLY C 213 7.24 -1.11 -49.95
CA GLY C 213 6.81 -2.29 -50.70
C GLY C 213 7.43 -2.27 -52.10
N PRO C 214 7.27 -3.35 -52.90
CA PRO C 214 7.97 -3.39 -54.21
C PRO C 214 7.66 -2.22 -55.14
N PRO C 215 6.39 -1.76 -55.19
CA PRO C 215 6.10 -0.46 -55.79
C PRO C 215 6.98 0.69 -55.29
N GLY C 222 16.35 0.97 -57.43
CA GLY C 222 15.26 0.40 -58.23
C GLY C 222 15.20 -1.13 -58.29
N GLU C 223 15.06 -1.75 -57.12
CA GLU C 223 15.15 -3.21 -56.97
C GLU C 223 13.84 -3.90 -57.30
N ILE C 224 13.95 -5.11 -57.85
CA ILE C 224 12.79 -5.94 -58.09
C ILE C 224 12.81 -7.10 -57.11
N ALA C 225 11.87 -7.05 -56.17
CA ALA C 225 11.71 -8.07 -55.16
C ALA C 225 10.22 -8.37 -55.05
N SER C 226 9.90 -9.63 -54.75
CA SER C 226 8.52 -9.99 -54.44
C SER C 226 8.16 -9.45 -53.05
N ASP C 227 6.90 -9.18 -52.79
CA ASP C 227 6.56 -8.58 -51.53
C ASP C 227 6.79 -9.54 -50.35
N GLU C 228 6.67 -10.85 -50.61
CA GLU C 228 7.01 -11.88 -49.62
C GLU C 228 8.55 -11.99 -49.38
N GLU C 229 9.35 -11.82 -50.43
CA GLU C 229 10.83 -11.76 -50.29
C GLU C 229 11.31 -10.56 -49.47
N LEU C 230 10.48 -9.52 -49.45
CA LEU C 230 10.92 -8.21 -49.02
C LEU C 230 10.41 -7.90 -47.58
N GLY C 231 9.20 -8.34 -47.24
CA GLY C 231 8.70 -8.13 -45.91
C GLY C 231 7.63 -9.11 -45.49
N GLY C 232 7.76 -10.37 -45.91
CA GLY C 232 6.78 -11.37 -45.52
C GLY C 232 6.88 -11.76 -44.04
N ALA C 233 5.81 -12.39 -43.56
CA ALA C 233 5.75 -12.89 -42.19
C ALA C 233 7.00 -13.67 -41.82
N GLU C 234 7.39 -14.60 -42.70
CA GLU C 234 8.55 -15.45 -42.49
C GLU C 234 9.88 -14.69 -42.50
N LEU C 235 10.03 -13.72 -43.38
CA LEU C 235 11.22 -12.89 -43.30
C LEU C 235 11.36 -12.26 -41.88
N HIS C 236 10.26 -11.77 -41.35
CA HIS C 236 10.29 -10.96 -40.11
C HIS C 236 10.39 -11.84 -38.87
N ALA C 237 9.62 -12.92 -38.83
CA ALA C 237 9.74 -13.91 -37.76
C ALA C 237 11.09 -14.62 -37.71
N GLN C 238 11.66 -14.94 -38.88
CA GLN C 238 12.86 -15.76 -38.93
C GLN C 238 14.21 -15.05 -39.12
N VAL C 239 14.22 -13.99 -39.90
CA VAL C 239 15.48 -13.39 -40.29
C VAL C 239 15.71 -12.08 -39.57
N ALA C 240 14.78 -11.16 -39.70
CA ALA C 240 14.97 -9.82 -39.20
C ALA C 240 14.75 -9.79 -37.68
N GLY C 241 13.84 -10.58 -37.19
CA GLY C 241 13.46 -10.50 -35.81
C GLY C 241 12.46 -9.40 -35.58
N THR C 242 11.70 -9.05 -36.58
CA THR C 242 10.74 -7.97 -36.39
C THR C 242 9.49 -8.43 -35.64
N ALA C 243 9.24 -9.72 -35.62
CA ALA C 243 8.08 -10.24 -34.94
C ALA C 243 8.49 -11.36 -34.02
N GLU C 244 7.62 -11.63 -33.07
CA GLU C 244 7.85 -12.63 -32.05
C GLU C 244 6.98 -13.84 -32.30
N TYR C 245 5.94 -13.74 -33.12
CA TYR C 245 5.14 -14.93 -33.35
C TYR C 245 4.66 -15.04 -34.79
N LEU C 246 4.72 -16.26 -35.33
CA LEU C 246 4.18 -16.60 -36.67
C LEU C 246 2.90 -17.37 -36.52
N ALA C 247 1.79 -16.80 -36.98
CA ALA C 247 0.48 -17.46 -36.97
C ALA C 247 0.19 -18.07 -38.34
N GLU C 248 -0.64 -19.10 -38.39
CA GLU C 248 -0.92 -19.80 -39.65
C GLU C 248 -2.02 -19.17 -40.48
N ASN C 249 -2.87 -18.37 -39.86
CA ASN C 249 -4.00 -17.72 -40.55
C ASN C 249 -4.68 -16.73 -39.60
N ASP C 250 -5.67 -15.99 -40.09
CA ASP C 250 -6.31 -14.95 -39.29
C ASP C 250 -6.63 -15.43 -37.85
N ALA C 251 -7.33 -16.57 -37.75
CA ALA C 251 -7.85 -17.07 -36.48
C ALA C 251 -6.79 -17.55 -35.50
N ASP C 252 -5.64 -17.92 -36.03
CA ASP C 252 -4.56 -18.42 -35.24
C ASP C 252 -3.78 -17.23 -34.65
N GLY C 253 -3.79 -16.10 -35.34
CA GLY C 253 -3.18 -14.86 -34.87
C GLY C 253 -3.95 -14.41 -33.66
N VAL C 254 -5.25 -14.27 -33.87
CA VAL C 254 -6.18 -13.85 -32.83
C VAL C 254 -6.06 -14.72 -31.61
N ARG C 255 -5.94 -16.03 -31.80
CA ARG C 255 -5.77 -16.96 -30.68
C ARG C 255 -4.51 -16.61 -29.92
N LEU C 256 -3.44 -16.38 -30.67
CA LEU C 256 -2.13 -16.11 -30.11
C LEU C 256 -2.13 -14.79 -29.36
N ALA C 257 -2.90 -13.83 -29.84
CA ALA C 257 -3.02 -12.57 -29.13
C ALA C 257 -3.75 -12.79 -27.83
N ARG C 258 -4.83 -13.56 -27.87
CA ARG C 258 -5.53 -13.84 -26.62
C ARG C 258 -4.56 -14.49 -25.62
N GLU C 259 -3.69 -15.35 -26.11
CA GLU C 259 -2.81 -16.10 -25.23
C GLU C 259 -1.73 -15.23 -24.62
N ILE C 260 -1.23 -14.28 -25.39
CA ILE C 260 -0.28 -13.28 -24.89
C ILE C 260 -0.90 -12.44 -23.77
N VAL C 261 -2.11 -11.93 -24.01
CA VAL C 261 -2.84 -11.20 -22.99
C VAL C 261 -3.08 -12.06 -21.75
N GLY C 262 -3.60 -13.27 -21.96
CA GLY C 262 -3.89 -14.17 -20.88
C GLY C 262 -2.67 -14.67 -20.11
N MET C 263 -1.49 -14.36 -20.60
CA MET C 263 -0.27 -14.81 -19.97
C MET C 263 0.42 -13.71 -19.13
N LEU C 264 -0.12 -12.51 -19.14
CA LEU C 264 0.38 -11.41 -18.33
C LEU C 264 -0.16 -11.50 -16.91
N PRO C 265 0.65 -11.13 -15.91
CA PRO C 265 0.08 -11.01 -14.55
C PRO C 265 -0.69 -9.69 -14.29
N TRP C 266 -1.52 -9.24 -15.22
CA TRP C 266 -2.05 -7.87 -15.21
C TRP C 266 -3.00 -7.61 -14.04
N ASN C 267 -4.01 -8.43 -13.88
CA ASN C 267 -4.96 -8.23 -12.79
C ASN C 267 -4.37 -8.60 -11.42
N ALA C 268 -3.34 -9.44 -11.40
CA ALA C 268 -2.61 -9.72 -10.18
C ALA C 268 -1.84 -8.48 -9.64
N GLN C 269 -1.60 -7.47 -10.46
CA GLN C 269 -1.04 -6.20 -9.97
C GLN C 269 -2.02 -5.36 -9.14
N LEU C 270 -3.31 -5.67 -9.15
CA LEU C 270 -4.28 -4.85 -8.43
C LEU C 270 -4.46 -5.32 -7.00
N PRO C 271 -4.91 -4.42 -6.12
CA PRO C 271 -5.37 -4.82 -4.79
C PRO C 271 -6.74 -5.51 -4.75
N ALA C 272 -7.07 -6.12 -3.62
CA ALA C 272 -8.40 -6.70 -3.43
C ALA C 272 -9.56 -5.67 -3.33
N ARG C 273 -10.79 -6.15 -3.40
CA ARG C 273 -11.97 -5.36 -3.10
C ARG C 273 -13.13 -6.29 -2.80
N SER C 277 -22.22 -4.26 -3.84
CA SER C 277 -23.60 -4.18 -3.33
C SER C 277 -24.26 -2.78 -3.45
N TRP C 278 -25.43 -2.72 -4.08
CA TRP C 278 -26.18 -1.45 -4.23
C TRP C 278 -27.68 -1.71 -4.42
N ARG C 279 -28.46 -0.67 -4.70
CA ARG C 279 -29.90 -0.83 -4.77
C ARG C 279 -30.46 -1.10 -6.18
N GLU C 280 -30.17 -0.20 -7.11
CA GLU C 280 -30.86 -0.12 -8.43
C GLU C 280 -31.85 1.03 -8.32
N PRO C 281 -32.11 1.75 -9.41
CA PRO C 281 -33.06 2.84 -9.31
C PRO C 281 -34.48 2.30 -9.09
N LEU C 282 -35.40 3.18 -8.72
CA LEU C 282 -36.75 2.76 -8.37
C LEU C 282 -37.61 2.53 -9.60
N TYR C 283 -37.39 3.35 -10.63
CA TYR C 283 -38.12 3.24 -11.88
C TYR C 283 -37.30 2.39 -12.83
N PRO C 284 -37.96 1.55 -13.65
CA PRO C 284 -37.20 0.85 -14.69
C PRO C 284 -36.29 1.80 -15.50
N VAL C 285 -35.14 1.29 -15.94
CA VAL C 285 -34.21 2.06 -16.80
C VAL C 285 -34.26 1.53 -18.24
N GLU C 286 -35.46 1.16 -18.68
CA GLU C 286 -35.68 0.49 -19.96
C GLU C 286 -36.81 1.14 -20.79
N GLU C 287 -37.28 2.31 -20.36
CA GLU C 287 -38.39 3.03 -21.01
C GLU C 287 -37.99 4.49 -21.33
N LEU C 288 -36.68 4.78 -21.26
CA LEU C 288 -36.15 6.16 -21.24
C LEU C 288 -35.89 6.79 -22.65
N LEU C 289 -36.42 6.21 -23.74
CA LEU C 289 -36.38 6.89 -25.06
C LEU C 289 -37.33 8.08 -25.02
N GLY C 290 -38.26 8.08 -24.08
CA GLY C 290 -39.10 9.24 -23.77
C GLY C 290 -38.81 9.84 -22.39
N VAL C 291 -37.92 10.84 -22.37
CA VAL C 291 -37.69 11.71 -21.19
C VAL C 291 -37.33 13.13 -21.64
N VAL C 292 -36.41 13.23 -22.61
CA VAL C 292 -36.04 14.48 -23.25
C VAL C 292 -36.94 14.72 -24.46
N PRO C 293 -37.43 15.97 -24.64
CA PRO C 293 -38.07 16.33 -25.90
C PRO C 293 -37.08 16.38 -27.09
N ALA C 294 -37.61 16.53 -28.31
CA ALA C 294 -36.82 16.43 -29.56
C ALA C 294 -35.42 17.07 -29.51
N ASP C 295 -35.32 18.37 -29.82
CA ASP C 295 -34.09 19.15 -29.57
C ASP C 295 -33.91 19.37 -28.05
N PRO C 296 -32.79 19.99 -27.62
CA PRO C 296 -32.54 19.99 -26.18
C PRO C 296 -32.47 21.35 -25.45
N LYS C 297 -32.39 22.48 -26.16
CA LYS C 297 -32.20 23.80 -25.52
C LYS C 297 -33.06 24.06 -24.27
N LYS C 298 -34.29 23.53 -24.29
CA LYS C 298 -35.24 23.59 -23.16
C LYS C 298 -34.55 23.47 -21.79
N PRO C 299 -34.83 24.42 -20.86
CA PRO C 299 -34.47 24.18 -19.44
C PRO C 299 -35.27 23.05 -18.74
N TYR C 300 -35.19 21.82 -19.28
CA TYR C 300 -35.89 20.65 -18.68
C TYR C 300 -34.98 20.01 -17.64
N ASP C 301 -35.51 19.02 -16.91
CA ASP C 301 -34.90 18.69 -15.63
C ASP C 301 -33.86 17.59 -15.68
N VAL C 302 -32.61 18.00 -15.43
CA VAL C 302 -31.52 17.06 -15.26
C VAL C 302 -31.80 16.10 -14.08
N ARG C 303 -32.42 16.59 -13.01
CA ARG C 303 -32.78 15.72 -11.89
C ARG C 303 -33.59 14.53 -12.35
N GLU C 304 -34.38 14.71 -13.41
CA GLU C 304 -35.15 13.58 -13.93
C GLU C 304 -34.23 12.45 -14.33
N ILE C 305 -33.11 12.80 -14.96
CA ILE C 305 -32.12 11.85 -15.45
C ILE C 305 -31.41 11.19 -14.28
N VAL C 306 -30.95 12.04 -13.36
CA VAL C 306 -30.30 11.62 -12.10
C VAL C 306 -31.13 10.56 -11.44
N ALA C 307 -32.44 10.80 -11.36
CA ALA C 307 -33.37 9.86 -10.72
C ALA C 307 -33.32 8.50 -11.36
N ARG C 308 -33.06 8.48 -12.68
CA ARG C 308 -33.03 7.24 -13.43
C ARG C 308 -31.66 6.56 -13.47
N ILE C 309 -30.59 7.34 -13.30
CA ILE C 309 -29.26 6.76 -13.20
C ILE C 309 -28.84 6.37 -11.75
N ALA C 310 -29.23 7.21 -10.77
CA ALA C 310 -28.76 7.09 -9.36
C ALA C 310 -29.25 5.85 -8.64
N ASP C 311 -28.37 5.17 -7.91
CA ASP C 311 -28.74 4.02 -7.08
C ASP C 311 -29.89 4.41 -6.17
N GLY C 312 -30.94 3.59 -6.14
CA GLY C 312 -32.18 3.92 -5.41
C GLY C 312 -32.70 5.32 -5.70
N SER C 313 -32.41 5.83 -6.89
CA SER C 313 -32.76 7.18 -7.29
C SER C 313 -32.48 8.25 -6.18
N GLU C 314 -31.55 7.93 -5.28
CA GLU C 314 -31.19 8.81 -4.18
C GLU C 314 -30.18 9.83 -4.69
N PHE C 315 -30.44 11.09 -4.41
CA PHE C 315 -29.64 12.19 -4.89
C PHE C 315 -29.67 13.31 -3.87
N LEU C 316 -28.51 13.89 -3.55
CA LEU C 316 -28.42 14.91 -2.51
C LEU C 316 -28.10 16.26 -3.14
N ASP C 317 -29.10 17.10 -3.34
CA ASP C 317 -28.86 18.39 -3.99
C ASP C 317 -27.83 19.10 -3.17
N PHE C 318 -26.93 19.77 -3.87
CA PHE C 318 -25.89 20.53 -3.28
C PHE C 318 -26.10 21.99 -3.64
N LYS C 319 -26.25 22.83 -2.66
CA LYS C 319 -26.31 24.28 -2.86
C LYS C 319 -27.41 24.74 -3.87
N ASN C 320 -28.47 23.96 -3.89
CA ASN C 320 -29.67 24.18 -4.72
C ASN C 320 -30.27 25.55 -4.48
N GLU C 321 -30.51 25.83 -3.22
CA GLU C 321 -30.98 27.14 -2.76
C GLU C 321 -30.10 28.36 -3.15
N PHE C 322 -28.83 28.16 -3.50
CA PHE C 322 -27.96 29.30 -3.91
C PHE C 322 -28.09 29.58 -5.40
N ASP C 323 -28.41 28.53 -6.15
CA ASP C 323 -28.58 28.68 -7.58
C ASP C 323 -29.29 27.45 -8.07
N GLY C 324 -30.40 27.68 -8.79
CA GLY C 324 -31.28 26.57 -9.16
C GLY C 324 -30.94 25.94 -10.48
N GLN C 325 -30.18 26.64 -11.30
CA GLN C 325 -30.04 26.32 -12.74
C GLN C 325 -28.83 25.41 -12.97
N THR C 326 -27.72 25.77 -12.34
CA THR C 326 -26.53 24.92 -12.28
C THR C 326 -26.73 23.91 -11.14
N VAL C 327 -27.19 22.71 -11.46
CA VAL C 327 -27.46 21.70 -10.47
C VAL C 327 -26.17 21.01 -10.06
N CYS C 328 -26.09 20.53 -8.82
CA CYS C 328 -24.92 19.80 -8.27
C CYS C 328 -25.35 18.87 -7.17
N GLY C 329 -24.73 17.70 -7.07
CA GLY C 329 -25.00 16.80 -5.95
C GLY C 329 -24.38 15.43 -6.03
N HIS C 330 -24.58 14.66 -4.97
CA HIS C 330 -23.99 13.34 -4.86
C HIS C 330 -25.02 12.28 -5.10
N LEU C 331 -24.56 11.18 -5.68
CA LEU C 331 -25.34 10.03 -5.99
C LEU C 331 -24.37 8.86 -5.94
N ARG C 332 -24.90 7.65 -6.09
CA ARG C 332 -24.10 6.47 -6.02
C ARG C 332 -24.55 5.67 -7.25
N ILE C 333 -23.70 5.53 -8.25
CA ILE C 333 -24.01 4.65 -9.38
C ILE C 333 -23.29 3.33 -9.25
N GLU C 334 -24.04 2.25 -9.10
CA GLU C 334 -23.47 0.90 -8.98
C GLU C 334 -22.42 0.75 -7.89
N GLY C 335 -22.67 1.41 -6.76
CA GLY C 335 -21.77 1.43 -5.62
C GLY C 335 -20.79 2.58 -5.64
N HIS C 336 -20.49 3.10 -6.83
CA HIS C 336 -19.50 4.15 -6.97
C HIS C 336 -20.09 5.50 -6.62
N ALA C 337 -19.58 6.13 -5.56
CA ALA C 337 -19.93 7.54 -5.31
C ALA C 337 -19.50 8.45 -6.43
N CYS C 338 -20.32 9.46 -6.73
CA CYS C 338 -19.88 10.55 -7.56
C CYS C 338 -20.70 11.79 -7.35
N GLY C 339 -20.23 12.87 -7.94
CA GLY C 339 -20.81 14.16 -7.81
C GLY C 339 -21.14 14.63 -9.21
N LEU C 340 -22.38 15.10 -9.38
CA LEU C 340 -22.90 15.45 -10.66
C LEU C 340 -22.89 16.94 -10.77
N ILE C 341 -22.56 17.44 -11.95
CA ILE C 341 -22.80 18.84 -12.31
C ILE C 341 -23.65 18.90 -13.57
N GLY C 342 -24.86 19.47 -13.42
CA GLY C 342 -25.90 19.46 -14.44
C GLY C 342 -26.36 20.86 -14.78
N ASN C 343 -27.02 21.01 -15.93
CA ASN C 343 -27.66 22.28 -16.28
C ASN C 343 -29.15 22.10 -16.44
N ASN C 344 -29.90 22.94 -15.73
CA ASN C 344 -31.26 23.29 -16.09
C ASN C 344 -31.30 24.80 -16.40
N GLY C 345 -30.39 25.28 -17.24
CA GLY C 345 -30.34 26.70 -17.51
C GLY C 345 -28.94 27.20 -17.79
N PRO C 346 -28.80 28.50 -18.01
CA PRO C 346 -27.48 29.07 -18.21
C PRO C 346 -26.70 29.01 -16.91
N ILE C 347 -25.38 29.17 -17.01
CA ILE C 347 -24.50 29.25 -15.85
C ILE C 347 -24.37 30.69 -15.39
N THR C 348 -24.94 31.02 -14.24
CA THR C 348 -24.88 32.40 -13.74
C THR C 348 -23.58 32.45 -12.95
N PRO C 349 -23.21 33.64 -12.48
CA PRO C 349 -21.98 33.77 -11.72
C PRO C 349 -22.04 33.08 -10.37
N GLN C 350 -23.22 32.58 -9.96
CA GLN C 350 -23.45 31.86 -8.71
C GLN C 350 -23.39 30.36 -8.94
N GLY C 351 -23.93 29.92 -10.08
CA GLY C 351 -23.84 28.52 -10.47
C GLY C 351 -22.37 28.15 -10.68
N ALA C 352 -21.56 29.11 -11.15
CA ALA C 352 -20.17 28.85 -11.48
C ALA C 352 -19.29 28.74 -10.22
N ALA C 353 -19.39 29.74 -9.35
CA ALA C 353 -18.82 29.67 -8.04
C ALA C 353 -19.26 28.36 -7.35
N LYS C 354 -20.54 28.05 -7.46
CA LYS C 354 -21.11 26.89 -6.77
C LYS C 354 -20.46 25.64 -7.31
N ALA C 355 -20.24 25.62 -8.63
CA ALA C 355 -19.69 24.49 -9.32
C ALA C 355 -18.19 24.34 -9.05
N ALA C 356 -17.48 25.46 -9.05
CA ALA C 356 -16.07 25.42 -8.78
C ALA C 356 -15.83 24.87 -7.36
N GLN C 357 -16.75 25.17 -6.45
CA GLN C 357 -16.60 24.83 -5.05
C GLN C 357 -16.84 23.37 -4.92
N PHE C 358 -17.89 22.91 -5.57
CA PHE C 358 -18.28 21.51 -5.51
C PHE C 358 -17.23 20.58 -6.10
N ILE C 359 -16.58 20.97 -7.19
CA ILE C 359 -15.56 20.15 -7.82
C ILE C 359 -14.39 19.97 -6.85
N GLN C 360 -14.05 21.08 -6.22
CA GLN C 360 -13.04 21.19 -5.23
C GLN C 360 -13.31 20.32 -4.03
N LEU C 361 -14.53 20.31 -3.53
CA LEU C 361 -14.98 19.30 -2.54
C LEU C 361 -14.89 17.87 -3.00
N CYS C 362 -15.03 17.65 -4.29
CA CYS C 362 -15.02 16.30 -4.82
C CYS C 362 -13.58 15.81 -4.97
N GLU C 363 -12.67 16.72 -5.27
CA GLU C 363 -11.27 16.42 -5.29
C GLU C 363 -10.90 15.95 -3.86
N GLN C 364 -11.38 16.69 -2.87
CA GLN C 364 -11.08 16.45 -1.46
C GLN C 364 -11.47 15.08 -0.99
N SER C 365 -12.63 14.61 -1.42
CA SER C 365 -13.09 13.33 -0.97
C SER C 365 -12.78 12.24 -1.97
N ASN C 366 -12.06 12.57 -3.03
CA ASN C 366 -11.67 11.62 -4.04
C ASN C 366 -12.87 11.11 -4.75
N THR C 367 -13.81 12.00 -4.99
CA THR C 367 -15.07 11.61 -5.64
C THR C 367 -15.06 11.98 -7.14
N PRO C 368 -15.34 10.99 -7.98
CA PRO C 368 -15.47 11.25 -9.41
C PRO C 368 -16.62 12.21 -9.80
N LEU C 369 -16.43 12.92 -10.91
CA LEU C 369 -17.31 13.98 -11.38
C LEU C 369 -18.13 13.56 -12.63
N LEU C 370 -19.45 13.82 -12.64
CA LEU C 370 -20.30 13.60 -13.83
C LEU C 370 -20.78 14.93 -14.34
N PHE C 371 -20.49 15.22 -15.59
CA PHE C 371 -21.01 16.43 -16.21
C PHE C 371 -22.11 16.09 -17.22
N LEU C 372 -23.35 16.44 -16.89
CA LEU C 372 -24.50 16.39 -17.81
C LEU C 372 -24.63 17.74 -18.50
N HIS C 373 -24.28 17.76 -19.78
CA HIS C 373 -24.34 18.96 -20.59
C HIS C 373 -25.78 19.19 -21.06
N ASN C 374 -26.32 20.33 -20.70
CA ASN C 374 -27.61 20.74 -21.21
C ASN C 374 -27.76 22.24 -21.10
N THR C 375 -26.83 22.97 -21.71
CA THR C 375 -26.73 24.41 -21.47
C THR C 375 -26.44 25.17 -22.75
N THR C 376 -26.59 26.48 -22.65
CA THR C 376 -26.45 27.39 -23.76
C THR C 376 -25.33 28.36 -23.54
N GLY C 377 -24.68 28.27 -22.38
CA GLY C 377 -23.57 29.17 -22.05
C GLY C 377 -23.77 29.83 -20.70
N PHE C 378 -22.98 30.84 -20.45
CA PHE C 378 -23.07 31.58 -19.24
C PHE C 378 -24.22 32.56 -19.36
N MET C 379 -24.68 33.10 -18.24
CA MET C 379 -25.63 34.18 -18.27
C MET C 379 -24.92 35.44 -18.71
N VAL C 380 -25.69 36.31 -19.34
CA VAL C 380 -25.20 37.55 -19.93
C VAL C 380 -26.05 38.71 -19.42
N GLY C 381 -25.50 39.92 -19.52
CA GLY C 381 -26.18 41.12 -19.05
C GLY C 381 -25.20 41.86 -18.17
N THR C 382 -25.55 43.08 -17.78
CA THR C 382 -24.71 43.86 -16.87
C THR C 382 -24.63 43.26 -15.45
N GLU C 383 -25.65 42.51 -15.07
CA GLU C 383 -25.71 41.94 -13.74
C GLU C 383 -24.62 40.85 -13.63
N SER C 384 -24.69 39.86 -14.51
CA SER C 384 -23.71 38.78 -14.58
C SER C 384 -22.29 39.32 -14.52
N GLU C 385 -22.03 40.36 -15.31
CA GLU C 385 -20.68 40.91 -15.46
C GLU C 385 -20.21 41.65 -14.19
N ARG C 386 -21.17 42.36 -13.57
CA ARG C 386 -21.00 42.98 -12.26
C ARG C 386 -20.79 41.94 -11.14
N GLN C 387 -21.55 40.84 -11.22
CA GLN C 387 -21.54 39.76 -10.21
C GLN C 387 -20.44 38.71 -10.52
N GLY C 388 -19.50 39.05 -11.40
CA GLY C 388 -18.27 38.27 -11.61
C GLY C 388 -18.37 37.00 -12.44
N VAL C 389 -19.23 36.99 -13.47
CA VAL C 389 -19.39 35.77 -14.29
C VAL C 389 -18.11 35.34 -14.99
N ILE C 390 -17.26 36.28 -15.39
CA ILE C 390 -15.99 35.92 -16.02
C ILE C 390 -15.14 35.20 -14.93
N LYS C 391 -14.93 35.90 -13.84
CA LYS C 391 -14.03 35.43 -12.81
C LYS C 391 -14.49 34.14 -12.14
N HIS C 392 -15.79 33.92 -12.06
CA HIS C 392 -16.32 32.72 -11.46
C HIS C 392 -16.42 31.61 -12.45
N GLY C 393 -16.57 31.99 -13.73
CA GLY C 393 -16.48 31.03 -14.82
C GLY C 393 -15.06 30.53 -14.99
N SER C 394 -14.11 31.46 -14.93
CA SER C 394 -12.69 31.15 -14.89
C SER C 394 -12.37 30.14 -13.78
N LYS C 395 -12.79 30.45 -12.53
CA LYS C 395 -12.59 29.50 -11.45
C LYS C 395 -13.20 28.14 -11.72
N MET C 396 -14.32 28.09 -12.42
CA MET C 396 -14.97 26.79 -12.70
C MET C 396 -14.14 26.00 -13.72
N ILE C 397 -13.54 26.72 -14.65
CA ILE C 397 -12.72 26.09 -15.68
C ILE C 397 -11.40 25.60 -15.03
N GLN C 398 -10.89 26.37 -14.07
CA GLN C 398 -9.67 26.05 -13.34
C GLN C 398 -9.77 24.78 -12.61
N ALA C 399 -10.89 24.56 -11.97
CA ALA C 399 -11.17 23.29 -11.29
C ALA C 399 -11.41 22.15 -12.23
N VAL C 400 -12.08 22.42 -13.35
CA VAL C 400 -12.42 21.36 -14.26
C VAL C 400 -11.11 20.89 -14.82
N ALA C 401 -10.20 21.84 -15.06
CA ALA C 401 -8.95 21.52 -15.71
C ALA C 401 -7.95 20.90 -14.75
N ASN C 402 -7.93 21.33 -13.50
CA ASN C 402 -6.88 20.89 -12.59
C ASN C 402 -7.33 19.85 -11.62
N ALA C 403 -8.61 19.54 -11.61
CA ALA C 403 -9.05 18.47 -10.74
C ALA C 403 -8.49 17.11 -11.21
N ARG C 404 -8.01 16.28 -10.29
CA ARG C 404 -7.37 15.01 -10.64
C ARG C 404 -8.29 13.79 -10.58
N VAL C 405 -9.42 13.91 -9.94
CA VAL C 405 -10.37 12.80 -9.94
C VAL C 405 -10.87 12.48 -11.34
N PRO C 406 -11.36 11.28 -11.55
CA PRO C 406 -11.83 11.10 -12.93
C PRO C 406 -13.00 12.07 -13.27
N LYS C 407 -13.16 12.44 -14.53
CA LYS C 407 -14.23 13.34 -14.97
C LYS C 407 -15.00 12.72 -16.15
N LEU C 408 -16.21 12.24 -15.90
CA LEU C 408 -17.08 11.64 -16.91
C LEU C 408 -18.13 12.64 -17.44
N THR C 409 -18.29 12.71 -18.77
CA THR C 409 -19.24 13.66 -19.41
C THR C 409 -20.29 12.93 -20.26
N LEU C 410 -21.57 13.28 -20.04
CA LEU C 410 -22.69 12.86 -20.91
C LEU C 410 -23.27 14.12 -21.49
N VAL C 411 -23.27 14.24 -22.81
CA VAL C 411 -23.96 15.36 -23.46
C VAL C 411 -25.43 14.96 -23.64
N VAL C 412 -26.29 15.47 -22.77
CA VAL C 412 -27.72 15.11 -22.80
C VAL C 412 -28.54 16.10 -23.65
N GLY C 413 -28.10 17.35 -23.70
CA GLY C 413 -28.76 18.35 -24.52
C GLY C 413 -27.86 19.37 -25.21
N GLY C 414 -28.04 20.63 -24.84
CA GLY C 414 -27.28 21.71 -25.44
C GLY C 414 -25.88 21.73 -24.87
N SER C 415 -24.92 22.10 -25.70
CA SER C 415 -23.56 22.31 -25.26
C SER C 415 -22.96 23.43 -26.08
N TYR C 416 -23.11 24.64 -25.61
CA TYR C 416 -22.87 25.79 -26.46
C TYR C 416 -21.81 26.69 -25.85
N GLY C 417 -20.93 27.18 -26.71
CA GLY C 417 -19.92 28.12 -26.26
C GLY C 417 -19.09 27.65 -25.06
N ALA C 418 -18.87 28.58 -24.16
CA ALA C 418 -17.99 28.42 -23.04
C ALA C 418 -18.66 27.53 -22.03
N GLY C 419 -19.96 27.29 -22.21
CA GLY C 419 -20.69 26.27 -21.46
C GLY C 419 -20.27 24.83 -21.72
N ASN C 420 -19.91 24.54 -22.96
CA ASN C 420 -19.29 23.28 -23.29
C ASN C 420 -17.90 23.18 -22.59
N TYR C 421 -17.11 24.23 -22.65
CA TYR C 421 -15.79 24.22 -22.04
C TYR C 421 -15.90 23.97 -20.51
N ALA C 422 -16.70 24.80 -19.84
CA ALA C 422 -16.86 24.78 -18.37
C ALA C 422 -17.53 23.54 -17.84
N MET C 423 -18.29 22.87 -18.68
CA MET C 423 -18.89 21.61 -18.29
C MET C 423 -18.01 20.43 -18.72
N CYS C 424 -16.72 20.72 -18.96
CA CYS C 424 -15.74 19.70 -19.24
C CYS C 424 -16.09 18.97 -20.52
N GLY C 425 -16.12 19.72 -21.62
CA GLY C 425 -16.27 19.14 -22.96
C GLY C 425 -14.89 18.80 -23.48
N ARG C 426 -14.81 18.33 -24.73
CA ARG C 426 -13.59 17.67 -25.23
C ARG C 426 -12.30 18.34 -24.86
N GLY C 427 -12.20 19.63 -25.06
CA GLY C 427 -10.93 20.25 -24.91
C GLY C 427 -10.56 20.45 -23.45
N LEU C 428 -11.45 20.09 -22.54
CA LEU C 428 -11.08 19.95 -21.13
C LEU C 428 -10.73 18.47 -20.73
N ASP C 429 -10.60 17.57 -21.70
CA ASP C 429 -10.16 16.23 -21.44
C ASP C 429 -10.94 15.51 -20.36
N PRO C 430 -12.26 15.45 -20.47
CA PRO C 430 -12.85 14.44 -19.66
C PRO C 430 -12.11 13.12 -19.90
N ARG C 431 -12.15 12.18 -18.96
CA ARG C 431 -11.62 10.86 -19.23
C ARG C 431 -12.39 10.21 -20.36
N PHE C 432 -13.71 10.42 -20.34
CA PHE C 432 -14.65 9.86 -21.33
C PHE C 432 -15.79 10.82 -21.51
N ILE C 433 -16.22 10.97 -22.76
CA ILE C 433 -17.31 11.87 -23.08
C ILE C 433 -18.19 11.25 -24.13
N PHE C 434 -19.48 11.07 -23.79
CA PHE C 434 -20.43 10.42 -24.71
C PHE C 434 -21.65 11.34 -24.92
N ALA C 435 -22.32 11.18 -26.07
CA ALA C 435 -23.45 12.07 -26.42
C ALA C 435 -24.73 11.30 -26.67
N TRP C 436 -25.84 11.89 -26.25
CA TRP C 436 -27.16 11.38 -26.60
C TRP C 436 -27.48 11.80 -28.04
N PRO C 437 -28.07 10.90 -28.85
CA PRO C 437 -28.40 11.27 -30.24
C PRO C 437 -29.14 12.59 -30.32
N ASN C 438 -30.02 12.83 -29.37
CA ASN C 438 -30.76 14.08 -29.30
C ASN C 438 -29.98 15.35 -28.99
N SER C 439 -28.74 15.24 -28.50
CA SER C 439 -27.98 16.43 -28.06
C SER C 439 -27.45 17.23 -29.23
N ARG C 440 -27.03 18.47 -28.96
CA ARG C 440 -26.55 19.40 -29.96
C ARG C 440 -25.37 20.19 -29.37
N THR C 441 -24.19 20.01 -29.94
CA THR C 441 -22.97 20.72 -29.54
C THR C 441 -22.62 21.74 -30.62
N ALA C 442 -22.32 22.96 -30.23
CA ALA C 442 -22.06 24.00 -31.20
C ALA C 442 -21.58 25.30 -30.56
N VAL C 443 -20.88 26.11 -31.35
CA VAL C 443 -20.26 27.35 -30.88
C VAL C 443 -21.26 28.35 -30.30
N MET C 444 -22.42 28.49 -30.95
CA MET C 444 -23.52 29.32 -30.42
C MET C 444 -24.82 28.85 -31.04
N GLY C 445 -25.88 29.61 -30.87
CA GLY C 445 -27.20 29.26 -31.44
C GLY C 445 -27.49 30.06 -32.71
N GLY C 446 -28.29 29.46 -33.59
CA GLY C 446 -28.75 30.15 -34.78
C GLY C 446 -29.27 31.53 -34.39
N ALA C 447 -29.99 31.56 -33.28
CA ALA C 447 -30.32 32.80 -32.58
C ALA C 447 -29.24 33.88 -32.74
N GLN C 448 -28.04 33.62 -32.22
CA GLN C 448 -26.95 34.61 -32.21
C GLN C 448 -26.09 34.62 -33.48
N ALA C 449 -26.35 33.67 -34.38
CA ALA C 449 -25.62 33.58 -35.65
C ALA C 449 -26.01 34.71 -36.60
N GLY C 450 -27.28 34.74 -36.96
CA GLY C 450 -27.80 35.77 -37.86
C GLY C 450 -27.62 37.18 -37.34
N LYS C 451 -27.49 37.33 -36.02
CA LYS C 451 -27.23 38.63 -35.42
C LYS C 451 -25.80 39.08 -35.69
N VAL C 452 -24.87 38.13 -35.63
CA VAL C 452 -23.46 38.41 -35.89
C VAL C 452 -23.21 38.65 -37.37
N LEU C 453 -23.72 37.76 -38.22
CA LEU C 453 -23.56 37.89 -39.67
C LEU C 453 -24.19 39.22 -40.13
N ARG C 454 -25.36 39.53 -39.60
CA ARG C 454 -26.05 40.79 -39.84
C ARG C 454 -25.16 41.95 -39.44
N ILE C 455 -24.82 42.00 -38.17
CA ILE C 455 -24.14 43.14 -37.60
C ILE C 455 -22.72 43.31 -38.19
N VAL C 456 -22.03 42.21 -38.51
CA VAL C 456 -20.69 42.29 -39.11
C VAL C 456 -20.67 42.78 -40.55
N THR C 457 -21.83 42.79 -41.22
CA THR C 457 -21.99 43.49 -42.51
C THR C 457 -22.78 44.82 -42.35
N GLU C 458 -23.62 44.89 -41.33
CA GLU C 458 -24.48 46.06 -41.12
C GLU C 458 -23.68 47.32 -40.85
N GLU C 459 -22.95 47.34 -39.73
CA GLU C 459 -22.25 48.53 -39.22
C GLU C 459 -20.78 48.20 -38.91
N LYS C 460 -20.05 47.87 -39.98
CA LYS C 460 -18.71 47.30 -39.91
C LYS C 460 -17.64 48.39 -39.86
N ALA C 468 -29.91 49.45 -43.31
CA ALA C 468 -30.89 50.47 -43.66
C ALA C 468 -32.19 49.86 -44.23
N ASP C 469 -32.58 48.67 -43.77
CA ASP C 469 -33.71 47.92 -44.37
C ASP C 469 -33.99 46.52 -43.74
N PRO C 470 -35.24 46.02 -43.82
CA PRO C 470 -35.54 44.61 -43.46
C PRO C 470 -35.29 43.62 -44.60
N LYS C 471 -34.77 44.13 -45.72
CA LYS C 471 -34.39 43.32 -46.88
C LYS C 471 -33.10 42.55 -46.59
N MET C 472 -32.12 43.23 -46.02
CA MET C 472 -30.89 42.60 -45.55
C MET C 472 -30.58 42.98 -44.10
N LEU C 473 -31.61 43.04 -43.26
CA LEU C 473 -31.42 42.99 -41.81
C LEU C 473 -32.07 41.70 -41.37
N GLU C 474 -33.39 41.71 -41.21
CA GLU C 474 -34.10 40.60 -40.58
C GLU C 474 -34.31 39.40 -41.49
N MET C 475 -33.98 39.53 -42.77
CA MET C 475 -33.95 38.39 -43.67
C MET C 475 -32.85 37.40 -43.27
N LEU C 476 -31.70 37.92 -42.85
CA LEU C 476 -30.55 37.09 -42.41
C LEU C 476 -30.81 36.24 -41.16
N GLU C 477 -31.58 36.75 -40.21
CA GLU C 477 -31.91 35.98 -38.98
C GLU C 477 -33.05 35.01 -39.23
N THR C 478 -34.08 35.45 -39.94
CA THR C 478 -35.18 34.57 -40.33
C THR C 478 -34.68 33.41 -41.25
N VAL C 479 -33.46 33.51 -41.78
CA VAL C 479 -32.81 32.37 -42.46
C VAL C 479 -31.72 31.70 -41.61
N THR C 480 -30.78 32.48 -41.09
CA THR C 480 -29.57 31.93 -40.43
C THR C 480 -29.89 31.20 -39.13
N ALA C 481 -30.91 31.69 -38.42
CA ALA C 481 -31.44 30.98 -37.26
C ALA C 481 -31.64 29.51 -37.62
N GLN C 482 -32.49 29.27 -38.62
CA GLN C 482 -32.95 27.91 -38.92
C GLN C 482 -32.00 27.10 -39.82
N LYS C 483 -30.90 27.71 -40.27
CA LYS C 483 -29.79 26.96 -40.86
C LYS C 483 -29.09 26.15 -39.77
N LEU C 484 -28.66 26.83 -38.72
CA LEU C 484 -27.95 26.19 -37.62
C LEU C 484 -28.92 25.57 -36.60
N ASP C 485 -29.97 26.32 -36.23
CA ASP C 485 -31.04 25.76 -35.37
C ASP C 485 -31.86 24.75 -36.16
N SER C 486 -31.19 23.66 -36.55
CA SER C 486 -31.74 22.59 -37.40
C SER C 486 -30.61 21.62 -37.75
N GLN C 487 -29.60 22.16 -38.42
CA GLN C 487 -28.46 21.37 -38.86
C GLN C 487 -27.65 20.85 -37.67
N SER C 488 -27.46 21.70 -36.66
CA SER C 488 -26.55 21.45 -35.52
C SER C 488 -26.58 20.04 -34.94
N THR C 489 -26.17 19.05 -35.73
CA THR C 489 -26.44 17.66 -35.40
C THR C 489 -25.42 17.08 -34.42
N ALA C 490 -25.92 16.20 -33.54
CA ALA C 490 -25.10 15.29 -32.77
C ALA C 490 -24.05 14.66 -33.67
N LEU C 491 -24.53 14.21 -34.83
CA LEU C 491 -23.75 13.49 -35.82
C LEU C 491 -22.46 14.22 -36.25
N TYR C 492 -22.51 15.52 -36.39
CA TYR C 492 -21.31 16.26 -36.75
C TYR C 492 -20.27 16.25 -35.60
N GLY C 493 -20.77 16.31 -34.38
CA GLY C 493 -19.93 16.34 -33.21
C GLY C 493 -19.19 15.03 -33.10
N THR C 494 -19.91 13.92 -33.07
CA THR C 494 -19.29 12.60 -32.96
C THR C 494 -18.42 12.25 -34.17
N ALA C 495 -18.67 12.92 -35.28
CA ALA C 495 -17.86 12.73 -36.47
C ALA C 495 -16.61 13.60 -36.39
N SER C 496 -16.74 14.77 -35.78
CA SER C 496 -15.56 15.59 -35.54
C SER C 496 -14.72 15.11 -34.31
N LEU C 497 -15.16 14.02 -33.68
CA LEU C 497 -14.54 13.45 -32.48
C LEU C 497 -14.65 14.40 -31.28
N TRP C 498 -15.64 15.28 -31.35
CA TRP C 498 -16.04 16.10 -30.22
C TRP C 498 -16.54 15.30 -29.04
N ASP C 499 -16.85 14.02 -29.29
CA ASP C 499 -17.16 13.08 -28.25
C ASP C 499 -16.69 11.70 -28.65
N ASP C 500 -16.72 10.79 -27.67
CA ASP C 500 -16.24 9.41 -27.87
C ASP C 500 -17.32 8.50 -28.42
N GLY C 501 -18.39 9.11 -28.92
CA GLY C 501 -19.49 8.35 -29.52
C GLY C 501 -20.84 8.82 -29.06
N LEU C 502 -21.86 8.24 -29.68
CA LEU C 502 -23.25 8.48 -29.29
C LEU C 502 -23.73 7.24 -28.62
N VAL C 503 -24.59 7.40 -27.63
CA VAL C 503 -25.13 6.26 -26.93
C VAL C 503 -26.62 6.41 -26.79
N ASP C 504 -27.31 5.27 -26.79
CA ASP C 504 -28.73 5.27 -26.48
C ASP C 504 -28.86 5.85 -25.08
N PRO C 505 -29.73 6.86 -24.91
CA PRO C 505 -29.95 7.42 -23.55
C PRO C 505 -30.35 6.40 -22.48
N ARG C 506 -30.97 5.32 -22.89
CA ARG C 506 -31.38 4.27 -21.99
C ARG C 506 -30.20 3.44 -21.51
N ASP C 507 -29.08 3.47 -22.22
CA ASP C 507 -27.86 2.78 -21.76
C ASP C 507 -27.05 3.58 -20.71
N SER C 508 -27.42 4.83 -20.43
CA SER C 508 -26.58 5.70 -19.61
C SER C 508 -26.11 5.20 -18.22
N ARG C 509 -26.92 4.45 -17.50
CA ARG C 509 -26.51 3.99 -16.18
C ARG C 509 -25.47 2.89 -16.31
N ARG C 510 -25.79 1.81 -17.02
CA ARG C 510 -24.84 0.72 -17.15
C ARG C 510 -23.57 1.22 -17.87
N LEU C 511 -23.69 2.30 -18.62
CA LEU C 511 -22.56 2.88 -19.30
C LEU C 511 -21.65 3.54 -18.28
N LEU C 512 -22.20 4.46 -17.50
CA LEU C 512 -21.41 5.18 -16.54
C LEU C 512 -20.85 4.23 -15.49
N GLY C 513 -21.61 3.20 -15.17
CA GLY C 513 -21.18 2.18 -14.24
C GLY C 513 -19.88 1.54 -14.72
N TYR C 514 -19.80 1.28 -16.00
CA TYR C 514 -18.61 0.64 -16.60
C TYR C 514 -17.42 1.59 -16.63
N LEU C 515 -17.68 2.87 -16.92
CA LEU C 515 -16.62 3.87 -16.99
C LEU C 515 -16.02 4.17 -15.60
N LEU C 516 -16.86 4.20 -14.58
CA LEU C 516 -16.41 4.41 -13.22
C LEU C 516 -15.52 3.25 -12.79
N ASP C 517 -15.87 2.07 -13.20
CA ASP C 517 -15.15 0.88 -12.80
C ASP C 517 -13.79 0.86 -13.46
N ILE C 518 -13.76 1.24 -14.74
CA ILE C 518 -12.50 1.45 -15.46
C ILE C 518 -11.61 2.53 -14.79
N CYS C 519 -12.24 3.64 -14.37
CA CYS C 519 -11.49 4.72 -13.76
C CYS C 519 -10.91 4.30 -12.42
N ALA C 520 -11.68 3.59 -11.63
CA ALA C 520 -11.22 3.05 -10.36
C ALA C 520 -10.09 2.02 -10.55
N GLU C 521 -10.26 1.06 -11.44
CA GLU C 521 -9.18 0.10 -11.68
C GLU C 521 -7.86 0.82 -12.00
N ALA C 522 -7.93 1.91 -12.74
CA ALA C 522 -6.73 2.61 -13.12
C ALA C 522 -6.09 3.37 -11.96
N GLU C 523 -6.94 4.00 -11.16
CA GLU C 523 -6.51 4.65 -9.95
C GLU C 523 -5.68 3.70 -9.08
N ALA C 524 -6.07 2.42 -9.04
CA ALA C 524 -5.42 1.43 -8.19
C ALA C 524 -4.24 0.67 -8.84
N ARG C 525 -3.93 0.92 -10.11
CA ARG C 525 -3.03 0.03 -10.80
C ARG C 525 -1.63 0.58 -10.86
N PRO C 526 -0.67 -0.15 -10.26
CA PRO C 526 0.71 0.28 -10.35
C PRO C 526 1.26 -0.24 -11.67
N LEU C 527 2.02 0.60 -12.37
CA LEU C 527 2.70 0.27 -13.61
C LEU C 527 4.24 0.17 -13.45
N LYS C 528 4.91 -0.53 -14.37
CA LYS C 528 6.36 -0.66 -14.38
C LYS C 528 6.98 0.11 -15.55
N GLY C 529 7.32 1.36 -15.33
CA GLY C 529 7.88 2.20 -16.35
C GLY C 529 9.35 1.88 -16.58
N ASN C 530 9.87 2.32 -17.73
CA ASN C 530 11.25 2.13 -18.12
C ASN C 530 11.67 3.34 -18.93
N SER C 531 12.97 3.56 -19.04
CA SER C 531 13.45 4.73 -19.70
C SER C 531 13.07 4.90 -21.18
N PHE C 532 13.21 3.86 -21.97
CA PHE C 532 13.23 4.09 -23.42
C PHE C 532 12.18 3.28 -24.19
N GLY C 533 11.32 2.59 -23.47
CA GLY C 533 10.43 1.61 -24.09
C GLY C 533 11.16 0.28 -24.17
N VAL C 534 10.42 -0.80 -24.31
CA VAL C 534 11.06 -2.10 -24.49
C VAL C 534 11.77 -2.12 -25.82
N ALA C 535 13.07 -2.38 -25.83
CA ALA C 535 13.81 -2.51 -27.09
C ALA C 535 13.61 -3.90 -27.73
N ARG C 536 13.25 -3.93 -29.01
CA ARG C 536 13.25 -5.16 -29.81
C ARG C 536 14.59 -5.21 -30.46
N PHE C 537 15.53 -5.92 -29.86
CA PHE C 537 16.93 -5.76 -30.27
C PHE C 537 17.25 -6.35 -31.63
#